data_3NYP
# 
_entry.id   3NYP 
# 
_audit_conform.dict_name       mmcif_pdbx.dic 
_audit_conform.dict_version    5.379 
_audit_conform.dict_location   http://mmcif.pdb.org/dictionaries/ascii/mmcif_pdbx.dic 
# 
loop_
_database_2.database_id 
_database_2.database_code 
_database_2.pdbx_database_accession 
_database_2.pdbx_DOI 
PDB   3NYP         pdb_00003nyp 10.2210/pdb3nyp/pdb 
NDB   NA0638       ?            ?                   
RCSB  RCSB060445   ?            ?                   
WWPDB D_1000060445 ?            ?                   
# 
loop_
_pdbx_database_related.db_name 
_pdbx_database_related.db_id 
_pdbx_database_related.details 
_pdbx_database_related.content_type 
PDB 1JPQ 'Same quadruplex structure in its native form (ligand-free)' unspecified 
PDB 1JRN 'Same quadruplex structure in its native form (ligand-free)' unspecified 
PDB 1L1H 'Same quadruplex structure bound to the non-flourinated form of the ligand BSU-6039' unspecified 
PDB 3CE5 
'A bimolecular parallel-stranded human telomeric quadruplex in complex with a 3,6,9-trisubstituted acridine molecular BRACO19' 
unspecified 
PDB 3EM2 
'A bimolecular anti-parallel-stranded Oxytricha nova telomeric quadruplex in complex with a 3,6-disubstituted acridine BSU-6038' 
unspecified 
PDB 3EQW 
;A bimolecular anti-parallel-stranded Oxytricha nova telomeric quadruplex in complex with a 3,6-disubstituted acridine BSU-6042 in small unit cell
;
unspecified 
PDB 3ERU 
'A bimolecular anti-parallel-stranded Oxytricha nova telomeric quadruplex in complex with a 3,6-disubstituted acridine BSU-6045' 
unspecified 
PDB 3ES0 
'A bimolecular anti-parallel-stranded Oxytricha nova telomeric quadruplex in complex with a 3,6-disubstituted acridine BSU-6048' 
unspecified 
PDB 3ET8 
'A bimolecular anti-parallel-stranded Oxytricha nova telomeric quadruplex in complex with a 3,6-disubstituted acridine BSU-6054' 
unspecified 
PDB 3EUI 
;A bimolecular anti-parallel-stranded Oxytricha nova telomeric quadruplex in complex with a 3,6-disubstituted acridine BSU-6042 in large unit cell
;
unspecified 
PDB 3EUM 
'A bimolecular anti-parallel-stranded Oxytricha nova telomeric quadruplex in complex with a 3,6-disubstituted acridine BSU-6066' 
unspecified 
PDB 3NZ7 . unspecified 
# 
_pdbx_database_status.entry_id                        3NYP 
_pdbx_database_status.deposit_site                    RCSB 
_pdbx_database_status.process_site                    RCSB 
_pdbx_database_status.recvd_initial_deposition_date   2010-07-15 
_pdbx_database_status.status_code                     REL 
_pdbx_database_status.status_code_sf                  REL 
_pdbx_database_status.status_code_mr                  ? 
_pdbx_database_status.SG_entry                        ? 
_pdbx_database_status.status_code_cs                  ? 
_pdbx_database_status.pdb_format_compatible           Y 
_pdbx_database_status.status_code_nmr_data            ? 
_pdbx_database_status.methods_development_category    ? 
# 
loop_
_audit_author.name 
_audit_author.pdbx_ordinal 
'Campbell, N.H.' 1 
'Neidle, S.'     2 
# 
_citation.id                        primary 
_citation.title                     
;Fluorine in medicinal chemistry: beta-fluorination of peripheral pyrrolidines attached to acridine ligands affects their interactions with G-quadruplex DNA.
;
_citation.journal_abbrev            Org.Biomol.Chem. 
_citation.journal_volume            9 
_citation.page_first                1328 
_citation.page_last                 1331 
_citation.year                      2011 
_citation.journal_id_ASTM           ? 
_citation.country                   UK 
_citation.journal_id_ISSN           1477-0520 
_citation.journal_id_CSD            ? 
_citation.book_publisher            ? 
_citation.pdbx_database_id_PubMed   21221451 
_citation.pdbx_database_id_DOI      10.1039/c0ob00886a 
# 
loop_
_citation_author.citation_id 
_citation_author.name 
_citation_author.ordinal 
_citation_author.identifier_ORCID 
primary 'Campbell, N.H.' 1 ? 
primary 'Smith, D.L.'    2 ? 
primary 'Reszka, A.P.'   3 ? 
primary 'Neidle, S.'     4 ? 
primary 
;O'Hagan, D.
;
5 ? 
# 
_cell.length_a           57.800 
_cell.length_b           44.460 
_cell.length_c           28.140 
_cell.angle_alpha        90.000 
_cell.angle_beta         90.000 
_cell.angle_gamma        90.000 
_cell.entry_id           3NYP 
_cell.pdbx_unique_axis   ? 
_cell.Z_PDB              8 
_cell.length_a_esd       ? 
_cell.length_b_esd       ? 
_cell.length_c_esd       ? 
_cell.angle_alpha_esd    ? 
_cell.angle_beta_esd     ? 
_cell.angle_gamma_esd    ? 
# 
_symmetry.space_group_name_H-M             'P 21 21 2' 
_symmetry.entry_id                         3NYP 
_symmetry.Int_Tables_number                18 
_symmetry.pdbx_full_space_group_name_H-M   ? 
_symmetry.cell_setting                     ? 
_symmetry.space_group_name_Hall            ? 
# 
loop_
_entity.id 
_entity.type 
_entity.src_method 
_entity.pdbx_description 
_entity.formula_weight 
_entity.pdbx_number_of_molecules 
_entity.pdbx_ec 
_entity.pdbx_mutation 
_entity.pdbx_fragment 
_entity.details 
1 polymer     syn "5'-D(*GP*GP*GP*GP*TP*TP*TP*TP*GP*GP*GP*G)-3'"               3805.460 2   ? ? ? ? 
2 non-polymer syn 'POTASSIUM ION'                                              39.098   4   ? ? ? ? 
3 non-polymer syn "3,6-bis(3-(3'-(R)-fluoropyrrolindino)propionamido)acridine" 495.564  1   ? ? ? ? 
4 water       nat water                                                        18.015   177 ? ? ? ? 
# 
_entity_poly.entity_id                      1 
_entity_poly.type                           polydeoxyribonucleotide 
_entity_poly.nstd_linkage                   no 
_entity_poly.nstd_monomer                   no 
_entity_poly.pdbx_seq_one_letter_code       '(DG)(DG)(DG)(DG)(DT)(DT)(DT)(DT)(DG)(DG)(DG)(DG)' 
_entity_poly.pdbx_seq_one_letter_code_can   GGGGTTTTGGGG 
_entity_poly.pdbx_strand_id                 A,B 
_entity_poly.pdbx_target_identifier         ? 
# 
loop_
_entity_poly_seq.entity_id 
_entity_poly_seq.num 
_entity_poly_seq.mon_id 
_entity_poly_seq.hetero 
1 1  DG n 
1 2  DG n 
1 3  DG n 
1 4  DG n 
1 5  DT n 
1 6  DT n 
1 7  DT n 
1 8  DT n 
1 9  DG n 
1 10 DG n 
1 11 DG n 
1 12 DG n 
# 
_pdbx_entity_src_syn.entity_id              1 
_pdbx_entity_src_syn.pdbx_src_id            1 
_pdbx_entity_src_syn.pdbx_alt_source_flag   sample 
_pdbx_entity_src_syn.pdbx_beg_seq_num       ? 
_pdbx_entity_src_syn.pdbx_end_seq_num       ? 
_pdbx_entity_src_syn.organism_scientific    ? 
_pdbx_entity_src_syn.organism_common_name   ? 
_pdbx_entity_src_syn.ncbi_taxonomy_id       ? 
_pdbx_entity_src_syn.details                'This telomeric sequence occurs naturally in the organism Oxytricha nova' 
# 
_struct_ref.id                         1 
_struct_ref.db_name                    PDB 
_struct_ref.db_code                    3NYP 
_struct_ref.pdbx_db_accession          3NYP 
_struct_ref.entity_id                  1 
_struct_ref.pdbx_align_begin           1 
_struct_ref.pdbx_seq_one_letter_code   GGGGTTTTGGGG 
_struct_ref.pdbx_db_isoform            ? 
# 
loop_
_struct_ref_seq.align_id 
_struct_ref_seq.ref_id 
_struct_ref_seq.pdbx_PDB_id_code 
_struct_ref_seq.pdbx_strand_id 
_struct_ref_seq.seq_align_beg 
_struct_ref_seq.pdbx_seq_align_beg_ins_code 
_struct_ref_seq.seq_align_end 
_struct_ref_seq.pdbx_seq_align_end_ins_code 
_struct_ref_seq.pdbx_db_accession 
_struct_ref_seq.db_align_beg 
_struct_ref_seq.pdbx_db_align_beg_ins_code 
_struct_ref_seq.db_align_end 
_struct_ref_seq.pdbx_db_align_end_ins_code 
_struct_ref_seq.pdbx_auth_seq_align_beg 
_struct_ref_seq.pdbx_auth_seq_align_end 
1 1 3NYP A 1 ? 12 ? 3NYP 1 ? 12 ? 1 12 
2 1 3NYP B 1 ? 12 ? 3NYP 1 ? 12 ? 1 12 
# 
loop_
_chem_comp.id 
_chem_comp.type 
_chem_comp.mon_nstd_flag 
_chem_comp.name 
_chem_comp.pdbx_synonyms 
_chem_comp.formula 
_chem_comp.formula_weight 
DG  'DNA linking' y "2'-DEOXYGUANOSINE-5'-MONOPHOSPHATE"                         ? 'C10 H14 N5 O7 P'  347.221 
DT  'DNA linking' y "THYMIDINE-5'-MONOPHOSPHATE"                                 ? 'C10 H15 N2 O8 P'  322.208 
HOH non-polymer   . WATER                                                        ? 'H2 O'             18.015  
K   non-polymer   . 'POTASSIUM ION'                                              ? 'K 1'              39.098  
RNR non-polymer   . "3,6-bis(3-(3'-(R)-fluoropyrrolindino)propionamido)acridine" 
"N,N'-acridine-3,6-diylbis{3-[(3R)-3-fluoropyrrolidin-1-yl]propanamide}" 'C27 H31 F2 N5 O2' 495.564 
# 
_exptl.crystals_number   1 
_exptl.entry_id          3NYP 
_exptl.method            'X-RAY DIFFRACTION' 
# 
_exptl_crystal.id                    1 
_exptl_crystal.density_Matthews      2.38 
_exptl_crystal.density_meas          ? 
_exptl_crystal.density_percent_sol   48.22 
_exptl_crystal.description           ? 
_exptl_crystal.F_000                 ? 
_exptl_crystal.preparation           ? 
# 
_exptl_crystal_grow.crystal_id      1 
_exptl_crystal_grow.method          'VAPOR DIFFUSION, HANGING DROP' 
_exptl_crystal_grow.pH              6.5 
_exptl_crystal_grow.temp            285.15 
_exptl_crystal_grow.temp_details    ? 
_exptl_crystal_grow.pdbx_details    
;The 5 Ul drop contained 1.2 mM quadruplex DNA, 1.2 mM ligand, 4% MPD, 4 mM potassium chloride, 4 mM magnesium chloride, 4 mM sodium chloride, 4 mM lithium sulphate, 3.2 mM spermine.4HCl and 16 mM potassium cacodylate buffer at pH 6.5. This was equilibrated against a reservoir well solution of 500 Ul of 45% MPD, VAPOR DIFFUSION, HANGING DROP, temperature 285.15K
;
_exptl_crystal_grow.pdbx_pH_range   ? 
# 
_diffrn.id                     1 
_diffrn.ambient_temp           105 
_diffrn.ambient_temp_details   ? 
_diffrn.crystal_id             1 
# 
_diffrn_detector.diffrn_id              1 
_diffrn_detector.detector               CCD 
_diffrn_detector.type                   'ADSC QUANTUM 315' 
_diffrn_detector.pdbx_collection_date   2009-08-09 
_diffrn_detector.details                ? 
# 
_diffrn_radiation.diffrn_id                        1 
_diffrn_radiation.wavelength_id                    1 
_diffrn_radiation.pdbx_diffrn_protocol             'SINGLE WAVELENGTH' 
_diffrn_radiation.monochromator                    ? 
_diffrn_radiation.pdbx_monochromatic_or_laue_m_l   M 
_diffrn_radiation.pdbx_scattering_type             x-ray 
# 
_diffrn_radiation_wavelength.id           1 
_diffrn_radiation_wavelength.wavelength   0.9702 
_diffrn_radiation_wavelength.wt           1.0 
# 
_diffrn_source.diffrn_id                   1 
_diffrn_source.source                      SYNCHROTRON 
_diffrn_source.type                        'DIAMOND BEAMLINE I04' 
_diffrn_source.pdbx_wavelength             ? 
_diffrn_source.pdbx_wavelength_list        0.9702 
_diffrn_source.pdbx_synchrotron_site       Diamond 
_diffrn_source.pdbx_synchrotron_beamline   I04 
# 
_reflns.entry_id                     3NYP 
_reflns.d_resolution_high            1.18 
_reflns.d_resolution_low             21.990 
_reflns.number_all                   23982 
_reflns.number_obs                   23982 
_reflns.pdbx_netI_over_sigmaI        15.500 
_reflns.pdbx_Rsym_value              0.051 
_reflns.pdbx_redundancy              3.600 
_reflns.percent_possible_obs         97.700 
_reflns.observed_criterion_sigma_F   2 
_reflns.observed_criterion_sigma_I   2 
_reflns.pdbx_Rmerge_I_obs            0.051 
_reflns.B_iso_Wilson_estimate        ? 
_reflns.R_free_details               ? 
_reflns.limit_h_max                  ? 
_reflns.limit_h_min                  ? 
_reflns.limit_k_max                  ? 
_reflns.limit_k_min                  ? 
_reflns.limit_l_max                  ? 
_reflns.limit_l_min                  ? 
_reflns.observed_criterion_F_max     ? 
_reflns.observed_criterion_F_min     ? 
_reflns.pdbx_chi_squared             ? 
_reflns.pdbx_scaling_rejects         ? 
_reflns.pdbx_diffrn_id               1 
_reflns.pdbx_ordinal                 1 
# 
loop_
_reflns_shell.d_res_high 
_reflns_shell.d_res_low 
_reflns_shell.number_measured_obs 
_reflns_shell.number_measured_all 
_reflns_shell.number_unique_obs 
_reflns_shell.Rmerge_I_obs 
_reflns_shell.meanI_over_sigI_obs 
_reflns_shell.pdbx_Rsym_value 
_reflns_shell.pdbx_chi_squared 
_reflns_shell.pdbx_redundancy 
_reflns_shell.percent_possible_obs 
_reflns_shell.number_unique_all 
_reflns_shell.percent_possible_all 
_reflns_shell.pdbx_diffrn_id 
_reflns_shell.pdbx_ordinal 
1.180 1.240  ? 11991 ? 0.120 5.7  0.120 ? 3.500 ? 3423 97.800 ? 1  
1.240 1.320  ? 11919 ? 0.089 7.4  0.089 ? 3.600 ? 3289 98.500 ? 2  
1.320 1.410  ? 11391 ? 0.074 8.8  0.074 ? 3.600 ? 3136 99.200 ? 3  
1.410 1.520  ? 10680 ? 0.079 7.7  0.079 ? 3.700 ? 2914 99.300 ? 4  
1.520 1.670  ? 9930  ? 0.062 9.1  0.062 ? 3.700 ? 2720 99.600 ? 5  
1.670 1.860  ? 9019  ? 0.049 10.6 0.049 ? 3.700 ? 2463 99.300 ? 6  
1.860 2.150  ? 7881  ? 0.047 12.2 0.047 ? 3.600 ? 2186 99.700 ? 7  
2.150 2.640  ? 6114  ? 0.054 10.5 0.054 ? 3.300 ? 1842 98.300 ? 8  
2.640 3.730  ? 4808  ? 0.037 15.1 0.037 ? 3.400 ? 1401 94.500 ? 9  
3.730 20.748 ? 1714  ? 0.032 17.8 0.032 ? 2.800 ? 608  68.300 ? 10 
# 
_refine.entry_id                                 3NYP 
_refine.ls_d_res_high                            1.1790 
_refine.ls_d_res_low                             21.9900 
_refine.pdbx_ls_sigma_F                          0.040 
_refine.pdbx_data_cutoff_high_absF               ? 
_refine.pdbx_data_cutoff_low_absF                ? 
_refine.ls_percent_reflns_obs                    94.5900 
_refine.ls_number_reflns_obs                     23275 
_refine.ls_number_reflns_all                     23275 
_refine.pdbx_ls_cross_valid_method               ? 
_refine.pdbx_R_Free_selection_details            Random 
_refine.details                                  ? 
_refine.ls_R_factor_all                          ? 
_refine.ls_R_factor_obs                          0.1658 
_refine.ls_R_factor_R_work                       0.1647 
_refine.ls_wR_factor_R_work                      ? 
_refine.ls_R_factor_R_free                       0.1881 
_refine.ls_wR_factor_R_free                      ? 
_refine.ls_percent_reflns_R_free                 5.0800 
_refine.ls_number_reflns_R_free                  1183 
_refine.ls_R_factor_R_free_error                 ? 
_refine.B_iso_mean                               14.8626 
_refine.solvent_model_param_bsol                 46.9460 
_refine.solvent_model_param_ksol                 0.3250 
_refine.pdbx_isotropic_thermal_model             ? 
_refine.aniso_B[1][1]                            1.5525 
_refine.aniso_B[2][2]                            1.2304 
_refine.aniso_B[3][3]                            -2.7829 
_refine.aniso_B[1][2]                            0.0000 
_refine.aniso_B[1][3]                            -0.0000 
_refine.aniso_B[2][3]                            0.0000 
_refine.correlation_coeff_Fo_to_Fc               ? 
_refine.correlation_coeff_Fo_to_Fc_free          ? 
_refine.overall_SU_R_Cruickshank_DPI             ? 
_refine.overall_SU_R_free                        ? 
_refine.pdbx_overall_ESU_R_Free                  ? 
_refine.overall_SU_ML                            0.1300 
_refine.overall_SU_B                             ? 
_refine.solvent_model_details                    'FLAT BULK SOLVENT MODEL' 
_refine.pdbx_solvent_vdw_probe_radii             1.1100 
_refine.pdbx_solvent_ion_probe_radii             ? 
_refine.pdbx_solvent_shrinkage_radii             0.9000 
_refine.ls_number_parameters                     ? 
_refine.ls_number_restraints                     ? 
_refine.pdbx_starting_model                      'PDB entry 1L1H' 
_refine.pdbx_method_to_determine_struct          'MOLECULAR REPLACEMENT' 
_refine.pdbx_stereochemistry_target_values       ML 
_refine.pdbx_stereochem_target_val_spec_case     ? 
_refine.overall_FOM_work_R_set                   ? 
_refine.B_iso_max                                56.090 
_refine.B_iso_min                                4.940 
_refine.occupancy_max                            1.000 
_refine.occupancy_min                            0.420 
_refine.pdbx_ls_sigma_I                          ? 
_refine.ls_redundancy_reflns_obs                 ? 
_refine.ls_R_factor_R_free_error_details         ? 
_refine.pdbx_data_cutoff_high_rms_absF           ? 
_refine.overall_FOM_free_R_set                   ? 
_refine.pdbx_overall_phase_error                 ? 
_refine.pdbx_refine_id                           'X-RAY DIFFRACTION' 
_refine.pdbx_overall_ESU_R                       ? 
_refine.pdbx_diffrn_id                           1 
_refine.pdbx_TLS_residual_ADP_flag               ? 
_refine.pdbx_overall_SU_R_free_Cruickshank_DPI   ? 
_refine.pdbx_overall_SU_R_Blow_DPI               ? 
_refine.pdbx_overall_SU_R_free_Blow_DPI          ? 
# 
_refine_hist.pdbx_refine_id                   'X-RAY DIFFRACTION' 
_refine_hist.cycle_id                         LAST 
_refine_hist.pdbx_number_atoms_protein        0 
_refine_hist.pdbx_number_atoms_nucleic_acid   506 
_refine_hist.pdbx_number_atoms_ligand         40 
_refine_hist.number_atoms_solvent             177 
_refine_hist.number_atoms_total               723 
_refine_hist.d_res_high                       1.1790 
_refine_hist.d_res_low                        21.9900 
# 
loop_
_refine_ls_restr.type 
_refine_ls_restr.number 
_refine_ls_restr.dev_ideal 
_refine_ls_restr.dev_ideal_target 
_refine_ls_restr.weight 
_refine_ls_restr.pdbx_refine_id 
_refine_ls_restr.pdbx_restraint_function 
f_bond_d           609 0.024  ? ? 'X-RAY DIFFRACTION' ? 
f_angle_d          937 2.125  ? ? 'X-RAY DIFFRACTION' ? 
f_chiral_restr     94  0.141  ? ? 'X-RAY DIFFRACTION' ? 
f_plane_restr      27  0.022  ? ? 'X-RAY DIFFRACTION' ? 
f_dihedral_angle_d 265 31.085 ? ? 'X-RAY DIFFRACTION' ? 
# 
loop_
_refine_ls_shell.d_res_high 
_refine_ls_shell.d_res_low 
_refine_ls_shell.pdbx_total_number_of_bins_used 
_refine_ls_shell.percent_reflns_obs 
_refine_ls_shell.number_reflns_R_work 
_refine_ls_shell.R_factor_all 
_refine_ls_shell.R_factor_R_work 
_refine_ls_shell.R_factor_R_free 
_refine_ls_shell.percent_reflns_R_free 
_refine_ls_shell.number_reflns_R_free 
_refine_ls_shell.R_factor_R_free_error 
_refine_ls_shell.number_reflns_all 
_refine_ls_shell.number_reflns_obs 
_refine_ls_shell.redundancy_reflns_obs 
_refine_ls_shell.pdbx_refine_id 
1.1790 1.2327  8 86.0000 2440 . 0.1983 0.2808 . 140 . 2580 2440 . 'X-RAY DIFFRACTION' 
1.2327 1.2976  8 90.0000 2597 . 0.1663 0.2258 . 128 . 2725 2597 . 'X-RAY DIFFRACTION' 
1.2976 1.3789  8 93.0000 2673 . 0.1539 0.1953 . 142 . 2815 2673 . 'X-RAY DIFFRACTION' 
1.3789 1.4854  8 95.0000 2743 . 0.1602 0.2113 . 161 . 2904 2743 . 'X-RAY DIFFRACTION' 
1.4854 1.6348  8 97.0000 2811 . 0.1574 0.1780 . 151 . 2962 2811 . 'X-RAY DIFFRACTION' 
1.6348 1.8713  8 98.0000 2870 . 0.1329 0.1667 . 149 . 3019 2870 . 'X-RAY DIFFRACTION' 
1.8713 2.3572  8 99.0000 2905 . 0.1513 0.1717 . 161 . 3066 2905 . 'X-RAY DIFFRACTION' 
2.3572 21.9934 8 98.0000 3053 . 0.1731 0.1716 . 151 . 3204 3053 . 'X-RAY DIFFRACTION' 
# 
_struct.entry_id                  3NYP 
_struct.title                     
;A bimolecular anti-parallel-stranded Oxytricha nova telomeric quadruplex in complex with a 3,6-disubstituted acridine ligand containing bis-3-fluoropyrrolidine end side chains
;
_struct.pdbx_model_details        ? 
_struct.pdbx_CASP_flag            ? 
_struct.pdbx_model_type_details   ? 
# 
_struct_keywords.entry_id        3NYP 
_struct_keywords.pdbx_keywords   DNA 
_struct_keywords.text            
'QUADRUPLEX, OXTYRICHA NOVA, BSU-6039, BSU6039, ANTI-PARALLEL, BIMOLECULAR, MACROMOLECULE, DNA, G-QUADRUPLEX, TELOMERE, ACRIDINE' 
# 
loop_
_struct_asym.id 
_struct_asym.pdbx_blank_PDB_chainid_flag 
_struct_asym.pdbx_modified 
_struct_asym.entity_id 
_struct_asym.details 
A N N 1 ? 
B N N 1 ? 
C N N 2 ? 
D N N 2 ? 
E N N 2 ? 
F N N 3 ? 
G N N 2 ? 
H N N 4 ? 
I N N 4 ? 
# 
_struct_biol.id        1 
_struct_biol.details   ? 
# 
loop_
_struct_conn.id 
_struct_conn.conn_type_id 
_struct_conn.pdbx_leaving_atom_flag 
_struct_conn.pdbx_PDB_id 
_struct_conn.ptnr1_label_asym_id 
_struct_conn.ptnr1_label_comp_id 
_struct_conn.ptnr1_label_seq_id 
_struct_conn.ptnr1_label_atom_id 
_struct_conn.pdbx_ptnr1_label_alt_id 
_struct_conn.pdbx_ptnr1_PDB_ins_code 
_struct_conn.pdbx_ptnr1_standard_comp_id 
_struct_conn.ptnr1_symmetry 
_struct_conn.ptnr2_label_asym_id 
_struct_conn.ptnr2_label_comp_id 
_struct_conn.ptnr2_label_seq_id 
_struct_conn.ptnr2_label_atom_id 
_struct_conn.pdbx_ptnr2_label_alt_id 
_struct_conn.pdbx_ptnr2_PDB_ins_code 
_struct_conn.ptnr1_auth_asym_id 
_struct_conn.ptnr1_auth_comp_id 
_struct_conn.ptnr1_auth_seq_id 
_struct_conn.ptnr2_auth_asym_id 
_struct_conn.ptnr2_auth_comp_id 
_struct_conn.ptnr2_auth_seq_id 
_struct_conn.ptnr2_symmetry 
_struct_conn.pdbx_ptnr3_label_atom_id 
_struct_conn.pdbx_ptnr3_label_seq_id 
_struct_conn.pdbx_ptnr3_label_comp_id 
_struct_conn.pdbx_ptnr3_label_asym_id 
_struct_conn.pdbx_ptnr3_label_alt_id 
_struct_conn.pdbx_ptnr3_PDB_ins_code 
_struct_conn.details 
_struct_conn.pdbx_dist_value 
_struct_conn.pdbx_value_order 
_struct_conn.pdbx_role 
metalc1  metalc ? ? A DG 1  O6 ? ? ? 1_555 C K   .  K  ? ? A DG 1  A K   14 1_555 ? ? ? ? ? ? ?               2.930 ? ? 
metalc2  metalc ? ? A DG 1  O6 ? ? ? 1_555 G K   .  K  ? ? A DG 1  B K   13 1_555 ? ? ? ? ? ? ?               3.223 ? ? 
metalc3  metalc ? ? A DG 2  O6 ? ? ? 1_555 C K   .  K  ? ? A DG 2  A K   14 1_555 ? ? ? ? ? ? ?               3.076 ? ? 
metalc4  metalc ? ? A DG 2  O6 ? ? ? 1_555 D K   .  K  ? ? A DG 2  A K   15 1_555 ? ? ? ? ? ? ?               3.003 ? ? 
metalc5  metalc ? ? A DG 3  O6 ? ? ? 1_555 D K   .  K  ? ? A DG 3  A K   15 1_555 ? ? ? ? ? ? ?               3.026 ? ? 
metalc6  metalc ? ? A DG 3  O6 ? ? ? 1_555 E K   .  K  ? ? A DG 3  A K   16 1_555 ? ? ? ? ? ? ?               3.212 ? ? 
metalc7  metalc ? ? A DG 4  O6 ? ? ? 1_555 E K   .  K  ? ? A DG 4  A K   16 1_555 ? ? ? ? ? ? ?               2.926 ? ? 
metalc8  metalc ? ? A DG 9  O6 ? ? ? 1_555 E K   .  K  ? ? A DG 9  A K   16 1_555 ? ? ? ? ? ? ?               2.901 ? ? 
metalc9  metalc ? ? A DG 10 O6 ? ? ? 1_555 D K   .  K  ? ? A DG 10 A K   15 1_555 ? ? ? ? ? ? ?               2.990 ? ? 
metalc10 metalc ? ? A DG 10 O6 ? ? ? 1_555 E K   .  K  ? ? A DG 10 A K   16 1_555 ? ? ? ? ? ? ?               3.249 ? ? 
metalc11 metalc ? ? A DG 11 O6 ? ? ? 1_555 C K   .  K  ? ? A DG 11 A K   14 1_555 ? ? ? ? ? ? ?               2.983 ? ? 
metalc12 metalc ? ? A DG 11 O6 ? ? ? 1_555 D K   .  K  ? ? A DG 11 A K   15 1_555 ? ? ? ? ? ? ?               3.118 ? ? 
metalc13 metalc ? ? A DG 12 O6 ? ? ? 1_555 C K   .  K  ? ? A DG 12 A K   14 1_555 ? ? ? ? ? ? ?               3.017 ? ? 
metalc14 metalc ? ? A DG 12 O6 ? ? ? 1_555 G K   .  K  ? ? A DG 12 B K   13 1_555 ? ? ? ? ? ? ?               3.022 ? ? 
metalc15 metalc ? ? C K  .  K  ? ? ? 1_555 B DG  3  O6 ? ? A K  14 B DG  3  1_555 ? ? ? ? ? ? ?               3.039 ? ? 
metalc16 metalc ? ? C K  .  K  ? ? ? 1_555 B DG  4  O6 ? ? A K  14 B DG  4  1_555 ? ? ? ? ? ? ?               3.071 ? ? 
metalc17 metalc ? ? C K  .  K  ? ? ? 1_555 B DG  9  O6 ? ? A K  14 B DG  9  1_555 ? ? ? ? ? ? ?               3.081 ? ? 
metalc18 metalc ? ? C K  .  K  ? ? ? 1_555 B DG  10 O6 ? ? A K  14 B DG  10 1_555 ? ? ? ? ? ? ?               3.061 ? ? 
metalc19 metalc ? ? D K  .  K  ? ? ? 1_555 B DG  2  O6 ? ? A K  15 B DG  2  1_555 ? ? ? ? ? ? ?               2.925 ? ? 
metalc20 metalc ? ? D K  .  K  ? ? ? 1_555 B DG  3  O6 ? ? A K  15 B DG  3  1_555 ? ? ? ? ? ? ?               3.017 ? ? 
metalc21 metalc ? ? D K  .  K  ? ? ? 1_555 B DG  10 O6 ? ? A K  15 B DG  10 1_555 ? ? ? ? ? ? ?               3.115 ? ? 
metalc22 metalc ? ? D K  .  K  ? ? ? 1_555 B DG  11 O6 ? ? A K  15 B DG  11 1_555 ? ? ? ? ? ? ?               2.996 ? ? 
metalc23 metalc ? ? E K  .  K  ? ? ? 1_555 B DG  1  O6 ? ? A K  16 B DG  1  1_555 ? ? ? ? ? ? ?               2.927 ? ? 
metalc24 metalc ? ? E K  .  K  ? ? ? 1_555 B DG  2  O6 ? ? A K  16 B DG  2  1_555 ? ? ? ? ? ? ?               3.104 ? ? 
metalc25 metalc ? ? E K  .  K  ? ? ? 1_555 B DG  11 O6 ? ? A K  16 B DG  11 1_555 ? ? ? ? ? ? ?               3.218 ? ? 
metalc26 metalc ? ? E K  .  K  ? ? ? 1_555 B DG  12 O6 ? ? A K  16 B DG  12 1_555 ? ? ? ? ? ? ?               2.893 ? ? 
metalc27 metalc ? ? B DG 4  O6 ? ? ? 1_555 G K   .  K  ? ? B DG 4  B K   13 1_555 ? ? ? ? ? ? ?               3.129 ? ? 
metalc28 metalc ? ? B DT 5  O2 ? ? ? 1_555 G K   .  K  ? ? B DT 5  B K   13 1_555 ? ? ? ? ? ? ?               3.005 ? ? 
metalc29 metalc ? ? B DT 7  O2 ? ? ? 1_555 G K   .  K  ? ? B DT 7  B K   13 1_555 ? ? ? ? ? ? ?               2.822 ? ? 
metalc30 metalc ? ? B DG 9  O6 ? ? ? 1_555 G K   .  K  ? ? B DG 9  B K   13 1_555 ? ? ? ? ? ? ?               3.136 ? ? 
metalc31 metalc ? ? G K  .  K  ? ? ? 1_555 I HOH .  O  ? ? B K  13 B HOH 14 1_555 ? ? ? ? ? ? ?               2.907 ? ? 
metalc32 metalc ? ? G K  .  K  ? ? ? 1_555 I HOH .  O  ? ? B K  13 B HOH 24 1_555 ? ? ? ? ? ? ?               3.167 ? ? 
hydrog1  hydrog ? ? A DG 1  N7 ? ? ? 1_555 B DG  4  N2 ? ? A DG 1  B DG  4  1_555 ? ? ? ? ? ? TYPE_6_PAIR     ?     ? ? 
hydrog2  hydrog ? ? A DG 1  O6 ? ? ? 1_555 B DG  4  N1 ? ? A DG 1  B DG  4  1_555 ? ? ? ? ? ? TYPE_6_PAIR     ?     ? ? 
hydrog3  hydrog ? ? A DG 1  N1 ? ? ? 1_555 B DG  9  O6 ? ? A DG 1  B DG  9  1_555 ? ? ? ? ? ? TYPE_6_PAIR     ?     ? ? 
hydrog4  hydrog ? ? A DG 1  N2 ? ? ? 1_555 B DG  9  N7 ? ? A DG 1  B DG  9  1_555 ? ? ? ? ? ? TYPE_6_PAIR     ?     ? ? 
hydrog5  hydrog ? ? A DG 2  N1 ? ? ? 1_555 B DG  3  O6 ? ? A DG 2  B DG  3  1_555 ? ? ? ? ? ? TYPE_6_PAIR     ?     ? ? 
hydrog6  hydrog ? ? A DG 2  N2 ? ? ? 1_555 B DG  3  N7 ? ? A DG 2  B DG  3  1_555 ? ? ? ? ? ? TYPE_6_PAIR     ?     ? ? 
hydrog7  hydrog ? ? A DG 2  N7 ? ? ? 1_555 B DG  10 N2 ? ? A DG 2  B DG  10 1_555 ? ? ? ? ? ? TYPE_6_PAIR     ?     ? ? 
hydrog8  hydrog ? ? A DG 2  O6 ? ? ? 1_555 B DG  10 N1 ? ? A DG 2  B DG  10 1_555 ? ? ? ? ? ? TYPE_6_PAIR     ?     ? ? 
hydrog9  hydrog ? ? A DG 3  N7 ? ? ? 1_555 B DG  2  N2 ? ? A DG 3  B DG  2  1_555 ? ? ? ? ? ? TYPE_6_PAIR     ?     ? ? 
hydrog10 hydrog ? ? A DG 3  O6 ? ? ? 1_555 B DG  2  N1 ? ? A DG 3  B DG  2  1_555 ? ? ? ? ? ? TYPE_6_PAIR     ?     ? ? 
hydrog11 hydrog ? ? A DG 3  N1 ? ? ? 1_555 B DG  11 O6 ? ? A DG 3  B DG  11 1_555 ? ? ? ? ? ? TYPE_6_PAIR     ?     ? ? 
hydrog12 hydrog ? ? A DG 3  N2 ? ? ? 1_555 B DG  11 N7 ? ? A DG 3  B DG  11 1_555 ? ? ? ? ? ? TYPE_6_PAIR     ?     ? ? 
hydrog13 hydrog ? ? A DG 4  N1 ? ? ? 1_555 B DG  1  O6 ? ? A DG 4  B DG  1  1_555 ? ? ? ? ? ? TYPE_6_PAIR     ?     ? ? 
hydrog14 hydrog ? ? A DG 4  N2 ? ? ? 1_555 B DG  1  N7 ? ? A DG 4  B DG  1  1_555 ? ? ? ? ? ? TYPE_6_PAIR     ?     ? ? 
hydrog15 hydrog ? ? A DG 4  N7 ? ? ? 1_555 B DG  12 N2 ? ? A DG 4  B DG  12 1_555 ? ? ? ? ? ? TYPE_6_PAIR     ?     ? ? 
hydrog16 hydrog ? ? A DG 4  O6 ? ? ? 1_555 B DG  12 N1 ? ? A DG 4  B DG  12 1_555 ? ? ? ? ? ? TYPE_6_PAIR     ?     ? ? 
hydrog17 hydrog ? ? A DG 9  N7 ? ? ? 1_555 B DG  1  N2 ? ? A DG 9  B DG  1  1_555 ? ? ? ? ? ? TYPE_6_PAIR     ?     ? ? 
hydrog18 hydrog ? ? A DG 9  O6 ? ? ? 1_555 B DG  1  N1 ? ? A DG 9  B DG  1  1_555 ? ? ? ? ? ? TYPE_6_PAIR     ?     ? ? 
hydrog19 hydrog ? ? A DG 9  N1 ? ? ? 1_555 B DG  12 O6 ? ? A DG 9  B DG  12 1_555 ? ? ? ? ? ? TYPE_6_PAIR     ?     ? ? 
hydrog20 hydrog ? ? A DG 9  N2 ? ? ? 1_555 B DG  12 N7 ? ? A DG 9  B DG  12 1_555 ? ? ? ? ? ? TYPE_6_PAIR     ?     ? ? 
hydrog21 hydrog ? ? A DG 10 N1 ? ? ? 1_555 B DG  2  O6 ? ? A DG 10 B DG  2  1_555 ? ? ? ? ? ? TYPE_6_PAIR     ?     ? ? 
hydrog22 hydrog ? ? A DG 10 N2 ? ? ? 1_555 B DG  2  N7 ? ? A DG 10 B DG  2  1_555 ? ? ? ? ? ? TYPE_6_PAIR     ?     ? ? 
hydrog23 hydrog ? ? A DG 10 N7 ? ? ? 1_555 B DG  11 N2 ? ? A DG 10 B DG  11 1_555 ? ? ? ? ? ? TYPE_6_PAIR     ?     ? ? 
hydrog24 hydrog ? ? A DG 10 O6 ? ? ? 1_555 B DG  11 N1 ? ? A DG 10 B DG  11 1_555 ? ? ? ? ? ? TYPE_6_PAIR     ?     ? ? 
hydrog25 hydrog ? ? A DG 11 N7 ? ? ? 1_555 B DG  3  N2 ? ? A DG 11 B DG  3  1_555 ? ? ? ? ? ? TYPE_6_PAIR     ?     ? ? 
hydrog26 hydrog ? ? A DG 11 O6 ? ? ? 1_555 B DG  3  N1 ? ? A DG 11 B DG  3  1_555 ? ? ? ? ? ? TYPE_6_PAIR     ?     ? ? 
hydrog27 hydrog ? ? A DG 11 N1 ? ? ? 1_555 B DG  10 O6 ? ? A DG 11 B DG  10 1_555 ? ? ? ? ? ? TYPE_6_PAIR     ?     ? ? 
hydrog28 hydrog ? ? A DG 11 N2 ? ? ? 1_555 B DG  10 N7 ? ? A DG 11 B DG  10 1_555 ? ? ? ? ? ? TYPE_6_PAIR     ?     ? ? 
hydrog29 hydrog ? ? A DG 12 N1 ? ? ? 1_555 B DG  4  O6 ? ? A DG 12 B DG  4  1_555 ? ? ? ? ? ? TYPE_6_PAIR     ?     ? ? 
hydrog30 hydrog ? ? A DG 12 N2 ? ? ? 1_555 B DG  4  N7 ? ? A DG 12 B DG  4  1_555 ? ? ? ? ? ? TYPE_6_PAIR     ?     ? ? 
hydrog31 hydrog ? ? A DG 12 N7 ? ? ? 1_555 B DG  9  N2 ? ? A DG 12 B DG  9  1_555 ? ? ? ? ? ? TYPE_6_PAIR     ?     ? ? 
hydrog32 hydrog ? ? A DG 12 O6 ? ? ? 1_555 B DG  9  N1 ? ? A DG 12 B DG  9  1_555 ? ? ? ? ? ? TYPE_6_PAIR     ?     ? ? 
hydrog33 hydrog ? ? B DT 5  O2 ? ? ? 1_555 B DT  7  N3 ? ? B DT 5  B DT  7  1_555 ? ? ? ? ? ? 'DT-DT MISPAIR' ?     ? ? 
# 
loop_
_struct_conn_type.id 
_struct_conn_type.criteria 
_struct_conn_type.reference 
metalc ? ? 
hydrog ? ? 
# 
loop_
_struct_site.id 
_struct_site.pdbx_evidence_code 
_struct_site.pdbx_auth_asym_id 
_struct_site.pdbx_auth_comp_id 
_struct_site.pdbx_auth_seq_id 
_struct_site.pdbx_auth_ins_code 
_struct_site.pdbx_num_residues 
_struct_site.details 
AC1 Software A K   14 ? 10 'BINDING SITE FOR RESIDUE K A 14'   
AC2 Software A K   15 ? 10 'BINDING SITE FOR RESIDUE K A 15'   
AC3 Software A K   16 ? 9  'BINDING SITE FOR RESIDUE K A 16'   
AC4 Software A RNR 17 ? 8  'BINDING SITE FOR RESIDUE RNR A 17' 
AC5 Software B K   13 ? 8  'BINDING SITE FOR RESIDUE K B 13'   
# 
loop_
_struct_site_gen.id 
_struct_site_gen.site_id 
_struct_site_gen.pdbx_num_res 
_struct_site_gen.label_comp_id 
_struct_site_gen.label_asym_id 
_struct_site_gen.label_seq_id 
_struct_site_gen.pdbx_auth_ins_code 
_struct_site_gen.auth_comp_id 
_struct_site_gen.auth_asym_id 
_struct_site_gen.auth_seq_id 
_struct_site_gen.label_atom_id 
_struct_site_gen.label_alt_id 
_struct_site_gen.symmetry 
_struct_site_gen.details 
1  AC1 10 DG  A 1  ? DG  A 1  . ? 1_555 ? 
2  AC1 10 DG  A 2  ? DG  A 2  . ? 1_555 ? 
3  AC1 10 DG  A 11 ? DG  A 11 . ? 1_555 ? 
4  AC1 10 DG  A 12 ? DG  A 12 . ? 1_555 ? 
5  AC1 10 K   D .  ? K   A 15 . ? 1_555 ? 
6  AC1 10 DG  B 3  ? DG  B 3  . ? 1_555 ? 
7  AC1 10 DG  B 4  ? DG  B 4  . ? 1_555 ? 
8  AC1 10 DG  B 9  ? DG  B 9  . ? 1_555 ? 
9  AC1 10 DG  B 10 ? DG  B 10 . ? 1_555 ? 
10 AC1 10 K   G .  ? K   B 13 . ? 1_555 ? 
11 AC2 10 DG  A 2  ? DG  A 2  . ? 1_555 ? 
12 AC2 10 DG  A 3  ? DG  A 3  . ? 1_555 ? 
13 AC2 10 DG  A 10 ? DG  A 10 . ? 1_555 ? 
14 AC2 10 DG  A 11 ? DG  A 11 . ? 1_555 ? 
15 AC2 10 K   C .  ? K   A 14 . ? 1_555 ? 
16 AC2 10 K   E .  ? K   A 16 . ? 1_555 ? 
17 AC2 10 DG  B 2  ? DG  B 2  . ? 1_555 ? 
18 AC2 10 DG  B 3  ? DG  B 3  . ? 1_555 ? 
19 AC2 10 DG  B 10 ? DG  B 10 . ? 1_555 ? 
20 AC2 10 DG  B 11 ? DG  B 11 . ? 1_555 ? 
21 AC3 9  DG  A 3  ? DG  A 3  . ? 1_555 ? 
22 AC3 9  DG  A 4  ? DG  A 4  . ? 1_555 ? 
23 AC3 9  DG  A 9  ? DG  A 9  . ? 1_555 ? 
24 AC3 9  DG  A 10 ? DG  A 10 . ? 1_555 ? 
25 AC3 9  K   D .  ? K   A 15 . ? 1_555 ? 
26 AC3 9  DG  B 1  ? DG  B 1  . ? 1_555 ? 
27 AC3 9  DG  B 2  ? DG  B 2  . ? 1_555 ? 
28 AC3 9  DG  B 11 ? DG  B 11 . ? 1_555 ? 
29 AC3 9  DG  B 12 ? DG  B 12 . ? 1_555 ? 
30 AC4 8  DT  A 6  ? DT  A 6  . ? 1_555 ? 
31 AC4 8  DT  A 7  ? DT  A 7  . ? 1_555 ? 
32 AC4 8  DG  A 9  ? DG  A 9  . ? 1_555 ? 
33 AC4 8  DG  B 1  ? DG  B 1  . ? 1_555 ? 
34 AC4 8  DT  B 8  ? DT  B 8  . ? 3_556 ? 
35 AC4 8  DG  B 9  ? DG  B 9  . ? 3_556 ? 
36 AC4 8  DG  B 12 ? DG  B 12 . ? 1_555 ? 
37 AC4 8  HOH I .  ? HOH B 26 . ? 3_556 ? 
38 AC5 8  DG  A 1  ? DG  A 1  . ? 1_555 ? 
39 AC5 8  DG  A 12 ? DG  A 12 . ? 1_555 ? 
40 AC5 8  K   C .  ? K   A 14 . ? 1_555 ? 
41 AC5 8  DG  B 4  ? DG  B 4  . ? 1_555 ? 
42 AC5 8  DT  B 5  ? DT  B 5  . ? 1_555 ? 
43 AC5 8  DT  B 7  ? DT  B 7  . ? 1_555 ? 
44 AC5 8  DG  B 9  ? DG  B 9  . ? 1_555 ? 
45 AC5 8  HOH I .  ? HOH B 14 . ? 1_555 ? 
# 
_atom_sites.entry_id                    3NYP 
_atom_sites.fract_transf_matrix[1][1]   -0.01184259 
_atom_sites.fract_transf_matrix[1][2]   -0.01214046 
_atom_sites.fract_transf_matrix[1][3]   -0.00341860 
_atom_sites.fract_transf_matrix[2][1]   -0.01138357 
_atom_sites.fract_transf_matrix[2][2]   0.01467624 
_atom_sites.fract_transf_matrix[2][3]   -0.01268512 
_atom_sites.fract_transf_matrix[3][1]   0.01864597 
_atom_sites.fract_transf_matrix[3][2]   -0.01016509 
_atom_sites.fract_transf_matrix[3][3]   -0.02849346 
_atom_sites.fract_transf_vector[1]      0.380039 
_atom_sites.fract_transf_vector[2]      0.264819 
_atom_sites.fract_transf_vector[3]      0.446633 
# 
loop_
_atom_type.symbol 
C 
F 
K 
N 
O 
P 
# 
loop_
_atom_site.group_PDB 
_atom_site.id 
_atom_site.type_symbol 
_atom_site.label_atom_id 
_atom_site.label_alt_id 
_atom_site.label_comp_id 
_atom_site.label_asym_id 
_atom_site.label_entity_id 
_atom_site.label_seq_id 
_atom_site.pdbx_PDB_ins_code 
_atom_site.Cartn_x 
_atom_site.Cartn_y 
_atom_site.Cartn_z 
_atom_site.occupancy 
_atom_site.B_iso_or_equiv 
_atom_site.pdbx_formal_charge 
_atom_site.auth_seq_id 
_atom_site.auth_comp_id 
_atom_site.auth_asym_id 
_atom_site.auth_atom_id 
_atom_site.pdbx_PDB_model_num 
ATOM   1   O "O5'" A DG  A 1 1  ? 12.927  -1.695  0.391   0.42 12.29 ? 1   DG  A "O5'" 1 
ATOM   2   O "O5'" B DG  A 1 1  ? 10.831  -1.742  0.706   0.58 13.71 ? 1   DG  A "O5'" 1 
ATOM   3   C "C5'" . DG  A 1 1  ? 11.805  -2.165  -0.244  1.00 13.29 ? 1   DG  A "C5'" 1 
ATOM   4   C "C4'" . DG  A 1 1  ? 11.661  -1.646  -1.686  1.00 11.22 ? 1   DG  A "C4'" 1 
ATOM   5   O "O4'" . DG  A 1 1  ? 10.589  -2.388  -2.322  1.00 13.05 ? 1   DG  A "O4'" 1 
ATOM   6   C "C3'" . DG  A 1 1  ? 11.366  -0.141  -1.914  1.00 8.89  ? 1   DG  A "C3'" 1 
ATOM   7   O "O3'" . DG  A 1 1  ? 12.061  0.354   -3.132  1.00 10.27 ? 1   DG  A "O3'" 1 
ATOM   8   C "C2'" . DG  A 1 1  ? 9.825   -0.140  -2.016  1.00 8.84  ? 1   DG  A "C2'" 1 
ATOM   9   C "C1'" . DG  A 1 1  ? 9.552   -1.487  -2.728  1.00 10.67 ? 1   DG  A "C1'" 1 
ATOM   10  N N9    . DG  A 1 1  ? 8.205   -2.088  -2.534  1.00 9.82  ? 1   DG  A N9    1 
ATOM   11  C C8    . DG  A 1 1  ? 7.340   -2.475  -3.559  1.00 9.93  ? 1   DG  A C8    1 
ATOM   12  N N7    . DG  A 1 1  ? 6.201   -2.970  -3.121  1.00 9.25  ? 1   DG  A N7    1 
ATOM   13  C C5    . DG  A 1 1  ? 6.314   -2.937  -1.711  1.00 7.72  ? 1   DG  A C5    1 
ATOM   14  C C6    . DG  A 1 1  ? 5.392   -3.345  -0.689  1.00 8.50  ? 1   DG  A C6    1 
ATOM   15  O O6    . DG  A 1 1  ? 4.256   -3.857  -0.879  1.00 7.74  ? 1   DG  A O6    1 
ATOM   16  N N1    . DG  A 1 1  ? 5.885   -3.123  0.619   1.00 7.60  ? 1   DG  A N1    1 
ATOM   17  C C2    . DG  A 1 1  ? 7.118   -2.586  0.904   1.00 8.43  ? 1   DG  A C2    1 
ATOM   18  N N2    . DG  A 1 1  ? 7.477   -2.439  2.214   1.00 10.23 ? 1   DG  A N2    1 
ATOM   19  N N3    . DG  A 1 1  ? 7.982   -2.179  -0.052  1.00 10.02 ? 1   DG  A N3    1 
ATOM   20  C C4    . DG  A 1 1  ? 7.529   -2.387  -1.335  1.00 8.92  ? 1   DG  A C4    1 
ATOM   21  P P     . DG  A 1 2  ? 11.979  1.910   -3.603  1.00 10.34 ? 2   DG  A P     1 
ATOM   22  O OP1   . DG  A 1 2  ? 13.124  2.161   -4.518  1.00 12.56 ? 2   DG  A OP1   1 
ATOM   23  O OP2   . DG  A 1 2  ? 11.850  2.763   -2.405  1.00 12.17 ? 2   DG  A OP2   1 
ATOM   24  O "O5'" . DG  A 1 2  ? 10.586  2.008   -4.425  1.00 9.71  ? 2   DG  A "O5'" 1 
ATOM   25  C "C5'" . DG  A 1 2  ? 10.352  1.280   -5.643  1.00 13.31 ? 2   DG  A "C5'" 1 
ATOM   26  C "C4'" . DG  A 1 2  ? 8.884   1.392   -6.130  1.00 12.77 ? 2   DG  A "C4'" 1 
ATOM   27  O "O4'" . DG  A 1 2  ? 7.994   0.634   -5.242  1.00 9.68  ? 2   DG  A "O4'" 1 
ATOM   28  C "C3'" . DG  A 1 2  ? 8.228   2.783   -6.309  1.00 10.04 ? 2   DG  A "C3'" 1 
ATOM   29  O "O3'" . DG  A 1 2  ? 7.519   2.725   -7.601  1.00 11.10 ? 2   DG  A "O3'" 1 
ATOM   30  C "C2'" . DG  A 1 2  ? 7.290   2.879   -5.114  1.00 9.74  ? 2   DG  A "C2'" 1 
ATOM   31  C "C1'" . DG  A 1 2  ? 6.814   1.418   -5.006  1.00 8.93  ? 2   DG  A "C1'" 1 
ATOM   32  N N9    . DG  A 1 2  ? 6.095   1.000   -3.765  1.00 7.06  ? 2   DG  A N9    1 
ATOM   33  C C8    . DG  A 1 2  ? 6.463   1.208   -2.421  1.00 8.33  ? 2   DG  A C8    1 
ATOM   34  N N7    . DG  A 1 2  ? 5.604   0.731   -1.537  1.00 6.71  ? 2   DG  A N7    1 
ATOM   35  C C5    . DG  A 1 2  ? 4.608   0.147   -2.360  1.00 6.24  ? 2   DG  A C5    1 
ATOM   36  C C6    . DG  A 1 2  ? 3.400   -0.530  -2.019  1.00 6.32  ? 2   DG  A C6    1 
ATOM   37  O O6    . DG  A 1 2  ? 2.990   -0.794  -0.872  1.00 7.89  ? 2   DG  A O6    1 
ATOM   38  N N1    . DG  A 1 2  ? 2.629   -0.970  -3.110  1.00 6.76  ? 2   DG  A N1    1 
ATOM   39  C C2    . DG  A 1 2  ? 2.974   -0.765  -4.441  1.00 6.73  ? 2   DG  A C2    1 
ATOM   40  N N2    . DG  A 1 2  ? 2.095   -1.238  -5.387  1.00 8.21  ? 2   DG  A N2    1 
ATOM   41  N N3    . DG  A 1 2  ? 4.114   -0.132  -4.767  1.00 7.63  ? 2   DG  A N3    1 
ATOM   42  C C4    . DG  A 1 2  ? 4.884   0.296   -3.711  1.00 6.84  ? 2   DG  A C4    1 
ATOM   43  P P     . DG  A 1 3  ? 7.066   4.061   -8.405  1.00 12.88 ? 3   DG  A P     1 
ATOM   44  O OP1   . DG  A 1 3  ? 8.058   4.308   -9.506  1.00 16.57 ? 3   DG  A OP1   1 
ATOM   45  O OP2   . DG  A 1 3  ? 6.740   5.110   -7.422  1.00 12.35 ? 3   DG  A OP2   1 
ATOM   46  O "O5'" . DG  A 1 3  ? 5.646   3.636   -9.057  1.00 11.95 ? 3   DG  A "O5'" 1 
ATOM   47  C "C5'" . DG  A 1 3  ? 4.508   3.103   -8.305  1.00 9.36  ? 3   DG  A "C5'" 1 
ATOM   48  C "C4'" . DG  A 1 3  ? 3.262   2.984   -9.198  1.00 9.14  ? 3   DG  A "C4'" 1 
ATOM   49  O "O4'" . DG  A 1 3  ? 2.266   2.090   -8.577  1.00 8.58  ? 3   DG  A "O4'" 1 
ATOM   50  C "C3'" . DG  A 1 3  ? 2.500   4.289   -9.542  1.00 9.18  ? 3   DG  A "C3'" 1 
ATOM   51  O "O3'" . DG  A 1 3  ? 1.976   4.149   -10.936 1.00 10.46 ? 3   DG  A "O3'" 1 
ATOM   52  C "C2'" . DG  A 1 3  ? 1.450   4.285   -8.412  1.00 9.04  ? 3   DG  A "C2'" 1 
ATOM   53  C "C1'" . DG  A 1 3  ? 1.051   2.799   -8.275  1.00 8.86  ? 3   DG  A "C1'" 1 
ATOM   54  N N9    . DG  A 1 3  ? 0.490   2.342   -6.968  1.00 7.21  ? 3   DG  A N9    1 
ATOM   55  C C8    . DG  A 1 3  ? -0.716  1.656   -6.814  1.00 8.42  ? 3   DG  A C8    1 
ATOM   56  N N7    . DG  A 1 3  ? -1.005  1.345   -5.556  1.00 6.59  ? 3   DG  A N7    1 
ATOM   57  C C5    . DG  A 1 3  ? 0.090   1.853   -4.815  1.00 6.13  ? 3   DG  A C5    1 
ATOM   58  C C6    . DG  A 1 3  ? 0.387   1.851   -3.414  1.00 6.68  ? 3   DG  A C6    1 
ATOM   59  O O6    . DG  A 1 3  ? -0.304  1.352   -2.500  1.00 7.20  ? 3   DG  A O6    1 
ATOM   60  N N1    . DG  A 1 3  ? 1.597   2.493   -3.049  1.00 7.46  ? 3   DG  A N1    1 
ATOM   61  C C2    . DG  A 1 3  ? 2.447   3.089   -3.980  1.00 6.29  ? 3   DG  A C2    1 
ATOM   62  N N2    . DG  A 1 3  ? 3.602   3.661   -3.518  1.00 6.46  ? 3   DG  A N2    1 
ATOM   63  N N3    . DG  A 1 3  ? 2.172   3.093   -5.306  1.00 6.56  ? 3   DG  A N3    1 
ATOM   64  C C4    . DG  A 1 3  ? 1.003   2.470   -5.664  1.00 6.16  ? 3   DG  A C4    1 
ATOM   65  P P     . DG  A 1 4  ? 1.150   5.337   -11.681 1.00 11.95 ? 4   DG  A P     1 
ATOM   66  O OP1   . DG  A 1 4  ? 1.200   5.082   -13.141 1.00 15.98 ? 4   DG  A OP1   1 
ATOM   67  O OP2   . DG  A 1 4  ? 1.649   6.636   -11.185 1.00 14.81 ? 4   DG  A OP2   1 
ATOM   68  O "O5'" . DG  A 1 4  ? -0.374  5.165   -11.148 1.00 11.00 ? 4   DG  A "O5'" 1 
ATOM   69  C "C5'" . DG  A 1 4  ? -1.241  4.069   -11.568 1.00 11.72 ? 4   DG  A "C5'" 1 
ATOM   70  C "C4'" . DG  A 1 4  ? -2.605  4.086   -10.841 1.00 9.35  ? 4   DG  A "C4'" 1 
ATOM   71  O "O4'" . DG  A 1 4  ? -2.443  3.857   -9.395  1.00 9.04  ? 4   DG  A "O4'" 1 
ATOM   72  C "C3'" . DG  A 1 4  ? -3.462  5.376   -10.988 1.00 9.77  ? 4   DG  A "C3'" 1 
ATOM   73  O "O3'" . DG  A 1 4  ? -4.781  4.996   -11.549 1.00 10.07 ? 4   DG  A "O3'" 1 
ATOM   74  C "C2'" . DG  A 1 4  ? -3.444  5.955   -9.556  1.00 9.01  ? 4   DG  A "C2'" 1 
ATOM   75  C "C1'" . DG  A 1 4  ? -3.311  4.730   -8.641  1.00 6.96  ? 4   DG  A "C1'" 1 
ATOM   76  N N9    . DG  A 1 4  ? -2.741  4.869   -7.267  1.00 7.18  ? 4   DG  A N9    1 
ATOM   77  C C8    . DG  A 1 4  ? -1.549  5.530   -6.913  1.00 7.10  ? 4   DG  A C8    1 
ATOM   78  N N7    . DG  A 1 4  ? -1.274  5.440   -5.625  1.00 6.62  ? 4   DG  A N7    1 
ATOM   79  C C5    . DG  A 1 4  ? -2.333  4.677   -5.075  1.00 6.16  ? 4   DG  A C5    1 
ATOM   80  C C6    . DG  A 1 4  ? -2.579  4.246   -3.734  1.00 6.94  ? 4   DG  A C6    1 
ATOM   81  O O6    . DG  A 1 4  ? -1.858  4.502   -2.736  1.00 7.16  ? 4   DG  A O6    1 
ATOM   82  N N1    . DG  A 1 4  ? -3.771  3.501   -3.563  1.00 6.76  ? 4   DG  A N1    1 
ATOM   83  C C2    . DG  A 1 4  ? -4.634  3.194   -4.612  1.00 6.89  ? 4   DG  A C2    1 
ATOM   84  N N2    . DG  A 1 4  ? -5.741  2.472   -4.278  1.00 8.39  ? 4   DG  A N2    1 
ATOM   85  N N3    . DG  A 1 4  ? -4.391  3.587   -5.887  1.00 7.26  ? 4   DG  A N3    1 
ATOM   86  C C4    . DG  A 1 4  ? -3.237  4.319   -6.068  1.00 6.07  ? 4   DG  A C4    1 
ATOM   87  P P     . DT  A 1 5  ? -5.930  6.101   -11.895 1.00 10.87 ? 5   DT  A P     1 
ATOM   88  O OP1   . DT  A 1 5  ? -6.665  5.638   -13.106 1.00 13.49 ? 5   DT  A OP1   1 
ATOM   89  O OP2   . DT  A 1 5  ? -5.296  7.460   -11.940 1.00 14.37 ? 5   DT  A OP2   1 
ATOM   90  O "O5'" . DT  A 1 5  ? -6.900  6.017   -10.604 1.00 10.84 ? 5   DT  A "O5'" 1 
ATOM   91  C "C5'" . DT  A 1 5  ? -8.273  6.449   -10.588 1.00 11.73 ? 5   DT  A "C5'" 1 
ATOM   92  C "C4'" . DT  A 1 5  ? -8.962  5.972   -9.306  1.00 9.85  ? 5   DT  A "C4'" 1 
ATOM   93  O "O4'" . DT  A 1 5  ? -9.083  4.519   -9.258  1.00 10.75 ? 5   DT  A "O4'" 1 
ATOM   94  C "C3'" . DT  A 1 5  ? -8.296  6.422   -7.982  1.00 11.61 ? 5   DT  A "C3'" 1 
ATOM   95  O "O3'" . DT  A 1 5  ? -9.344  6.773   -6.999  1.00 13.29 ? 5   DT  A "O3'" 1 
ATOM   96  C "C2'" . DT  A 1 5  ? -7.494  5.169   -7.585  1.00 10.39 ? 5   DT  A "C2'" 1 
ATOM   97  C "C1'" . DT  A 1 5  ? -8.432  4.061   -8.071  1.00 11.39 ? 5   DT  A "C1'" 1 
ATOM   98  N N1    . DT  A 1 5  ? -7.709  2.798   -8.344  1.00 15.37 ? 5   DT  A N1    1 
ATOM   99  C C2    . DT  A 1 5  ? -7.694  1.822   -7.347  1.00 13.46 ? 5   DT  A C2    1 
ATOM   100 O O2    . DT  A 1 5  ? -8.281  1.906   -6.263  1.00 14.86 ? 5   DT  A O2    1 
ATOM   101 N N3    . DT  A 1 5  ? -6.992  0.705   -7.657  1.00 15.31 ? 5   DT  A N3    1 
ATOM   102 C C4    . DT  A 1 5  ? -6.296  0.482   -8.828  1.00 12.71 ? 5   DT  A C4    1 
ATOM   103 O O4    . DT  A 1 5  ? -5.716  -0.599  -8.990  1.00 15.72 ? 5   DT  A O4    1 
ATOM   104 C C5    . DT  A 1 5  ? -6.325  1.533   -9.824  1.00 15.29 ? 5   DT  A C5    1 
ATOM   105 C C7    . DT  A 1 5  ? -5.587  1.357   -11.127 1.00 16.99 ? 5   DT  A C7    1 
ATOM   106 C C6    . DT  A 1 5  ? -7.024  2.656   -9.536  1.00 13.11 ? 5   DT  A C6    1 
ATOM   107 P P     . DT  A 1 6  ? -9.031  7.752   -5.734  1.00 12.49 ? 6   DT  A P     1 
ATOM   108 O OP1   . DT  A 1 6  ? -10.326 8.041   -5.052  1.00 17.39 ? 6   DT  A OP1   1 
ATOM   109 O OP2   . DT  A 1 6  ? -8.231  8.922   -6.230  1.00 13.23 ? 6   DT  A OP2   1 
ATOM   110 O "O5'" . DT  A 1 6  ? -8.059  6.858   -4.779  1.00 10.34 ? 6   DT  A "O5'" 1 
ATOM   111 C "C5'" . DT  A 1 6  ? -8.450  5.871   -3.789  1.00 11.20 ? 6   DT  A "C5'" 1 
ATOM   112 C "C4'" . DT  A 1 6  ? -7.617  5.938   -2.495  1.00 11.31 ? 6   DT  A "C4'" 1 
ATOM   113 O "O4'" . DT  A 1 6  ? -6.224  5.599   -2.743  1.00 8.77  ? 6   DT  A "O4'" 1 
ATOM   114 C "C3'" . DT  A 1 6  ? -7.573  7.306   -1.804  1.00 9.92  ? 6   DT  A "C3'" 1 
ATOM   115 O "O3'" . DT  A 1 6  ? -8.728  7.330   -0.947  1.00 13.57 ? 6   DT  A "O3'" 1 
ATOM   116 C "C2'" . DT  A 1 6  ? -6.196  7.319   -1.080  1.00 8.70  ? 6   DT  A "C2'" 1 
ATOM   117 C "C1'" . DT  A 1 6  ? -5.335  6.406   -1.965  1.00 8.08  ? 6   DT  A "C1'" 1 
ATOM   118 N N1    . DT  A 1 6  ? -4.370  7.149   -2.898  1.00 7.53  ? 6   DT  A N1    1 
ATOM   119 C C2    . DT  A 1 6  ? -3.173  7.589   -2.365  1.00 7.07  ? 6   DT  A C2    1 
ATOM   120 O O2    . DT  A 1 6  ? -2.878  7.452   -1.188  1.00 8.61  ? 6   DT  A O2    1 
ATOM   121 N N3    . DT  A 1 6  ? -2.346  8.235   -3.261  1.00 8.14  ? 6   DT  A N3    1 
ATOM   122 C C4    . DT  A 1 6  ? -2.582  8.509   -4.607  1.00 8.80  ? 6   DT  A C4    1 
ATOM   123 O O4    . DT  A 1 6  ? -1.751  9.116   -5.298  1.00 9.98  ? 6   DT  A O4    1 
ATOM   124 C C5    . DT  A 1 6  ? -3.863  8.036   -5.123  1.00 7.86  ? 6   DT  A C5    1 
ATOM   125 C C7    . DT  A 1 6  ? -4.203  8.289   -6.588  1.00 11.63 ? 6   DT  A C7    1 
ATOM   126 C C6    . DT  A 1 6  ? -4.667  7.375   -4.253  1.00 7.25  ? 6   DT  A C6    1 
ATOM   127 P P     . DT  A 1 7  ? -9.210  8.685   -0.215  1.00 14.91 ? 7   DT  A P     1 
ATOM   128 O OP1   . DT  A 1 7  ? -10.462 8.363   0.537   1.00 18.46 ? 7   DT  A OP1   1 
ATOM   129 O OP2   . DT  A 1 7  ? -9.291  9.771   -1.234  1.00 17.71 ? 7   DT  A OP2   1 
ATOM   130 O "O5'" . DT  A 1 7  ? -8.008  9.001   0.818   1.00 14.24 ? 7   DT  A "O5'" 1 
ATOM   131 C "C5'" . DT  A 1 7  ? -7.847  10.273  1.426   1.00 15.92 ? 7   DT  A "C5'" 1 
ATOM   132 C "C4'" . DT  A 1 7  ? -6.721  10.285  2.479   1.00 12.62 ? 7   DT  A "C4'" 1 
ATOM   133 O "O4'" . DT  A 1 7  ? -5.444  10.231  1.753   1.00 10.88 ? 7   DT  A "O4'" 1 
ATOM   134 C "C3'" . DT  A 1 7  ? -6.688  11.565  3.342   1.00 11.23 ? 7   DT  A "C3'" 1 
ATOM   135 O "O3'" . DT  A 1 7  ? -6.285  11.330  4.731   1.00 13.45 ? 7   DT  A "O3'" 1 
ATOM   136 C "C2'" . DT  A 1 7  ? -5.581  12.381  2.633   1.00 12.37 ? 7   DT  A "C2'" 1 
ATOM   137 C "C1'" . DT  A 1 7  ? -4.595  11.276  2.205   1.00 9.32  ? 7   DT  A "C1'" 1 
ATOM   138 N N1    . DT  A 1 7  ? -3.604  11.735  1.146   1.00 9.27  ? 7   DT  A N1    1 
ATOM   139 C C2    . DT  A 1 7  ? -2.449  12.391  1.583   1.00 8.99  ? 7   DT  A C2    1 
ATOM   140 O O2    . DT  A 1 7  ? -2.181  12.611  2.762   1.00 11.03 ? 7   DT  A O2    1 
ATOM   141 N N3    . DT  A 1 7  ? -1.592  12.827  0.595   1.00 9.84  ? 7   DT  A N3    1 
ATOM   142 C C4    . DT  A 1 7  ? -1.751  12.682  -0.786  1.00 9.10  ? 7   DT  A C4    1 
ATOM   143 O O4    . DT  A 1 7  ? -0.908  13.135  -1.578  1.00 10.54 ? 7   DT  A O4    1 
ATOM   144 C C5    . DT  A 1 7  ? -2.969  11.986  -1.189  1.00 9.30  ? 7   DT  A C5    1 
ATOM   145 C C7    . DT  A 1 7  ? -3.226  11.784  -2.665  1.00 12.40 ? 7   DT  A C7    1 
ATOM   146 C C6    . DT  A 1 7  ? -3.831  11.551  -0.220  1.00 9.91  ? 7   DT  A C6    1 
ATOM   147 P P     . DT  A 1 8  ? -7.351  11.323  5.957   1.00 16.65 ? 8   DT  A P     1 
ATOM   148 O OP1   . DT  A 1 8  ? -8.231  10.138  5.817   1.00 21.59 ? 8   DT  A OP1   1 
ATOM   149 O OP2   . DT  A 1 8  ? -7.988  12.664  6.055   1.00 23.88 ? 8   DT  A OP2   1 
ATOM   150 O "O5'" . DT  A 1 8  ? -6.406  11.110  7.250   1.00 14.96 ? 8   DT  A "O5'" 1 
ATOM   151 C "C5'" . DT  A 1 8  ? -5.376  12.035  7.638   1.00 17.11 ? 8   DT  A "C5'" 1 
ATOM   152 C "C4'" . DT  A 1 8  ? -4.587  11.530  8.837   1.00 13.08 ? 8   DT  A "C4'" 1 
ATOM   153 O "O4'" . DT  A 1 8  ? -5.503  11.292  9.961   1.00 12.52 ? 8   DT  A "O4'" 1 
ATOM   154 C "C3'" . DT  A 1 8  ? -3.730  10.257  8.687   1.00 12.28 ? 8   DT  A "C3'" 1 
ATOM   155 O "O3'" . DT  A 1 8  ? -2.476  10.421  9.435   1.00 13.75 ? 8   DT  A "O3'" 1 
ATOM   156 C "C2'" . DT  A 1 8  ? -4.644  9.189   9.328   1.00 11.22 ? 8   DT  A "C2'" 1 
ATOM   157 C "C1'" . DT  A 1 8  ? -5.355  9.954   10.451  1.00 11.04 ? 8   DT  A "C1'" 1 
ATOM   158 N N1    . DT  A 1 8  ? -6.730  9.419   10.876  1.00 11.11 ? 8   DT  A N1    1 
ATOM   159 C C2    . DT  A 1 8  ? -6.904  8.751   12.098  1.00 11.78 ? 8   DT  A C2    1 
ATOM   160 O O2    . DT  A 1 8  ? -6.016  8.538   12.901  1.00 12.49 ? 8   DT  A O2    1 
ATOM   161 N N3    . DT  A 1 8  ? -8.197  8.331   12.356  1.00 12.99 ? 8   DT  A N3    1 
ATOM   162 C C4    . DT  A 1 8  ? -9.321  8.463   11.536  1.00 11.42 ? 8   DT  A C4    1 
ATOM   163 O O4    . DT  A 1 8  ? -10.449 8.049   11.862  1.00 12.79 ? 8   DT  A O4    1 
ATOM   164 C C5    . DT  A 1 8  ? -9.101  9.154   10.269  1.00 11.57 ? 8   DT  A C5    1 
ATOM   165 C C7    . DT  A 1 8  ? -10.266 9.359   9.311   1.00 13.83 ? 8   DT  A C7    1 
ATOM   166 C C6    . DT  A 1 8  ? -7.836  9.580   10.018  1.00 11.25 ? 8   DT  A C6    1 
ATOM   167 P P     . DG  A 1 9  ? -1.084  10.815  8.693   1.00 14.66 ? 9   DG  A P     1 
ATOM   168 O OP1   . DG  A 1 9  ? -0.071  11.094  9.747   1.00 17.25 ? 9   DG  A OP1   1 
ATOM   169 O OP2   . DG  A 1 9  ? -1.364  11.888  7.695   1.00 16.21 ? 9   DG  A OP2   1 
ATOM   170 O "O5'" . DG  A 1 9  ? -0.684  9.473   7.873   1.00 13.23 ? 9   DG  A "O5'" 1 
ATOM   171 C "C5'" . DG  A 1 9  ? -0.024  8.342   8.483   1.00 11.65 ? 9   DG  A "C5'" 1 
ATOM   172 C "C4'" . DG  A 1 9  ? -0.884  7.370   9.317   1.00 11.81 ? 9   DG  A "C4'" 1 
ATOM   173 O "O4'" . DG  A 1 9  ? -1.987  6.880   8.493   1.00 10.00 ? 9   DG  A "O4'" 1 
ATOM   174 C "C3'" . DG  A 1 9  ? -0.198  6.105   9.886   1.00 11.97 ? 9   DG  A "C3'" 1 
ATOM   175 O "O3'" . DG  A 1 9  ? -0.823  5.749   11.198  1.00 13.50 ? 9   DG  A "O3'" 1 
ATOM   176 C "C2'" . DG  A 1 9  ? -0.459  5.098   8.770   1.00 11.59 ? 9   DG  A "C2'" 1 
ATOM   177 C "C1'" . DG  A 1 9  ? -1.883  5.461   8.304   1.00 10.31 ? 9   DG  A "C1'" 1 
ATOM   178 N N9    . DG  A 1 9  ? -2.250  5.056   6.905   1.00 7.90  ? 9   DG  A N9    1 
ATOM   179 C C8    . DG  A 1 9  ? -3.407  4.360   6.561   1.00 8.43  ? 9   DG  A C8    1 
ATOM   180 N N7    . DG  A 1 9  ? -3.513  4.125   5.265   1.00 7.82  ? 9   DG  A N7    1 
ATOM   181 C C5    . DG  A 1 9  ? -2.359  4.706   4.690   1.00 6.33  ? 9   DG  A C5    1 
ATOM   182 C C6    . DG  A 1 9  ? -1.897  4.780   3.334   1.00 6.27  ? 9   DG  A C6    1 
ATOM   183 O O6    . DG  A 1 9  ? -2.477  4.329   2.327   1.00 7.05  ? 9   DG  A O6    1 
ATOM   184 N N1    . DG  A 1 9  ? -0.671  5.458   3.177   1.00 7.53  ? 9   DG  A N1    1 
ATOM   185 C C2    . DG  A 1 9  ? 0.044   6.012   4.231   1.00 9.13  ? 9   DG  A C2    1 
ATOM   186 N N2    . DG  A 1 9  ? 1.228   6.637   3.955   1.00 8.16  ? 9   DG  A N2    1 
ATOM   187 N N3    . DG  A 1 9  ? -0.376  5.932   5.513   1.00 8.97  ? 9   DG  A N3    1 
ATOM   188 C C4    . DG  A 1 9  ? -1.573  5.277   5.681   1.00 7.68  ? 9   DG  A C4    1 
ATOM   189 P P     . DG  A 1 10 ? -0.431  4.389   12.020  1.00 13.86 ? 10  DG  A P     1 
ATOM   190 O OP1   . DG  A 1 10 ? -0.893  4.573   13.420  1.00 19.19 ? 10  DG  A OP1   1 
ATOM   191 O OP2   . DG  A 1 10 ? 1.009   4.082   11.791  1.00 17.44 ? 10  DG  A OP2   1 
ATOM   192 O "O5'" . DG  A 1 10 ? -1.214  3.202   11.234  1.00 18.30 ? 10  DG  A "O5'" 1 
ATOM   193 C "C5'" . DG  A 1 10 ? -2.529  2.708   11.436  1.00 21.13 ? 10  DG  A "C5'" 1 
ATOM   194 C "C4'" . DG  A 1 10 ? -2.992  1.637   10.422  1.00 13.02 ? 10  DG  A "C4'" 1 
ATOM   195 O "O4'" . DG  A 1 10 ? -2.683  2.055   9.048   1.00 10.01 ? 10  DG  A "O4'" 1 
ATOM   196 C "C3'" . DG  A 1 10 ? -2.677  0.110   10.536  1.00 16.65 ? 10  DG  A "C3'" 1 
ATOM   197 O "O3'" . DG  A 1 10 ? -4.079  -0.423  10.345  0.99 22.93 ? 10  DG  A "O3'" 1 
ATOM   198 C "C2'" . DG  A 1 10 ? -1.767  -0.060  9.297   1.00 12.79 ? 10  DG  A "C2'" 1 
ATOM   199 C "C1'" . DG  A 1 10 ? -2.440  0.875   8.281   1.00 10.00 ? 10  DG  A "C1'" 1 
ATOM   200 N N9    . DG  A 1 10 ? -1.749  1.164   6.986   1.00 7.24  ? 10  DG  A N9    1 
ATOM   201 C C8    . DG  A 1 10 ? -0.519  1.813   6.817   1.00 7.36  ? 10  DG  A C8    1 
ATOM   202 N N7    . DG  A 1 10 ? -0.159  1.920   5.545   1.00 6.80  ? 10  DG  A N7    1 
ATOM   203 C C5    . DG  A 1 10 ? -1.216  1.324   4.822   1.00 5.31  ? 10  DG  A C5    1 
ATOM   204 C C6    . DG  A 1 10 ? -1.403  1.152   3.412   1.00 6.27  ? 10  DG  A C6    1 
ATOM   205 O O6    . DG  A 1 10 ? -0.619  1.513   2.501   1.00 6.79  ? 10  DG  A O6    1 
ATOM   206 N N1    . DG  A 1 10 ? -2.607  0.494   3.066   1.00 6.72  ? 10  DG  A N1    1 
ATOM   207 C C2    . DG  A 1 10 ? -3.532  0.041   3.992   1.00 6.91  ? 10  DG  A C2    1 
ATOM   208 N N2    . DG  A 1 10 ? -4.652  -0.551  3.489   1.00 7.87  ? 10  DG  A N2    1 
ATOM   209 N N3    . DG  A 1 10 ? -3.382  0.217   5.321   1.00 7.44  ? 10  DG  A N3    1 
ATOM   210 C C4    . DG  A 1 10 ? -2.207  0.856   5.687   1.00 6.46  ? 10  DG  A C4    1 
ATOM   211 P P     . DG  A 1 11 ? -4.582  -1.938  10.761  0.86 27.70 ? 11  DG  A P     1 
ATOM   212 O OP1   . DG  A 1 11 ? -6.074  -2.019  10.539  0.55 28.90 ? 11  DG  A OP1   1 
ATOM   213 O OP2   . DG  A 1 11 ? -3.971  -2.339  12.084  1.00 32.16 ? 11  DG  A OP2   1 
ATOM   214 O "O5'" . DG  A 1 11 ? -3.920  -2.916  9.671   1.00 17.11 ? 11  DG  A "O5'" 1 
ATOM   215 C "C5'" . DG  A 1 11 ? -4.222  -2.900  8.265   0.84 10.22 ? 11  DG  A "C5'" 1 
ATOM   216 C "C4'" . DG  A 1 11 ? -5.119  -4.041  7.783   1.00 12.52 ? 11  DG  A "C4'" 1 
ATOM   217 O "O4'" . DG  A 1 11 ? -5.213  -3.898  6.322   1.00 11.38 ? 11  DG  A "O4'" 1 
ATOM   218 C "C3'" . DG  A 1 11 ? -4.637  -5.477  8.044   1.00 12.15 ? 11  DG  A "C3'" 1 
ATOM   219 O "O3'" . DG  A 1 11 ? -5.827  -6.323  8.302   1.00 13.85 ? 11  DG  A "O3'" 1 
ATOM   220 C "C2'" . DG  A 1 11 ? -3.877  -5.782  6.729   1.00 8.77  ? 11  DG  A "C2'" 1 
ATOM   221 C "C1'" . DG  A 1 11 ? -4.643  -5.031  5.635   1.00 9.67  ? 11  DG  A "C1'" 1 
ATOM   222 N N9    . DG  A 1 11 ? -3.928  -4.567  4.407   1.00 7.42  ? 11  DG  A N9    1 
ATOM   223 C C8    . DG  A 1 11 ? -4.317  -4.776  3.065   1.00 8.12  ? 11  DG  A C8    1 
ATOM   224 N N7    . DG  A 1 11 ? -3.514  -4.214  2.182   1.00 7.23  ? 11  DG  A N7    1 
ATOM   225 C C5    . DG  A 1 11 ? -2.516  -3.616  2.976   1.00 6.11  ? 11  DG  A C5    1 
ATOM   226 C C6    . DG  A 1 11 ? -1.352  -2.870  2.605   1.00 5.67  ? 11  DG  A C6    1 
ATOM   227 O O6    . DG  A 1 11 ? -1.015  -2.585  1.448   1.00 6.79  ? 11  DG  A O6    1 
ATOM   228 N N1    . DG  A 1 11 ? -0.575  -2.401  3.673   1.00 6.45  ? 11  DG  A N1    1 
ATOM   229 C C2    . DG  A 1 11 ? -0.898  -2.646  4.995   1.00 6.27  ? 11  DG  A C2    1 
ATOM   230 N N2    . DG  A 1 11 ? -0.031  -2.142  5.927   1.00 8.63  ? 11  DG  A N2    1 
ATOM   231 N N3    . DG  A 1 11 ? -1.983  -3.361  5.373   1.00 7.91  ? 11  DG  A N3    1 
ATOM   232 C C4    . DG  A 1 11 ? -2.762  -3.809  4.331   1.00 5.88  ? 11  DG  A C4    1 
ATOM   233 P P     . DG  A 1 12 ? -5.672  -7.884  8.724   1.00 16.80 ? 12  DG  A P     1 
ATOM   234 O OP1   . DG  A 1 12 ? -6.948  -8.318  9.334   1.00 21.30 ? 12  DG  A OP1   1 
ATOM   235 O OP2   . DG  A 1 12 ? -4.408  -8.042  9.510   1.00 18.58 ? 12  DG  A OP2   1 
ATOM   236 O "O5'" . DG  A 1 12 ? -5.518  -8.639  7.311   1.00 15.11 ? 12  DG  A "O5'" 1 
ATOM   237 C "C5'" . DG  A 1 12 ? -6.534  -8.636  6.257   1.00 14.40 ? 12  DG  A "C5'" 1 
ATOM   238 C "C4'" . DG  A 1 12 ? -6.009  -9.278  4.955   1.00 10.49 ? 12  DG  A "C4'" 1 
ATOM   239 O "O4'" . DG  A 1 12 ? -5.009  -8.433  4.287   1.00 10.26 ? 12  DG  A "O4'" 1 
ATOM   240 C "C3'" . DG  A 1 12 ? -5.347  -10.648 5.119   1.00 12.68 ? 12  DG  A "C3'" 1 
ATOM   241 O "O3'" . DG  A 1 12 ? -5.908  -11.599 4.180   1.00 16.74 ? 12  DG  A "O3'" 1 
ATOM   242 C "C2'" . DG  A 1 12 ? -3.855  -10.395 4.855   1.00 11.54 ? 12  DG  A "C2'" 1 
ATOM   243 C "C1'" . DG  A 1 12 ? -3.895  -9.233  3.840   1.00 11.42 ? 12  DG  A "C1'" 1 
ATOM   244 N N9    . DG  A 1 12 ? -2.689  -8.361  3.693   1.00 8.81  ? 12  DG  A N9    1 
ATOM   245 C C8    . DG  A 1 12 ? -1.906  -7.812  4.713   1.00 9.65  ? 12  DG  A C8    1 
ATOM   246 N N7    . DG  A 1 12 ? -0.924  -7.045  4.243   1.00 9.74  ? 12  DG  A N7    1 
ATOM   247 C C5    . DG  A 1 12 ? -1.062  -7.073  2.845   1.00 8.40  ? 12  DG  A C5    1 
ATOM   248 C C6    . DG  A 1 12 ? -0.297  -6.433  1.796   1.00 8.69  ? 12  DG  A C6    1 
ATOM   249 O O6    . DG  A 1 12 ? 0.694   -5.672  1.949   1.00 7.55  ? 12  DG  A O6    1 
ATOM   250 N N1    . DG  A 1 12 ? -0.763  -6.734  0.493   1.00 7.93  ? 12  DG  A N1    1 
ATOM   251 C C2    . DG  A 1 12 ? -1.853  -7.555  0.228   1.00 7.09  ? 12  DG  A C2    1 
ATOM   252 N N2    . DG  A 1 12 ? -2.173  -7.749  -1.087  1.00 9.19  ? 12  DG  A N2    1 
ATOM   253 N N3    . DG  A 1 12 ? -2.587  -8.139  1.213   1.00 7.87  ? 12  DG  A N3    1 
ATOM   254 C C4    . DG  A 1 12 ? -2.146  -7.864  2.489   1.00 7.42  ? 12  DG  A C4    1 
ATOM   255 O "O5'" . DG  B 1 1  ? -9.300  1.007   4.170   1.00 22.35 ? 1   DG  B "O5'" 1 
ATOM   256 C "C5'" . DG  B 1 1  ? -10.733 1.169   3.875   1.00 17.60 ? 1   DG  B "C5'" 1 
ATOM   257 C "C4'" . DG  B 1 1  ? -11.114 0.584   2.518   1.00 12.19 ? 1   DG  B "C4'" 1 
ATOM   258 O "O4'" . DG  B 1 1  ? -10.505 1.384   1.445   1.00 10.36 ? 1   DG  B "O4'" 1 
ATOM   259 C "C3'" . DG  B 1 1  ? -10.730 -0.885  2.280   1.00 11.51 ? 1   DG  B "C3'" 1 
ATOM   260 O "O3'" . DG  B 1 1  ? -11.834 -1.569  1.581   1.00 9.51  ? 1   DG  B "O3'" 1 
ATOM   261 C "C2'" . DG  B 1 1  ? -9.455  -0.717  1.446   1.00 9.86  ? 1   DG  B "C2'" 1 
ATOM   262 C "C1'" . DG  B 1 1  ? -9.712  0.560   0.597   1.00 8.56  ? 1   DG  B "C1'" 1 
ATOM   263 N N9    . DG  B 1 1  ? -8.470  1.201   0.062   1.00 7.33  ? 1   DG  B N9    1 
ATOM   264 C C8    . DG  B 1 1  ? -8.126  1.273   -1.278  1.00 8.02  ? 1   DG  B C8    1 
ATOM   265 N N7    . DG  B 1 1  ? -6.955  1.847   -1.491  1.00 7.07  ? 1   DG  B N7    1 
ATOM   266 C C5    . DG  B 1 1  ? -6.486  2.178   -0.204  1.00 7.94  ? 1   DG  B C5    1 
ATOM   267 C C6    . DG  B 1 1  ? -5.255  2.782   0.202   1.00 7.26  ? 1   DG  B C6    1 
ATOM   268 O O6    . DG  B 1 1  ? -4.344  3.201   -0.539  1.00 6.35  ? 1   DG  B O6    1 
ATOM   269 N N1    . DG  B 1 1  ? -5.143  2.913   1.602   1.00 8.01  ? 1   DG  B N1    1 
ATOM   270 C C2    . DG  B 1 1  ? -6.125  2.504   2.483   1.00 7.50  ? 1   DG  B C2    1 
ATOM   271 N N2    . DG  B 1 1  ? -5.874  2.726   3.802   1.00 11.12 ? 1   DG  B N2    1 
ATOM   272 N N3    . DG  B 1 1  ? -7.274  1.923   2.119   1.00 8.53  ? 1   DG  B N3    1 
ATOM   273 C C4    . DG  B 1 1  ? -7.390  1.761   0.766   1.00 7.53  ? 1   DG  B C4    1 
ATOM   274 P P     . DG  B 1 2  ? -11.808 -3.173  1.320   1.00 10.50 ? 2   DG  B P     1 
ATOM   275 O OP1   . DG  B 1 2  ? -13.181 -3.577  0.916   1.00 11.71 ? 2   DG  B OP1   1 
ATOM   276 O OP2   . DG  B 1 2  ? -11.152 -3.827  2.474   1.00 12.64 ? 2   DG  B OP2   1 
ATOM   277 O "O5'" . DG  B 1 2  ? -10.804 -3.362  0.061   1.00 9.87  ? 2   DG  B "O5'" 1 
ATOM   278 C "C5'" . DG  B 1 2  ? -11.082 -2.877  -1.298  1.00 8.83  ? 2   DG  B "C5'" 1 
ATOM   279 C "C4'" . DG  B 1 2  ? -9.846  -3.032  -2.219  1.00 7.91  ? 2   DG  B "C4'" 1 
ATOM   280 O "O4'" . DG  B 1 2  ? -8.757  -2.120  -1.824  1.00 7.75  ? 2   DG  B "O4'" 1 
ATOM   281 C "C3'" . DG  B 1 2  ? -9.212  -4.456  -2.334  1.00 7.72  ? 2   DG  B "C3'" 1 
ATOM   282 O "O3'" . DG  B 1 2  ? -9.056  -4.785  -3.779  1.00 7.46  ? 2   DG  B "O3'" 1 
ATOM   283 C "C2'" . DG  B 1 2  ? -7.856  -4.259  -1.587  1.00 7.48  ? 2   DG  B "C2'" 1 
ATOM   284 C "C1'" . DG  B 1 2  ? -7.505  -2.800  -1.958  1.00 7.19  ? 2   DG  B "C1'" 1 
ATOM   285 N N9    . DG  B 1 2  ? -6.411  -2.089  -1.232  1.00 7.19  ? 2   DG  B N9    1 
ATOM   286 C C8    . DG  B 1 2  ? -6.280  -1.962  0.155   1.00 7.86  ? 2   DG  B C8    1 
ATOM   287 N N7    . DG  B 1 2  ? -5.216  -1.282  0.534   1.00 7.17  ? 2   DG  B N7    1 
ATOM   288 C C5    . DG  B 1 2  ? -4.584  -0.912  -0.661  1.00 5.74  ? 2   DG  B C5    1 
ATOM   289 C C6    . DG  B 1 2  ? -3.393  -0.159  -0.895  1.00 5.98  ? 2   DG  B C6    1 
ATOM   290 O O6    . DG  B 1 2  ? -2.643  0.352   -0.024  1.00 6.26  ? 2   DG  B O6    1 
ATOM   291 N N1    . DG  B 1 2  ? -3.084  -0.019  -2.262  1.00 5.87  ? 2   DG  B N1    1 
ATOM   292 C C2    . DG  B 1 2  ? -3.851  -0.558  -3.290  1.00 4.94  ? 2   DG  B C2    1 
ATOM   293 N N2    . DG  B 1 2  ? -3.422  -0.320  -4.558  1.00 6.78  ? 2   DG  B N2    1 
ATOM   294 N N3    . DG  B 1 2  ? -4.983  -1.243  -3.082  1.00 6.57  ? 2   DG  B N3    1 
ATOM   295 C C4    . DG  B 1 2  ? -5.299  -1.390  -1.747  1.00 5.74  ? 2   DG  B C4    1 
ATOM   296 P P     . DG  B 1 3  ? -8.716  -6.289  -4.309  1.00 6.81  ? 3   DG  B P     1 
ATOM   297 O OP1   . DG  B 1 3  ? -9.936  -6.842  -4.961  1.00 8.33  ? 3   DG  B OP1   1 
ATOM   298 O OP2   . DG  B 1 3  ? -8.126  -7.071  -3.190  1.00 9.71  ? 3   DG  B OP2   1 
ATOM   299 O "O5'" . DG  B 1 3  ? -7.638  -6.010  -5.484  1.00 7.75  ? 3   DG  B "O5'" 1 
ATOM   300 C "C5'" . DG  B 1 3  ? -6.377  -5.286  -5.276  1.00 8.09  ? 3   DG  B "C5'" 1 
ATOM   301 C "C4'" . DG  B 1 3  ? -5.432  -5.483  -6.474  1.00 8.15  ? 3   DG  B "C4'" 1 
ATOM   302 O "O4'" . DG  B 1 3  ? -4.289  -4.555  -6.391  1.00 7.30  ? 3   DG  B "O4'" 1 
ATOM   303 C "C3'" . DG  B 1 3  ? -4.807  -6.898  -6.648  1.00 6.62  ? 3   DG  B "C3'" 1 
ATOM   304 O "O3'" . DG  B 1 3  ? -4.733  -7.216  -8.092  1.00 8.71  ? 3   DG  B "O3'" 1 
ATOM   305 C "C2'" . DG  B 1 3  ? -3.436  -6.746  -5.970  1.00 8.02  ? 3   DG  B "C2'" 1 
ATOM   306 C "C1'" . DG  B 1 3  ? -3.057  -5.286  -6.300  1.00 9.36  ? 3   DG  B "C1'" 1 
ATOM   307 N N9    . DG  B 1 3  ? -2.115  -4.526  -5.415  1.00 7.87  ? 3   DG  B N9    1 
ATOM   308 C C8    . DG  B 1 3  ? -0.971  -3.839  -5.831  1.00 8.13  ? 3   DG  B C8    1 
ATOM   309 N N7    . DG  B 1 3  ? -0.320  -3.198  -4.867  1.00 6.83  ? 3   DG  B N7    1 
ATOM   310 C C5    . DG  B 1 3  ? -1.085  -3.446  -3.719  1.00 6.40  ? 3   DG  B C5    1 
ATOM   311 C C6    . DG  B 1 3  ? -0.901  -3.031  -2.362  1.00 8.59  ? 3   DG  B C6    1 
ATOM   312 O O6    . DG  B 1 3  ? 0.018   -2.310  -1.888  1.00 6.06  ? 3   DG  B O6    1 
ATOM   313 N N1    . DG  B 1 3  ? -1.929  -3.508  -1.510  1.00 6.82  ? 3   DG  B N1    1 
ATOM   314 C C2    . DG  B 1 3  ? -2.984  -4.304  -1.922  1.00 6.55  ? 3   DG  B C2    1 
ATOM   315 N N2    . DG  B 1 3  ? -3.892  -4.693  -0.976  1.00 7.45  ? 3   DG  B N2    1 
ATOM   316 N N3    . DG  B 1 3  ? -3.158  -4.714  -3.189  1.00 7.23  ? 3   DG  B N3    1 
ATOM   317 C C4    . DG  B 1 3  ? -2.182  -4.247  -4.037  1.00 7.58  ? 3   DG  B C4    1 
ATOM   318 P P     . DG  B 1 4  ? -4.335  -8.697  -8.642  1.00 8.34  ? 4   DG  B P     1 
ATOM   319 O OP1   . DG  B 1 4  ? -4.813  -8.782  -10.050 1.00 10.54 ? 4   DG  B OP1   1 
ATOM   320 O OP2   . DG  B 1 4  ? -4.768  -9.712  -7.650  1.00 8.84  ? 4   DG  B OP2   1 
ATOM   321 O "O5'" . DG  B 1 4  ? -2.711  -8.689  -8.657  1.00 7.58  ? 4   DG  B "O5'" 1 
ATOM   322 C "C5'" . DG  B 1 4  ? -1.917  -7.878  -9.589  1.00 8.88  ? 4   DG  B "C5'" 1 
ATOM   323 C "C4'" . DG  B 1 4  ? -0.424  -7.869  -9.200  1.00 9.06  ? 4   DG  B "C4'" 1 
ATOM   324 O "O4'" . DG  B 1 4  ? -0.249  -7.109  -7.961  1.00 8.15  ? 4   DG  B "O4'" 1 
ATOM   325 C "C3'" . DG  B 1 4  ? 0.296   -9.244  -8.994  1.00 9.40  ? 4   DG  B "C3'" 1 
ATOM   326 O "O3'" . DG  B 1 4  ? 1.602   -9.155  -9.729  1.00 10.35 ? 4   DG  B "O3'" 1 
ATOM   327 C "C2'" . DG  B 1 4  ? 0.402   -9.323  -7.453  1.00 7.90  ? 4   DG  B "C2'" 1 
ATOM   328 C "C1'" . DG  B 1 4  ? 0.632   -7.838  -7.120  1.00 7.95  ? 4   DG  B "C1'" 1 
ATOM   329 N N9    . DG  B 1 4  ? 0.516   -7.478  -5.696  1.00 7.56  ? 4   DG  B N9    1 
ATOM   330 C C8    . DG  B 1 4  ? -0.369  -7.980  -4.738  1.00 8.10  ? 4   DG  B C8    1 
ATOM   331 N N7    . DG  B 1 4  ? -0.200  -7.454  -3.535  1.00 7.59  ? 4   DG  B N7    1 
ATOM   332 C C5    . DG  B 1 4  ? 0.871   -6.554  -3.703  1.00 6.77  ? 4   DG  B C5    1 
ATOM   333 C C6    . DG  B 1 4  ? 1.542   -5.697  -2.776  1.00 7.28  ? 4   DG  B C6    1 
ATOM   334 O O6    . DG  B 1 4  ? 1.295   -5.553  -1.553  1.00 8.55  ? 4   DG  B O6    1 
ATOM   335 N N1    . DG  B 1 4  ? 2.608   -4.963  -3.322  1.00 8.77  ? 4   DG  B N1    1 
ATOM   336 C C2    . DG  B 1 4  ? 2.962   -5.020  -4.644  1.00 8.29  ? 4   DG  B C2    1 
ATOM   337 N N2    . DG  B 1 4  ? 3.993   -4.214  -4.985  1.00 9.69  ? 4   DG  B N2    1 
ATOM   338 N N3    . DG  B 1 4  ? 2.346   -5.811  -5.535  1.00 7.76  ? 4   DG  B N3    1 
ATOM   339 C C4    . DG  B 1 4  ? 1.322   -6.561  -5.017  1.00 7.28  ? 4   DG  B C4    1 
ATOM   340 P P     . DT  B 1 5  ? 2.670   -10.389 -9.774  1.00 12.35 ? 5   DT  B P     1 
ATOM   341 O OP1   . DT  B 1 5  ? 3.564   -10.169 -10.934 1.00 17.33 ? 5   DT  B OP1   1 
ATOM   342 O OP2   . DT  B 1 5  ? 1.947   -11.658 -9.655  1.00 17.37 ? 5   DT  B OP2   1 
ATOM   343 O "O5'" . DT  B 1 5  ? 3.467   -10.296 -8.369  1.00 11.42 ? 5   DT  B "O5'" 1 
ATOM   344 C "C5'" . DT  B 1 5  ? 4.331   -9.155  -8.060  1.00 9.13  ? 5   DT  B "C5'" 1 
ATOM   345 C "C4'" . DT  B 1 5  ? 4.742   -9.155  -6.580  1.00 8.22  ? 5   DT  B "C4'" 1 
ATOM   346 O "O4'" . DT  B 1 5  ? 3.553   -8.991  -5.742  1.00 7.89  ? 5   DT  B "O4'" 1 
ATOM   347 C "C3'" . DT  B 1 5  ? 5.490   -10.396 -6.016  1.00 8.29  ? 5   DT  B "C3'" 1 
ATOM   348 O "O3'" . DT  B 1 5  ? 6.947   -10.276 -6.300  1.00 8.83  ? 5   DT  B "O3'" 1 
ATOM   349 C "C2'" . DT  B 1 5  ? 5.082   -10.325 -4.530  1.00 9.21  ? 5   DT  B "C2'" 1 
ATOM   350 C "C1'" . DT  B 1 5  ? 3.968   -9.251  -4.408  1.00 9.53  ? 5   DT  B "C1'" 1 
ATOM   351 N N1    . DT  B 1 5  ? 2.811   -9.685  -3.483  1.00 7.36  ? 5   DT  B N1    1 
ATOM   352 C C2    . DT  B 1 5  ? 2.696   -9.145  -2.195  1.00 9.67  ? 5   DT  B C2    1 
ATOM   353 O O2    . DT  B 1 5  ? 3.486   -8.291  -1.766  1.00 7.49  ? 5   DT  B O2    1 
ATOM   354 N N3    . DT  B 1 5  ? 1.665   -9.631  -1.407  1.00 7.52  ? 5   DT  B N3    1 
ATOM   355 C C4    . DT  B 1 5  ? 0.733   -10.594 -1.796  1.00 8.03  ? 5   DT  B C4    1 
ATOM   356 O O4    . DT  B 1 5  ? -0.170  -10.954 -1.019  1.00 9.17  ? 5   DT  B O4    1 
ATOM   357 C C5    . DT  B 1 5  ? 0.872   -11.130 -3.144  1.00 8.58  ? 5   DT  B C5    1 
ATOM   358 C C7    . DT  B 1 5  ? -0.104  -12.194 -3.628  1.00 11.09 ? 5   DT  B C7    1 
ATOM   359 C C6    . DT  B 1 5  ? 1.904   -10.659 -3.910  1.00 8.94  ? 5   DT  B C6    1 
ATOM   360 P P     . DT  B 1 6  ? 8.035   -11.413 -5.844  1.00 8.22  ? 6   DT  B P     1 
ATOM   361 O OP1   . DT  B 1 6  ? 9.250   -11.222 -6.684  1.00 10.30 ? 6   DT  B OP1   1 
ATOM   362 O OP2   . DT  B 1 6  ? 7.380   -12.751 -5.836  1.00 9.86  ? 6   DT  B OP2   1 
ATOM   363 O "O5'" . DT  B 1 6  ? 8.381   -11.040 -4.288  1.00 7.35  ? 6   DT  B "O5'" 1 
ATOM   364 C "C5'" . DT  B 1 6  ? 8.927   -9.738  -3.878  1.00 9.00  ? 6   DT  B "C5'" 1 
ATOM   365 C "C4'" . DT  B 1 6  ? 9.005   -9.600  -2.342  1.00 8.09  ? 6   DT  B "C4'" 1 
ATOM   366 O "O4'" . DT  B 1 6  ? 7.673   -9.738  -1.730  1.00 7.96  ? 6   DT  B "O4'" 1 
ATOM   367 C "C3'" . DT  B 1 6  ? 9.937   -10.598 -1.629  1.00 9.05  ? 6   DT  B "C3'" 1 
ATOM   368 O "O3'" . DT  B 1 6  ? 10.650  -10.043 -0.453  1.00 10.74 ? 6   DT  B "O3'" 1 
ATOM   369 C "C2'" . DT  B 1 6  ? 8.918   -11.658 -1.139  1.00 9.50  ? 6   DT  B "C2'" 1 
ATOM   370 C "C1'" . DT  B 1 6  ? 7.729   -10.760 -0.723  1.00 8.15  ? 6   DT  B "C1'" 1 
ATOM   371 N N1    . DT  B 1 6  ? 6.329   -11.390 -0.593  1.00 8.02  ? 6   DT  B N1    1 
ATOM   372 C C2    . DT  B 1 6  ? 5.525   -11.028 0.486   1.00 9.97  ? 6   DT  B C2    1 
ATOM   373 O O2    . DT  B 1 6  ? 5.882   -10.234 1.344   1.00 11.75 ? 6   DT  B O2    1 
ATOM   374 N N3    . DT  B 1 6  ? 4.271   -11.627 0.528   1.00 11.10 ? 6   DT  B N3    1 
ATOM   375 C C4    . DT  B 1 6  ? 3.744   -12.540 -0.366  1.00 10.16 ? 6   DT  B C4    1 
ATOM   376 O O4    . DT  B 1 6  ? 2.600   -12.985 -0.194  1.00 16.49 ? 6   DT  B O4    1 
ATOM   377 C C5    . DT  B 1 6  ? 4.603   -12.917 -1.493  1.00 8.89  ? 6   DT  B C5    1 
ATOM   378 C C7    . DT  B 1 6  ? 4.099   -13.916 -2.532  1.00 13.88 ? 6   DT  B C7    1 
ATOM   379 C C6    . DT  B 1 6  ? 5.840   -12.327 -1.538  1.00 8.22  ? 6   DT  B C6    1 
ATOM   380 P P     . DT  B 1 7  ? 11.810  -8.913  -0.576  1.00 14.07 ? 7   DT  B P     1 
ATOM   381 O OP1   . DT  B 1 7  ? 11.956  -8.519  -2.012  1.00 19.37 ? 7   DT  B OP1   1 
ATOM   382 O OP2   . DT  B 1 7  ? 13.005  -9.409  0.162   1.00 14.25 ? 7   DT  B OP2   1 
ATOM   383 O "O5'" . DT  B 1 7  ? 11.153  -7.653  0.189   1.00 17.90 ? 7   DT  B "O5'" 1 
ATOM   384 C "C5'" . DT  B 1 7  ? 11.844  -6.618  0.945   1.00 15.30 ? 7   DT  B "C5'" 1 
ATOM   385 C "C4'" . DT  B 1 7  ? 10.835  -5.893  1.824   1.00 16.29 ? 7   DT  B "C4'" 1 
ATOM   386 O "O4'" . DT  B 1 7  ? 9.895   -5.162  0.969   1.00 14.67 ? 7   DT  B "O4'" 1 
ATOM   387 C "C3'" . DT  B 1 7  ? 9.987   -6.764  2.802   1.00 14.00 ? 7   DT  B "C3'" 1 
ATOM   388 O "O3'" . DT  B 1 7  ? 9.638   -5.961  3.957   1.00 13.71 ? 7   DT  B "O3'" 1 
ATOM   389 C "C2'" . DT  B 1 7  ? 8.736   -7.038  1.929   1.00 11.87 ? 7   DT  B "C2'" 1 
ATOM   390 C "C1'" . DT  B 1 7  ? 8.631   -5.785  1.028   1.00 12.62 ? 7   DT  B "C1'" 1 
ATOM   391 N N1    . DT  B 1 7  ? 8.101   -6.003  -0.402  1.00 11.29 ? 7   DT  B N1    1 
ATOM   392 C C2    . DT  B 1 7  ? 6.814   -6.495  -0.542  1.00 10.45 ? 7   DT  B C2    1 
ATOM   393 O O2    . DT  B 1 7  ? 6.093   -6.748  0.423   1.00 8.73  ? 7   DT  B O2    1 
ATOM   394 N N3    . DT  B 1 7  ? 6.327   -6.697  -1.832  1.00 8.47  ? 7   DT  B N3    1 
ATOM   395 C C4    . DT  B 1 7  ? 7.032   -6.451  -3.004  1.00 9.72  ? 7   DT  B C4    1 
ATOM   396 O O4    . DT  B 1 7  ? 6.518   -6.673  -4.121  1.00 9.68  ? 7   DT  B O4    1 
ATOM   397 C C5    . DT  B 1 7  ? 8.386   -5.938  -2.814  1.00 11.49 ? 7   DT  B C5    1 
ATOM   398 C C7    . DT  B 1 7  ? 9.203   -5.662  -4.039  1.00 12.84 ? 7   DT  B C7    1 
ATOM   399 C C6    . DT  B 1 7  ? 8.863   -5.724  -1.551  1.00 10.64 ? 7   DT  B C6    1 
ATOM   400 P P     . DT  B 1 8  ? 9.660   -6.553  5.474   1.00 12.73 ? 8   DT  B P     1 
ATOM   401 O OP1   . DT  B 1 8  ? 9.824   -5.386  6.388   1.00 21.39 ? 8   DT  B OP1   1 
ATOM   402 O OP2   . DT  B 1 8  ? 10.622  -7.694  5.545   1.00 11.49 ? 8   DT  B OP2   1 
ATOM   403 O "O5'" . DT  B 1 8  ? 8.177   -7.159  5.692   1.00 11.12 ? 8   DT  B "O5'" 1 
ATOM   404 C "C5'" . DT  B 1 8  ? 6.907   -6.390  5.785   1.00 10.66 ? 8   DT  B "C5'" 1 
ATOM   405 C "C4'" . DT  B 1 8  ? 5.738   -7.347  6.123   1.00 10.66 ? 8   DT  B "C4'" 1 
ATOM   406 O "O4'" . DT  B 1 8  ? 5.595   -8.404  5.120   1.00 11.06 ? 8   DT  B "O4'" 1 
ATOM   407 C "C3'" . DT  B 1 8  ? 5.767   -8.071  7.493   1.00 9.56  ? 8   DT  B "C3'" 1 
ATOM   408 O "O3'" . DT  B 1 8  ? 4.424   -8.092  8.042   1.00 10.46 ? 8   DT  B "O3'" 1 
ATOM   409 C "C2'" . DT  B 1 8  ? 6.292   -9.467  7.122   1.00 10.05 ? 8   DT  B "C2'" 1 
ATOM   410 C "C1'" . DT  B 1 8  ? 5.684   -9.704  5.736   1.00 11.46 ? 8   DT  B "C1'" 1 
ATOM   411 N N1    . DT  B 1 8  ? 6.449   -10.669 4.811   1.00 11.90 ? 8   DT  B N1    1 
ATOM   412 C C2    . DT  B 1 8  ? 5.818   -11.815 4.303   1.00 16.83 ? 8   DT  B C2    1 
ATOM   413 O O2    . DT  B 1 8  ? 4.663   -12.141 4.578   1.00 16.86 ? 8   DT  B O2    1 
ATOM   414 N N3    . DT  B 1 8  ? 6.584   -12.599 3.454   1.00 10.56 ? 8   DT  B N3    1 
ATOM   415 C C4    . DT  B 1 8  ? 7.897   -12.363 3.061   1.00 10.27 ? 8   DT  B C4    1 
ATOM   416 O O4    . DT  B 1 8  ? 8.493   -13.129 2.287   1.00 11.39 ? 8   DT  B O4    1 
ATOM   417 C C5    . DT  B 1 8  ? 8.512   -11.159 3.593   1.00 10.98 ? 8   DT  B C5    1 
ATOM   418 C C7    . DT  B 1 8  ? 9.954   -10.823 3.251   1.00 10.85 ? 8   DT  B C7    1 
ATOM   419 C C6    . DT  B 1 8  ? 7.763   -10.403 4.436   1.00 10.21 ? 8   DT  B C6    1 
ATOM   420 P P     . DG  B 1 9  ? 4.160   -8.227  9.641   1.00 12.84 ? 9   DG  B P     1 
ATOM   421 O OP1   . DG  B 1 9  ? 5.080   -9.263  10.179  1.00 15.92 ? 9   DG  B OP1   1 
ATOM   422 O OP2   . DG  B 1 9  ? 2.683   -8.320  9.838   1.00 14.56 ? 9   DG  B OP2   1 
ATOM   423 O "O5'" . DG  B 1 9  ? 4.649   -6.805  10.258  1.00 11.53 ? 9   DG  B "O5'" 1 
ATOM   424 C "C5'" . DG  B 1 9  ? 3.907   -5.552  10.168  1.00 14.02 ? 9   DG  B "C5'" 1 
ATOM   425 C "C4'" . DG  B 1 9  ? 4.852   -4.342  10.269  1.00 13.27 ? 9   DG  B "C4'" 1 
ATOM   426 O "O4'" . DG  B 1 9  ? 5.625   -4.258  9.010   1.00 11.39 ? 9   DG  B "O4'" 1 
ATOM   427 C "C3'" . DG  B 1 9  ? 4.234   -2.939  10.520  1.00 13.81 ? 9   DG  B "C3'" 1 
ATOM   428 O "O3'" . DG  B 1 9  ? 5.134   -2.157  11.423  1.00 18.13 ? 9   DG  B "O3'" 1 
ATOM   429 C "C2'" . DG  B 1 9  ? 4.112   -2.430  9.069   1.00 14.94 ? 9   DG  B "C2'" 1 
ATOM   430 C "C1'" . DG  B 1 9  ? 5.326   -3.033  8.329   1.00 10.96 ? 9   DG  B "C1'" 1 
ATOM   431 N N9    . DG  B 1 9  ? 5.182   -3.167  6.849   1.00 9.42  ? 9   DG  B N9    1 
ATOM   432 C C8    . DG  B 1 9  ? 6.055   -2.660  5.890   1.00 9.13  ? 9   DG  B C8    1 
ATOM   433 N N7    . DG  B 1 9  ? 5.684   -2.919  4.651   1.00 8.52  ? 9   DG  B N7    1 
ATOM   434 C C5    . DG  B 1 9  ? 4.478   -3.630  4.808   1.00 7.12  ? 9   DG  B C5    1 
ATOM   435 C C6    . DG  B 1 9  ? 3.593   -4.165  3.834   1.00 7.35  ? 9   DG  B C6    1 
ATOM   436 O O6    . DG  B 1 9  ? 3.741   -4.109  2.606   1.00 8.50  ? 9   DG  B O6    1 
ATOM   437 N N1    . DG  B 1 9  ? 2.471   -4.824  4.352   1.00 7.83  ? 9   DG  B N1    1 
ATOM   438 C C2    . DG  B 1 9  ? 2.229   -4.947  5.707   1.00 8.65  ? 9   DG  B C2    1 
ATOM   439 N N2    . DG  B 1 9  ? 1.109   -5.611  6.071   1.00 8.48  ? 9   DG  B N2    1 
ATOM   440 N N3    . DG  B 1 9  ? 3.049   -4.450  6.649   1.00 9.50  ? 9   DG  B N3    1 
ATOM   441 C C4    . DG  B 1 9  ? 4.148   -3.793  6.138   1.00 6.92  ? 9   DG  B C4    1 
ATOM   442 P P     . DG  B 1 10 ? 4.844   -0.603  11.815  1.00 22.07 ? 10  DG  B P     1 
ATOM   443 O OP1   . DG  B 1 10 ? 5.712   -0.281  12.985  1.00 26.95 ? 10  DG  B OP1   1 
ATOM   444 O OP2   . DG  B 1 10 ? 3.374   -0.421  11.980  1.00 24.34 ? 10  DG  B OP2   1 
ATOM   445 O "O5'" . DG  B 1 10 ? 5.352   0.237   10.525  1.00 17.80 ? 10  DG  B "O5'" 1 
ATOM   446 C "C5'" . DG  B 1 10 ? 6.745   0.306   10.113  1.00 14.40 ? 10  DG  B "C5'" 1 
ATOM   447 C "C4'" . DG  B 1 10 ? 6.944   0.999   8.742   1.00 13.38 ? 10  DG  B "C4'" 1 
ATOM   448 O "O4'" . DG  B 1 10 ? 6.279   0.254   7.656   1.00 10.16 ? 10  DG  B "O4'" 1 
ATOM   449 C "C3'" . DG  B 1 10 ? 6.560   2.497   8.567   1.00 10.69 ? 10  DG  B "C3'" 1 
ATOM   450 O "O3'" . DG  B 1 10 ? 7.717   3.157   7.920   1.00 10.60 ? 10  DG  B "O3'" 1 
ATOM   451 C "C2'" . DG  B 1 10 ? 5.300   2.377   7.693   1.00 9.94  ? 10  DG  B "C2'" 1 
ATOM   452 C "C1'" . DG  B 1 10 ? 5.663   1.203   6.778   1.00 8.09  ? 10  DG  B "C1'" 1 
ATOM   453 N N9    . DG  B 1 10 ? 4.564   0.598   5.984   1.00 7.68  ? 10  DG  B N9    1 
ATOM   454 C C8    . DG  B 1 10 ? 3.350   0.084   6.443   1.00 8.49  ? 10  DG  B C8    1 
ATOM   455 N N7    . DG  B 1 10 ? 2.588   -0.405  5.495   1.00 6.96  ? 10  DG  B N7    1 
ATOM   456 C C5    . DG  B 1 10 ? 3.322   -0.184  4.310   1.00 6.43  ? 10  DG  B C5    1 
ATOM   457 C C6    . DG  B 1 10 ? 3.018   -0.484  2.952   1.00 8.48  ? 10  DG  B C6    1 
ATOM   458 O O6    . DG  B 1 10 ? 1.967   -1.030  2.528   1.00 7.24  ? 10  DG  B O6    1 
ATOM   459 N N1    . DG  B 1 10 ? 4.033   -0.087  2.043   1.00 7.18  ? 10  DG  B N1    1 
ATOM   460 C C2    . DG  B 1 10 ? 5.218   0.511   2.410   1.00 6.48  ? 10  DG  B C2    1 
ATOM   461 N N2    . DG  B 1 10 ? 6.085   0.821   1.411   1.00 8.51  ? 10  DG  B N2    1 
ATOM   462 N N3    . DG  B 1 10 ? 5.528   0.784   3.696   1.00 8.19  ? 10  DG  B N3    1 
ATOM   463 C C4    . DG  B 1 10 ? 4.543   0.421   4.590   1.00 7.37  ? 10  DG  B C4    1 
ATOM   464 P P     . DG  B 1 11 ? 7.858   4.776   7.777   1.00 10.93 ? 11  DG  B P     1 
ATOM   465 O OP1   . DG  B 1 11 ? 9.222   5.040   7.258   1.00 12.90 ? 11  DG  B OP1   1 
ATOM   466 O OP2   . DG  B 1 11 ? 7.454   5.421   9.068   1.00 13.97 ? 11  DG  B OP2   1 
ATOM   467 O "O5'" . DG  B 1 11 ? 6.807   5.167   6.617   1.00 10.34 ? 11  DG  B "O5'" 1 
ATOM   468 C "C5'" . DG  B 1 11 ? 6.838   4.566   5.261   1.00 10.06 ? 11  DG  B "C5'" 1 
ATOM   469 C "C4'" . DG  B 1 11 ? 7.666   5.334   4.195   1.00 10.21 ? 11  DG  B "C4'" 1 
ATOM   470 O "O4'" . DG  B 1 11 ? 7.426   4.692   2.890   1.00 9.55  ? 11  DG  B "O4'" 1 
ATOM   471 C "C3'" . DG  B 1 11 ? 7.353   6.833   3.940   1.00 11.46 ? 11  DG  B "C3'" 1 
ATOM   472 O "O3'" . DG  B 1 11 ? 8.573   7.499   3.451   1.00 9.43  ? 11  DG  B "O3'" 1 
ATOM   473 C "C2'" . DG  B 1 11 ? 6.237   6.732   2.888   1.00 9.59  ? 11  DG  B "C2'" 1 
ATOM   474 C "C1'" . DG  B 1 11 ? 6.673   5.549   2.019   1.00 8.33  ? 11  DG  B "C1'" 1 
ATOM   475 N N9    . DG  B 1 11 ? 5.560   4.853   1.295   1.00 7.54  ? 11  DG  B N9    1 
ATOM   476 C C8    . DG  B 1 11 ? 5.468   4.667   -0.092  1.00 9.84  ? 11  DG  B C8    1 
ATOM   477 N N7    . DG  B 1 11 ? 4.398   4.001   -0.494  1.00 7.28  ? 11  DG  B N7    1 
ATOM   478 C C5    . DG  B 1 11 ? 3.700   3.735   0.702   1.00 7.03  ? 11  DG  B C5    1 
ATOM   479 C C6    . DG  B 1 11 ? 2.455   3.063   0.940   1.00 7.01  ? 11  DG  B C6    1 
ATOM   480 O O6    . DG  B 1 11 ? 1.700   2.555   0.064   1.00 5.99  ? 11  DG  B O6    1 
ATOM   481 N N1    . DG  B 1 11 ? 2.103   3.007   2.303   1.00 6.12  ? 11  DG  B N1    1 
ATOM   482 C C2    . DG  B 1 11 ? 2.867   3.541   3.330   1.00 6.19  ? 11  DG  B C2    1 
ATOM   483 N N2    . DG  B 1 11 ? 2.410   3.405   4.597   1.00 7.32  ? 11  DG  B N2    1 
ATOM   484 N N3    . DG  B 1 11 ? 4.043   4.169   3.150   1.00 7.65  ? 11  DG  B N3    1 
ATOM   485 C C4    . DG  B 1 11 ? 4.400   4.238   1.813   1.00 7.03  ? 11  DG  B C4    1 
ATOM   486 P P     . DG  B 1 12 ? 8.637   9.106   3.160   1.00 9.88  ? 12  DG  B P     1 
ATOM   487 O OP1   . DG  B 1 12 ? 10.082  9.473   3.057   1.00 11.26 ? 12  DG  B OP1   1 
ATOM   488 O OP2   . DG  B 1 12 ? 7.759   9.808   4.141   1.00 11.95 ? 12  DG  B OP2   1 
ATOM   489 O "O5'" . DG  B 1 12 ? 7.943   9.279   1.708   1.00 9.63  ? 12  DG  B "O5'" 1 
ATOM   490 C "C5'" . DG  B 1 12 ? 8.506   8.863   0.427   1.00 9.34  ? 12  DG  B "C5'" 1 
ATOM   491 C "C4'" . DG  B 1 12 ? 7.496   9.047   -0.723  1.00 10.05 ? 12  DG  B "C4'" 1 
ATOM   492 O "O4'" . DG  B 1 12 ? 6.337   8.149   -0.617  1.00 8.78  ? 12  DG  B "O4'" 1 
ATOM   493 C "C3'" . DG  B 1 12 ? 6.877   10.451  -0.827  1.00 8.24  ? 12  DG  B "C3'" 1 
ATOM   494 O "O3'" . DG  B 1 12 ? 7.072   11.007  -2.142  1.00 12.89 ? 12  DG  B "O3'" 1 
ATOM   495 C "C2'" . DG  B 1 12 ? 5.397   10.259  -0.485  1.00 9.14  ? 12  DG  B "C2'" 1 
ATOM   496 C "C1'" . DG  B 1 12 ? 5.124   8.844   -0.989  1.00 7.69  ? 12  DG  B "C1'" 1 
ATOM   497 N N9    . DG  B 1 12 ? 3.926   8.163   -0.431  1.00 7.01  ? 12  DG  B N9    1 
ATOM   498 C C8    . DG  B 1 12 ? 3.586   8.032   0.917   1.00 8.29  ? 12  DG  B C8    1 
ATOM   499 N N7    . DG  B 1 12 ? 2.483   7.334   1.139   1.00 7.73  ? 12  DG  B N7    1 
ATOM   500 C C5    . DG  B 1 12 ? 2.052   6.969   -0.149  1.00 6.79  ? 12  DG  B C5    1 
ATOM   501 C C6    . DG  B 1 12 ? 0.904   6.201   -0.553  1.00 6.76  ? 12  DG  B C6    1 
ATOM   502 O O6    . DG  B 1 12 ? 0.031   5.677   0.203   1.00 7.99  ? 12  DG  B O6    1 
ATOM   503 N N1    . DG  B 1 12 ? 0.807   6.097   -1.945  1.00 7.58  ? 12  DG  B N1    1 
ATOM   504 C C2    . DG  B 1 12 ? 1.699   6.654   -2.846  1.00 7.25  ? 12  DG  B C2    1 
ATOM   505 N N2    . DG  B 1 12 ? 1.422   6.432   -4.159  1.00 8.45  ? 12  DG  B N2    1 
ATOM   506 N N3    . DG  B 1 12 ? 2.786   7.344   -2.481  1.00 7.61  ? 12  DG  B N3    1 
ATOM   507 C C4    . DG  B 1 12 ? 2.921   7.464   -1.119  1.00 7.15  ? 12  DG  B C4    1 
HETATM 508 K K     . K   C 2 .  ? 1.713   -3.261  0.449   1.00 6.37  ? 14  K   A K     1 
HETATM 509 K K     . K   D 2 .  ? 0.249   -0.066  0.115   1.00 5.52  ? 15  K   A K     1 
HETATM 510 K K     . K   E 2 .  ? -1.443  3.213   -0.142  1.00 5.80  ? 16  K   A K     1 
HETATM 511 N N1    . RNR F 3 .  ? -2.561  8.239   1.820   1.00 8.05  ? 17  RNR A N1    1 
HETATM 512 C C2    . RNR F 3 .  ? -3.302  7.910   2.981   1.00 9.26  ? 17  RNR A C2    1 
HETATM 513 C C3    . RNR F 3 .  ? -4.539  7.207   2.849   1.00 9.73  ? 17  RNR A C3    1 
HETATM 514 C C4    . RNR F 3 .  ? -5.261  6.879   4.041   1.00 11.69 ? 17  RNR A C4    1 
HETATM 515 C C5    . RNR F 3 .  ? -4.770  7.249   5.302   1.00 11.30 ? 17  RNR A C5    1 
HETATM 516 C C6    . RNR F 3 .  ? -3.550  7.941   5.435   1.00 11.60 ? 17  RNR A C6    1 
HETATM 517 C C7    . RNR F 3 .  ? -2.826  8.276   4.245   1.00 10.28 ? 17  RNR A C7    1 
HETATM 518 C C8    . RNR F 3 .  ? -1.571  9.008   4.380   1.00 12.33 ? 17  RNR A C8    1 
HETATM 519 C C9    . RNR F 3 .  ? -0.836  9.346   3.164   1.00 10.74 ? 17  RNR A C9    1 
HETATM 520 C C10   . RNR F 3 .  ? 0.411   10.081  3.263   1.00 10.25 ? 17  RNR A C10   1 
HETATM 521 C C11   . RNR F 3 .  ? 1.094   10.403  2.065   1.00 10.09 ? 17  RNR A C11   1 
HETATM 522 C C12   . RNR F 3 .  ? 0.560   10.025  0.807   1.00 9.38  ? 17  RNR A C12   1 
HETATM 523 C C13   . RNR F 3 .  ? -0.672  9.287   0.709   1.00 8.51  ? 17  RNR A C13   1 
HETATM 524 C C14   . RNR F 3 .  ? -1.367  8.958   1.933   1.00 8.85  ? 17  RNR A C14   1 
HETATM 525 N N15   . RNR F 3 .  ? 1.282   10.527  -0.366  1.00 9.46  ? 17  RNR A N15   1 
HETATM 526 C C16   . RNR F 3 .  ? 1.003   10.276  -1.760  1.00 8.45  ? 17  RNR A C16   1 
HETATM 527 O O17   . RNR F 3 .  ? 0.133   9.480   -2.131  1.00 8.45  ? 17  RNR A O17   1 
HETATM 528 C C18   . RNR F 3 .  ? 1.903   10.980  -2.775  1.00 12.84 ? 17  RNR A C18   1 
HETATM 529 C C19   . RNR F 3 .  ? 1.799   10.535  -4.229  1.00 10.34 ? 17  RNR A C19   1 
HETATM 530 N N20   . RNR F 3 .  ? 2.749   11.131  -5.187  0.85 17.54 ? 17  RNR A N20   1 
HETATM 531 C C21   . RNR F 3 .  ? 4.158   10.954  -4.960  0.49 22.47 ? 17  RNR A C21   1 
HETATM 532 C C22   . RNR F 3 .  ? 4.886   11.393  -6.186  0.68 22.72 ? 17  RNR A C22   1 
HETATM 533 F F23   . RNR F 3 .  ? 5.509   12.557  -5.997  0.90 23.56 ? 17  RNR A F23   1 
HETATM 534 C C24   . RNR F 3 .  ? 3.864   11.470  -7.257  0.97 22.43 ? 17  RNR A C24   1 
HETATM 535 C C25   . RNR F 3 .  ? 2.551   11.123  -6.620  1.00 19.75 ? 17  RNR A C25   1 
HETATM 536 N N26   . RNR F 3 .  ? -6.639  6.283   4.016   1.00 15.26 ? 17  RNR A N26   1 
HETATM 537 C C27   . RNR F 3 .  ? -7.362  5.791   2.890   1.00 13.08 ? 17  RNR A C27   1 
HETATM 538 O O28   . RNR F 3 .  ? -6.838  5.560   1.799   1.00 11.00 ? 17  RNR A O28   1 
HETATM 539 C C29   . RNR F 3 .  ? -8.830  5.463   3.108   1.00 20.10 ? 17  RNR A C29   1 
HETATM 540 C C30   . RNR F 3 .  ? -9.560  4.878   1.919   1.00 16.80 ? 17  RNR A C30   1 
HETATM 541 N N31   . RNR F 3 .  ? -10.930 5.297   1.675   1.00 25.77 ? 17  RNR A N31   1 
HETATM 542 C C32   . RNR F 3 .  ? -11.673 4.906   0.515   1.00 28.44 ? 17  RNR A C32   1 
HETATM 543 C C33   . RNR F 3 .  ? -13.102 4.785   0.917   1.00 42.95 ? 17  RNR A C33   1 
HETATM 544 F F34   . RNR F 3 .  ? -13.775 5.786   0.408   1.00 56.09 ? 17  RNR A F34   1 
HETATM 545 C C35   . RNR F 3 .  ? -13.141 4.872   2.372   1.00 42.05 ? 17  RNR A C35   1 
HETATM 546 C C36   . RNR F 3 .  ? -11.828 5.447   2.779   1.00 33.06 ? 17  RNR A C36   1 
HETATM 547 K K     . K   G 2 .  ? 3.290   -6.522  0.655   1.00 7.85  ? 13  K   B K     1 
HETATM 548 O O     . HOH H 4 .  ? 9.108   3.344   -1.427  1.00 10.50 ? 13  HOH A O     1 
HETATM 549 O O     . HOH H 4 .  ? 3.259   8.571   5.795   1.00 12.64 ? 18  HOH A O     1 
HETATM 550 O O     . HOH H 4 .  ? -3.848  -1.807  -7.204  1.00 12.60 ? 19  HOH A O     1 
HETATM 551 O O     . HOH H 4 .  ? 1.897   -0.915  -8.413  1.00 13.94 ? 20  HOH A O     1 
HETATM 552 O O     . HOH H 4 .  ? 5.563   -1.060  -7.462  1.00 11.34 ? 22  HOH A O     1 
HETATM 553 O O     . HOH H 4 .  ? -4.054  -9.546  -3.029  1.00 12.82 ? 23  HOH A O     1 
HETATM 554 O O     . HOH H 4 .  ? 0.125   -3.347  8.930   1.00 14.94 ? 24  HOH A O     1 
HETATM 555 O O     . HOH H 4 .  ? -1.303  -1.592  -8.699  1.00 17.87 ? 26  HOH A O     1 
HETATM 556 O O     . HOH H 4 .  ? -6.846  11.089  -2.042  1.00 16.17 ? 29  HOH A O     1 
HETATM 557 O O     . HOH H 4 .  ? -1.568  -8.249  8.093   1.00 15.45 ? 30  HOH A O     1 
HETATM 558 O O     . HOH H 4 .  ? -9.533  0.080   -4.321  1.00 15.23 ? 32  HOH A O     1 
HETATM 559 O O     . HOH H 4 .  ? -1.630  11.753  -6.241  1.00 17.22 ? 36  HOH A O     1 
HETATM 560 O O     . HOH H 4 .  ? 7.757   -2.889  -7.062  1.00 15.61 ? 37  HOH A O     1 
HETATM 561 O O     . HOH H 4 .  ? -4.526  9.473   -13.791 1.00 21.57 ? 38  HOH A O     1 
HETATM 562 O O     . HOH H 4 .  ? 11.391  1.003   1.770   1.00 23.24 ? 40  HOH A O     1 
HETATM 563 O O     . HOH H 4 .  ? -8.175  10.807  -8.317  1.00 18.98 ? 41  HOH A O     1 
HETATM 564 O O     . HOH H 4 .  ? -5.924  0.622   6.921   1.00 17.51 ? 42  HOH A O     1 
HETATM 565 O O     . HOH H 4 .  ? 10.974  3.710   -8.910  1.00 21.80 ? 47  HOH A O     1 
HETATM 566 O O     . HOH H 4 .  ? -10.912 5.367   13.351  1.00 16.85 ? 48  HOH A O     1 
HETATM 567 O O     . HOH H 4 .  ? -8.201  7.330   6.551   1.00 20.25 ? 50  HOH A O     1 
HETATM 568 O O     . HOH H 4 .  ? -11.061 10.445  -3.743  1.00 22.06 ? 51  HOH A O     1 
HETATM 569 O O     . HOH H 4 .  ? -0.933  0.610   -10.503 1.00 18.01 ? 52  HOH A O     1 
HETATM 570 O O     . HOH H 4 .  ? -13.228 8.084   10.748  1.00 18.93 ? 54  HOH A O     1 
HETATM 571 O O     . HOH H 4 .  ? -0.457  13.572  -4.468  1.00 17.93 ? 55  HOH A O     1 
HETATM 572 O O     . HOH H 4 .  ? -6.496  10.727  -4.718  1.00 18.56 ? 56  HOH A O     1 
HETATM 573 O O     . HOH H 4 .  ? 10.186  -1.301  3.142   1.00 13.87 ? 57  HOH A O     1 
HETATM 574 O O     . HOH H 4 .  ? -5.165  9.397   -9.868  1.00 23.58 ? 62  HOH A O     1 
HETATM 575 O O     . HOH H 4 .  ? -10.279 11.960  -5.594  1.00 28.72 ? 63  HOH A O     1 
HETATM 576 O O     . HOH H 4 .  ? -2.248  6.909   14.816  1.00 24.27 ? 64  HOH A O     1 
HETATM 577 O O     . HOH H 4 .  ? -7.281  2.953   -14.176 1.00 25.32 ? 66  HOH A O     1 
HETATM 578 O O     . HOH H 4 .  ? 14.431  -0.077  -6.060  1.00 31.02 ? 68  HOH A O     1 
HETATM 579 O O     . HOH H 4 .  ? 0.524   9.161   -12.193 1.00 27.19 ? 70  HOH A O     1 
HETATM 580 O O     . HOH H 4 .  ? -10.648 12.589  -0.471  1.00 30.51 ? 72  HOH A O     1 
HETATM 581 O O     . HOH H 4 .  ? -0.364  13.054  4.998   1.00 23.35 ? 73  HOH A O     1 
HETATM 582 O O     . HOH H 4 .  ? 0.802   2.181   -14.084 1.00 21.99 ? 75  HOH A O     1 
HETATM 583 O O     . HOH H 4 .  ? -4.343  12.273  -6.757  1.00 28.63 ? 79  HOH A O     1 
HETATM 584 O O     . HOH H 4 .  ? -5.659  -7.965  0.784   1.00 24.33 ? 80  HOH A O     1 
HETATM 585 O O     . HOH H 4 .  ? 4.218   8.900   8.391   1.00 35.27 ? 81  HOH A O     1 
HETATM 586 O O     . HOH H 4 .  ? 0.122   9.632   12.268  1.00 30.49 ? 82  HOH A O     1 
HETATM 587 O O     . HOH H 4 .  ? -2.306  9.526   13.454  1.00 33.37 ? 84  HOH A O     1 
HETATM 588 O O     . HOH H 4 .  ? 1.996   13.645  4.606   1.00 30.93 ? 85  HOH A O     1 
HETATM 589 O O     . HOH H 4 .  ? 1.912   1.602   9.439   1.00 15.88 ? 86  HOH A O     1 
HETATM 590 O O     . HOH H 4 .  ? 0.854   9.669   -14.834 1.00 27.19 ? 89  HOH A O     1 
HETATM 591 O O     . HOH H 4 .  ? -1.057  10.048  -10.049 1.00 28.56 ? 91  HOH A O     1 
HETATM 592 O O     . HOH H 4 .  ? -12.653 10.484  -0.735  1.00 33.79 ? 92  HOH A O     1 
HETATM 593 O O     . HOH H 4 .  ? -2.605  12.852  5.593   1.00 29.76 ? 93  HOH A O     1 
HETATM 594 O O     . HOH H 4 .  ? -12.522 6.018   -5.063  1.00 31.06 ? 94  HOH A O     1 
HETATM 595 O O     . HOH H 4 .  ? -6.260  14.007  -1.479  1.00 31.01 ? 95  HOH A O     1 
HETATM 596 O O     . HOH H 4 .  ? -11.308 6.918   6.064   1.00 29.23 ? 97  HOH A O     1 
HETATM 597 O O     . HOH H 4 .  ? -5.204  11.379  -8.983  1.00 31.60 ? 100 HOH A O     1 
HETATM 598 O O     . HOH H 4 .  ? 2.962   4.072   9.900   1.00 35.93 ? 102 HOH A O     1 
HETATM 599 O O     . HOH H 4 .  ? 1.758   0.437   -16.195 1.00 40.87 ? 103 HOH A O     1 
HETATM 600 O O     . HOH H 4 .  ? -11.801 -13.779 9.481   1.00 44.01 ? 105 HOH A O     1 
HETATM 601 O O     . HOH H 4 .  ? -11.009 10.823  5.516   1.00 37.76 ? 108 HOH A O     1 
HETATM 602 O O     . HOH H 4 .  ? -13.062 8.569   -1.883  1.00 39.78 ? 110 HOH A O     1 
HETATM 603 O O     . HOH H 4 .  ? -7.208  -4.896  12.590  1.00 32.45 ? 113 HOH A O     1 
HETATM 604 O O     . HOH H 4 .  ? -4.854  -5.111  13.211  1.00 25.80 ? 114 HOH A O     1 
HETATM 605 O O     . HOH H 4 .  ? -7.393  -9.074  12.030  1.00 29.64 ? 115 HOH A O     1 
HETATM 606 O O     . HOH H 4 .  ? -7.112  3.204   -17.074 1.00 35.84 ? 117 HOH A O     1 
HETATM 607 O O     . HOH H 4 .  ? -11.288 -13.901 12.269  1.00 42.48 ? 119 HOH A O     1 
HETATM 608 O O     . HOH H 4 .  ? -9.260  13.505  -7.297  1.00 23.29 ? 121 HOH A O     1 
HETATM 609 O O     . HOH H 4 .  ? 11.294  5.796   -6.973  1.00 35.81 ? 122 HOH A O     1 
HETATM 610 O O     . HOH H 4 .  ? 8.926   6.584   -6.088  1.00 31.20 ? 123 HOH A O     1 
HETATM 611 O O     . HOH H 4 .  ? -1.704  14.569  8.702   1.00 42.98 ? 125 HOH A O     1 
HETATM 612 O O     . HOH H 4 .  ? 15.872  1.986   -3.130  1.00 39.84 ? 127 HOH A O     1 
HETATM 613 O O     . HOH H 4 .  ? 9.217   -4.174  -9.324  1.00 36.31 ? 128 HOH A O     1 
HETATM 614 O O     . HOH H 4 .  ? -9.740  3.360   -17.350 1.00 28.82 ? 131 HOH A O     1 
HETATM 615 O O     . HOH H 4 .  ? -3.117  -7.028  11.957  1.00 38.22 ? 138 HOH A O     1 
HETATM 616 O O     . HOH H 4 .  ? -14.563 -9.728  10.026  1.00 42.32 ? 139 HOH A O     1 
HETATM 617 O O     . HOH H 4 .  ? 2.567   8.296   12.573  1.00 44.37 ? 140 HOH A O     1 
HETATM 618 O O     . HOH H 4 .  ? -11.996 13.310  -8.466  1.00 27.05 ? 142 HOH A O     1 
HETATM 619 O O     . HOH H 4 .  ? 3.688   5.509   11.751  1.00 38.42 ? 144 HOH A O     1 
HETATM 620 O O     . HOH H 4 .  ? 0.127   12.613  -8.762  1.00 34.23 ? 146 HOH A O     1 
HETATM 621 O O     . HOH H 4 .  ? -12.652 3.382   -3.272  0.5  35.17 ? 147 HOH A O     1 
HETATM 622 O O     . HOH H 4 .  ? -8.784  14.323  1.647   1.00 36.98 ? 148 HOH A O     1 
HETATM 623 O O     . HOH H 4 .  ? -2.098  0.873   -13.206 1.00 34.49 ? 151 HOH A O     1 
HETATM 624 O O     . HOH H 4 .  ? -2.323  7.548   -14.501 1.00 39.19 ? 156 HOH A O     1 
HETATM 625 O O     . HOH H 4 .  ? -1.541  -2.915  11.023  1.00 35.63 ? 157 HOH A O     1 
HETATM 626 O O     . HOH H 4 .  ? -6.961  16.171  2.914   1.00 40.43 ? 158 HOH A O     1 
HETATM 627 O O     . HOH H 4 .  ? -7.097  -2.202  4.699   1.00 14.74 ? 162 HOH A O     1 
HETATM 628 O O     . HOH H 4 .  ? -3.380  7.739   12.593  1.00 37.52 ? 166 HOH A O     1 
HETATM 629 O O     . HOH H 4 .  ? -7.475  -1.197  7.906   1.00 37.63 ? 167 HOH A O     1 
HETATM 630 O O     . HOH H 4 .  ? -0.475  6.478   -15.296 1.00 39.96 ? 168 HOH A O     1 
HETATM 631 O O     . HOH H 4 .  ? -5.916  -11.710 -2.642  1.00 37.08 ? 170 HOH A O     1 
HETATM 632 O O     . HOH H 4 .  ? -8.806  -3.742  10.926  1.00 40.46 ? 171 HOH A O     1 
HETATM 633 O O     . HOH H 4 .  ? -6.668  18.453  4.387   1.00 39.14 ? 173 HOH A O     1 
HETATM 634 O O     . HOH I 4 .  ? 4.102   -8.354  2.761   1.00 10.45 ? 14  HOH B O     1 
HETATM 635 O O     . HOH I 4 .  ? 7.739   -14.480 -3.469  1.00 10.92 ? 15  HOH B O     1 
HETATM 636 O O     . HOH I 4 .  ? 5.046   -14.182 -6.833  1.00 14.62 ? 16  HOH B O     1 
HETATM 637 O O     . HOH I 4 .  ? 8.541   0.537   4.544   1.00 12.50 ? 17  HOH B O     1 
HETATM 638 O O     . HOH I 4 .  ? 14.361  -8.814  2.649   1.00 11.66 ? 18  HOH B O     1 
HETATM 639 O O     . HOH I 4 .  ? -2.797  -10.391 -5.589  1.00 11.51 ? 19  HOH B O     1 
HETATM 640 O O     . HOH I 4 .  ? 8.789   2.490   1.315   1.00 10.54 ? 20  HOH B O     1 
HETATM 641 O O     . HOH I 4 .  ? -7.153  -1.260  -5.286  1.00 11.26 ? 21  HOH B O     1 
HETATM 642 O O     . HOH I 4 .  ? 3.006   7.560   -6.623  1.00 14.53 ? 22  HOH B O     1 
HETATM 643 O O     . HOH I 4 .  ? 6.554   -5.553  -6.842  1.00 12.93 ? 23  HOH B O     1 
HETATM 644 O O     . HOH I 4 .  ? 1.642   -9.090  1.506   1.00 10.18 ? 24  HOH B O     1 
HETATM 645 O O     . HOH I 4 .  ? 0.473   -6.415  9.051   1.00 13.23 ? 25  HOH B O     1 
HETATM 646 O O     . HOH I 4 .  ? 13.211  -8.839  5.212   1.00 10.17 ? 26  HOH B O     1 
HETATM 647 O O     . HOH I 4 .  ? 9.843   -8.984  -8.308  1.00 16.58 ? 27  HOH B O     1 
HETATM 648 O O     . HOH I 4 .  ? -8.573  -9.121  -7.922  1.00 16.86 ? 28  HOH B O     1 
HETATM 649 O O     . HOH I 4 .  ? 4.925   10.025  3.583   1.00 12.03 ? 29  HOH B O     1 
HETATM 650 O O     . HOH I 4 .  ? -5.625  -7.217  -1.732  1.00 11.26 ? 30  HOH B O     1 
HETATM 651 O O     . HOH I 4 .  ? 6.578   13.719  -1.806  1.00 16.46 ? 31  HOH B O     1 
HETATM 652 O O     . HOH I 4 .  ? -8.115  -3.876  2.630   1.00 11.54 ? 32  HOH B O     1 
HETATM 653 O O     . HOH I 4 .  ? 2.471   -12.957 -6.714  1.00 18.02 ? 33  HOH B O     1 
HETATM 654 O O     . HOH I 4 .  ? -2.344  -13.114 -6.624  1.00 20.92 ? 34  HOH B O     1 
HETATM 655 O O     . HOH I 4 .  ? 2.426   -12.307 2.742   1.00 16.42 ? 35  HOH B O     1 
HETATM 656 O O     . HOH I 4 .  ? -0.427  -10.920 2.102   1.00 11.13 ? 36  HOH B O     1 
HETATM 657 O O     . HOH I 4 .  ? -10.165 -9.634  -5.953  1.00 14.38 ? 37  HOH B O     1 
HETATM 658 O O     . HOH I 4 .  ? 3.105   5.251   6.954   1.00 16.54 ? 39  HOH B O     1 
HETATM 659 O O     . HOH I 4 .  ? 10.532  -2.492  -6.067  1.00 18.40 ? 43  HOH B O     1 
HETATM 660 O O     . HOH I 4 .  ? 8.462   10.432  6.765   1.00 17.89 ? 44  HOH B O     1 
HETATM 661 O O     . HOH I 4 .  ? 10.173  -14.992 -2.241  1.00 19.69 ? 45  HOH B O     1 
HETATM 662 O O     . HOH I 4 .  ? 4.512   12.810  2.583   1.00 19.60 ? 46  HOH B O     1 
HETATM 663 O O     . HOH I 4 .  ? 1.129   -9.061  11.867  1.00 22.72 ? 49  HOH B O     1 
HETATM 664 O O     . HOH I 4 .  ? -6.123  -6.808  -11.619 1.00 20.24 ? 53  HOH B O     1 
HETATM 665 O O     . HOH I 4 .  ? 12.682  -3.901  -4.728  1.00 21.30 ? 58  HOH B O     1 
HETATM 666 O O     . HOH I 4 .  ? 12.845  -5.422  -2.511  1.00 20.86 ? 59  HOH B O     1 
HETATM 667 O O     . HOH I 4 .  ? 10.777  -14.304 0.825   1.00 21.98 ? 60  HOH B O     1 
HETATM 668 O O     . HOH I 4 .  ? 13.141  -12.257 0.891   1.00 27.79 ? 61  HOH B O     1 
HETATM 669 O O     . HOH I 4 .  ? 2.604   -4.938  -8.476  1.00 22.72 ? 65  HOH B O     1 
HETATM 670 O O     . HOH I 4 .  ? 12.088  -7.610  -6.968  1.00 28.33 ? 67  HOH B O     1 
HETATM 671 O O     . HOH I 4 .  ? -3.704  -13.681 -8.976  1.00 36.06 ? 69  HOH B O     1 
HETATM 672 O O     . HOH I 4 .  ? 1.984   1.775   13.488  1.00 25.48 ? 71  HOH B O     1 
HETATM 673 O O     . HOH I 4 .  ? 11.808  -11.766 -5.508  1.00 24.91 ? 74  HOH B O     1 
HETATM 674 O O     . HOH I 4 .  ? -8.641  -0.400  6.098   1.00 22.70 ? 76  HOH B O     1 
HETATM 675 O O     . HOH I 4 .  ? 0.093   -14.377 -6.795  1.00 24.58 ? 77  HOH B O     1 
HETATM 676 O O     . HOH I 4 .  ? -3.983  -10.295 -12.182 1.00 29.12 ? 78  HOH B O     1 
HETATM 677 O O     . HOH I 4 .  ? 9.353   -14.653 -7.078  1.00 26.70 ? 83  HOH B O     1 
HETATM 678 O O     . HOH I 4 .  ? 15.701  -8.325  -0.831  1.00 27.15 ? 87  HOH B O     1 
HETATM 679 O O     . HOH I 4 .  ? 15.107  -4.531  -0.522  1.00 21.86 ? 88  HOH B O     1 
HETATM 680 O O     . HOH I 4 .  ? 15.120  -2.493  -4.548  1.00 27.34 ? 90  HOH B O     1 
HETATM 681 O O     . HOH I 4 .  ? -6.449  2.794   8.589   1.00 31.42 ? 96  HOH B O     1 
HETATM 682 O O     . HOH I 4 .  ? 14.335  -8.284  -8.303  1.00 34.66 ? 98  HOH B O     1 
HETATM 683 O O     . HOH I 4 .  ? 11.722  -4.686  -7.510  1.00 27.71 ? 99  HOH B O     1 
HETATM 684 O O     . HOH I 4 .  ? 7.080   8.848   8.740   1.00 31.05 ? 101 HOH B O     1 
HETATM 685 O O     . HOH I 4 .  ? -9.688  -8.022  3.973   1.00 34.83 ? 104 HOH B O     1 
HETATM 686 O O     . HOH I 4 .  ? 7.789   -7.073  -8.914  1.00 31.35 ? 106 HOH B O     1 
HETATM 687 O O     . HOH I 4 .  ? 4.768   2.265   14.642  1.00 41.63 ? 107 HOH B O     1 
HETATM 688 O O     . HOH I 4 .  ? -8.209  -8.644  1.302   1.00 37.65 ? 109 HOH B O     1 
HETATM 689 O O     . HOH I 4 .  ? 12.420  -13.695 -3.407  1.00 32.59 ? 111 HOH B O     1 
HETATM 690 O O     . HOH I 4 .  ? 6.869   9.285   -4.628  1.00 39.60 ? 112 HOH B O     1 
HETATM 691 O O     . HOH I 4 .  ? 5.017   -15.304 -9.214  1.00 42.31 ? 116 HOH B O     1 
HETATM 692 O O     . HOH I 4 .  ? -15.227 -4.587  2.845   1.00 35.60 ? 118 HOH B O     1 
HETATM 693 O O     . HOH I 4 .  ? 7.173   -8.079  12.195  1.00 35.94 ? 120 HOH B O     1 
HETATM 694 O O     . HOH I 4 .  ? -7.728  2.873   6.351   1.00 42.22 ? 124 HOH B O     1 
HETATM 695 O O     . HOH I 4 .  ? 10.157  3.087   5.089   1.00 20.21 ? 126 HOH B O     1 
HETATM 696 O O     . HOH I 4 .  ? 6.502   -8.395  -11.217 1.00 35.13 ? 129 HOH B O     1 
HETATM 697 O O     . HOH I 4 .  ? 12.850  -9.171  -4.583  1.00 27.18 ? 130 HOH B O     1 
HETATM 698 O O     . HOH I 4 .  ? 2.599   -13.893 -11.642 1.00 40.54 ? 132 HOH B O     1 
HETATM 699 O O     . HOH I 4 .  ? -6.218  -9.524  -4.785  1.00 34.05 ? 133 HOH B O     1 
HETATM 700 O O     . HOH I 4 .  ? 12.419  -13.979 -0.833  1.00 42.52 ? 134 HOH B O     1 
HETATM 701 O O     . HOH I 4 .  ? -4.591  -10.188 -14.937 1.00 44.48 ? 135 HOH B O     1 
HETATM 702 O O     . HOH I 4 .  ? 6.017   14.954  3.792   1.00 35.92 ? 136 HOH B O     1 
HETATM 703 O O     . HOH I 4 .  ? 4.485   -7.497  -11.940 1.00 41.65 ? 137 HOH B O     1 
HETATM 704 O O     . HOH I 4 .  ? -7.572  -6.018  -13.969 1.00 39.65 ? 141 HOH B O     1 
HETATM 705 O O     . HOH I 4 .  ? -2.487  -12.788 -11.335 1.00 37.70 ? 143 HOH B O     1 
HETATM 706 O O     . HOH I 4 .  ? 0.983   -6.631  -12.919 1.00 40.12 ? 145 HOH B O     1 
HETATM 707 O O     . HOH I 4 .  ? 1.048   -4.800  -10.868 1.00 41.82 ? 149 HOH B O     1 
HETATM 708 O O     . HOH I 4 .  ? -7.531  -6.483  2.765   1.00 29.43 ? 150 HOH B O     1 
HETATM 709 O O     . HOH I 4 .  ? -9.101  -8.339  -0.937  1.00 30.92 ? 152 HOH B O     1 
HETATM 710 O O     . HOH I 4 .  ? -10.272 2.983   7.311   1.00 35.62 ? 153 HOH B O     1 
HETATM 711 O O     . HOH I 4 .  ? 8.753   7.475   10.686  1.00 37.57 ? 154 HOH B O     1 
HETATM 712 O O     . HOH I 4 .  ? -11.118 -4.691  5.392   1.00 37.24 ? 155 HOH B O     1 
HETATM 713 O O     . HOH I 4 .  ? -0.358  -15.868 -9.487  1.00 39.70 ? 159 HOH B O     1 
HETATM 714 O O     . HOH I 4 .  ? 8.471   -16.858 -7.969  1.00 39.27 ? 160 HOH B O     1 
HETATM 715 O O     . HOH I 4 .  ? -6.172  -11.307 -13.491 1.00 40.04 ? 161 HOH B O     1 
HETATM 716 O O     . HOH I 4 .  ? 1.093   -10.339 8.026   1.00 26.94 ? 163 HOH B O     1 
HETATM 717 O O     . HOH I 4 .  ? 0.442   -13.033 6.865   1.00 31.15 ? 164 HOH B O     1 
HETATM 718 O O     . HOH I 4 .  ? 4.466   6.021   9.283   1.00 29.34 ? 165 HOH B O     1 
HETATM 719 O O     . HOH I 4 .  ? 2.274   -9.350  14.720  1.00 35.75 ? 169 HOH B O     1 
HETATM 720 O O     . HOH I 4 .  ? -8.543  -11.154 -0.455  1.00 40.32 ? 172 HOH B O     1 
HETATM 721 O O     . HOH I 4 .  ? -8.644  -9.860  -2.349  1.00 40.18 ? 174 HOH B O     1 
HETATM 722 O O     . HOH I 4 .  ? -9.046  -4.879  6.327   1.00 39.57 ? 175 HOH B O     1 
HETATM 723 O O     . HOH I 4 .  ? -5.503  -13.697 -14.957 1.00 38.89 ? 176 HOH B O     1 
HETATM 724 O O     . HOH I 4 .  ? -14.663 -4.976  5.536   1.00 40.10 ? 177 HOH B O     1 
# 
loop_
_atom_site_anisotrop.id 
_atom_site_anisotrop.type_symbol 
_atom_site_anisotrop.pdbx_label_atom_id 
_atom_site_anisotrop.pdbx_label_alt_id 
_atom_site_anisotrop.pdbx_label_comp_id 
_atom_site_anisotrop.pdbx_label_asym_id 
_atom_site_anisotrop.pdbx_label_seq_id 
_atom_site_anisotrop.pdbx_PDB_ins_code 
_atom_site_anisotrop.U[1][1] 
_atom_site_anisotrop.U[2][2] 
_atom_site_anisotrop.U[3][3] 
_atom_site_anisotrop.U[1][2] 
_atom_site_anisotrop.U[1][3] 
_atom_site_anisotrop.U[2][3] 
_atom_site_anisotrop.pdbx_auth_seq_id 
_atom_site_anisotrop.pdbx_auth_comp_id 
_atom_site_anisotrop.pdbx_auth_asym_id 
_atom_site_anisotrop.pdbx_auth_atom_id 
1   O "O5'" A DG  A 1  ? 0.0423 0.1738 0.2508 -0.0109 -0.0129 0.0732  1  DG  A "O5'" 
2   O "O5'" B DG  A 1  ? 0.1092 0.1006 0.3111 -0.0335 -0.1004 0.0070  1  DG  A "O5'" 
3   C "C5'" . DG  A 1  ? 0.0637 0.1504 0.2908 -0.0273 -0.0537 -0.0105 1  DG  A "C5'" 
4   C "C4'" . DG  A 1  ? 0.0877 0.1465 0.1920 -0.0227 -0.0316 0.0283  1  DG  A "C4'" 
5   O "O4'" . DG  A 1  ? 0.0845 0.1449 0.2663 -0.0538 -0.0505 -0.0401 1  DG  A "O4'" 
6   C "C3'" . DG  A 1  ? 0.0593 0.0627 0.2157 -0.0024 -0.0207 0.0039  1  DG  A "C3'" 
7   O "O3'" . DG  A 1  ? 0.1021 0.0973 0.1908 -0.0786 -0.0033 0.0264  1  DG  A "O3'" 
8   C "C2'" . DG  A 1  ? 0.0760 0.0958 0.1643 -0.0627 -0.0318 0.0084  1  DG  A "C2'" 
9   C "C1'" . DG  A 1  ? 0.1004 0.0960 0.2089 -0.0278 -0.0601 0.0212  1  DG  A "C1'" 
10  N N9    . DG  A 1  ? 0.0342 0.1060 0.2329 -0.0503 -0.0523 0.0287  1  DG  A N9    
11  C C8    . DG  A 1  ? 0.0918 0.0931 0.1924 -0.0214 -0.0449 0.0110  1  DG  A C8    
12  N N7    . DG  A 1  ? 0.0604 0.0816 0.2096 -0.0320 -0.0507 0.0393  1  DG  A N7    
13  C C5    . DG  A 1  ? 0.0589 0.0773 0.1572 -0.0506 -0.0518 0.0279  1  DG  A C5    
14  C C6    . DG  A 1  ? 0.0574 0.0527 0.2128 -0.0388 -0.0795 0.0083  1  DG  A C6    
15  O O6    . DG  A 1  ? 0.0956 0.0495 0.1491 -0.0153 -0.0515 0.0065  1  DG  A O6    
16  N N1    . DG  A 1  ? 0.0698 0.0508 0.1684 -0.0392 -0.0715 0.0133  1  DG  A N1    
17  C C2    . DG  A 1  ? 0.0885 0.0425 0.1894 -0.0565 -0.0770 0.0354  1  DG  A C2    
18  N N2    . DG  A 1  ? 0.0992 0.0796 0.2100 -0.0574 -0.1177 0.0163  1  DG  A N2    
19  N N3    . DG  A 1  ? 0.1183 0.0530 0.2095 -0.0624 -0.0952 0.0217  1  DG  A N3    
20  C C4    . DG  A 1  ? 0.0544 0.0814 0.2031 -0.0402 -0.0111 -0.0030 1  DG  A C4    
21  P P     . DG  A 2  ? 0.0839 0.1381 0.1710 -0.0705 -0.0372 0.0123  2  DG  A P     
22  O OP1   . DG  A 2  ? 0.0888 0.2012 0.1873 -0.0815 -0.0343 0.0387  2  DG  A OP1   
23  O OP2   . DG  A 2  ? 0.0880 0.1274 0.2471 -0.0818 -0.0616 0.0403  2  DG  A OP2   
24  O "O5'" . DG  A 2  ? 0.0668 0.1415 0.1607 -0.0567 -0.0290 0.0167  2  DG  A "O5'" 
25  C "C5'" . DG  A 2  ? 0.0787 0.2607 0.1663 -0.0792 0.0137  0.0405  2  DG  A "C5'" 
26  C "C4'" . DG  A 2  ? 0.0335 0.2484 0.2033 -0.0723 -0.0134 0.0164  2  DG  A "C4'" 
27  O "O4'" . DG  A 2  ? 0.0626 0.1539 0.1511 -0.0595 -0.0231 0.0063  2  DG  A "O4'" 
28  C "C3'" . DG  A 2  ? 0.1135 0.1098 0.1581 -0.0606 -0.0399 0.0247  2  DG  A "C3'" 
29  O "O3'" . DG  A 2  ? 0.1039 0.1850 0.1328 -0.0735 -0.0172 0.0433  2  DG  A "O3'" 
30  C "C2'" . DG  A 2  ? 0.0824 0.1461 0.1417 -0.0799 -0.0094 0.0577  2  DG  A "C2'" 
31  C "C1'" . DG  A 2  ? 0.0644 0.1222 0.1524 -0.0675 -0.0177 0.0462  2  DG  A "C1'" 
32  N N9    . DG  A 2  ? 0.0445 0.0801 0.1436 -0.0541 -0.0368 0.0210  2  DG  A N9    
33  C C8    . DG  A 2  ? 0.0624 0.1436 0.1106 -0.0698 -0.0326 0.0130  2  DG  A C8    
34  N N7    . DG  A 2  ? 0.0593 0.0546 0.1411 -0.0446 -0.0535 0.0021  2  DG  A N7    
35  C C5    . DG  A 2  ? 0.0481 0.0545 0.1346 -0.0438 -0.0134 0.0183  2  DG  A C5    
36  C C6    . DG  A 2  ? 0.1077 0.0883 0.0443 -0.0126 -0.0170 0.0482  2  DG  A C6    
37  O O6    . DG  A 2  ? 0.0502 0.0495 0.2000 -0.0294 -0.0761 -0.0011 2  DG  A O6    
38  N N1    . DG  A 2  ? 0.0856 0.0640 0.1072 -0.0181 -0.0402 -0.0005 2  DG  A N1    
39  C C2    . DG  A 2  ? 0.1182 0.0699 0.0676 -0.0467 -0.0568 -0.0062 2  DG  A C2    
40  N N2    . DG  A 2  ? 0.1178 0.0808 0.1135 -0.0269 -0.0347 0.0178  2  DG  A N2    
41  N N3    . DG  A 2  ? 0.0725 0.0545 0.1631 -0.0575 -0.0089 0.0247  2  DG  A N3    
42  C C4    . DG  A 2  ? 0.0447 0.0855 0.1296 -0.0539 -0.0317 0.0056  2  DG  A C4    
43  P P     . DG  A 3  ? 0.1493 0.1585 0.1814 -0.0834 -0.0164 0.0530  3  DG  A P     
44  O OP1   . DG  A 3  ? 0.1959 0.2387 0.1949 -0.0968 -0.0312 0.0765  3  DG  A OP1   
45  O OP2   . DG  A 3  ? 0.1552 0.0879 0.2260 -0.0650 -0.0275 0.0701  3  DG  A OP2   
46  O "O5'" . DG  A 3  ? 0.1209 0.1700 0.1631 -0.0937 -0.0508 0.0746  3  DG  A "O5'" 
47  C "C5'" . DG  A 3  ? 0.1104 0.1145 0.1308 -0.0553 -0.0147 0.0362  3  DG  A "C5'" 
48  C "C4'" . DG  A 3  ? 0.0959 0.0893 0.1621 -0.0484 -0.0070 0.0081  3  DG  A "C4'" 
49  O "O4'" . DG  A 3  ? 0.1000 0.0857 0.1402 -0.0314 -0.0209 0.0173  3  DG  A "O4'" 
50  C "C3'" . DG  A 3  ? 0.1321 0.1107 0.1061 -0.0480 -0.0135 0.0194  3  DG  A "C3'" 
51  O "O3'" . DG  A 3  ? 0.1278 0.1662 0.1033 -0.0395 -0.0134 0.0472  3  DG  A "O3'" 
52  C "C2'" . DG  A 3  ? 0.0806 0.0897 0.1732 -0.0390 -0.0005 0.0339  3  DG  A "C2'" 
53  C "C1'" . DG  A 3  ? 0.0699 0.1388 0.1280 -0.0693 -0.0391 0.0455  3  DG  A "C1'" 
54  N N9    . DG  A 3  ? 0.0653 0.0817 0.1269 -0.0644 -0.0311 0.0250  3  DG  A N9    
55  C C8    . DG  A 3  ? 0.1311 0.0809 0.1077 -0.0477 -0.0630 0.0288  3  DG  A C8    
56  N N7    . DG  A 3  ? 0.0720 0.0472 0.1314 -0.0293 -0.0449 0.0296  3  DG  A N7    
57  C C5    . DG  A 3  ? 0.0826 0.0409 0.1095 -0.0230 -0.0131 0.0254  3  DG  A C5    
58  C C6    . DG  A 3  ? 0.0734 0.0593 0.1212 -0.0439 0.0088  0.0542  3  DG  A C6    
59  O O6    . DG  A 3  ? 0.0641 0.0716 0.1377 -0.0311 -0.0653 0.0114  3  DG  A O6    
60  N N1    . DG  A 3  ? 0.0547 0.0584 0.1705 -0.0540 -0.0184 0.0310  3  DG  A N1    
61  C C2    . DG  A 3  ? 0.0717 0.0302 0.1372 -0.0314 -0.0506 -0.0141 3  DG  A C2    
62  N N2    . DG  A 3  ? 0.0835 0.0408 0.1213 -0.0360 -0.0109 0.0028  3  DG  A N2    
63  N N3    . DG  A 3  ? 0.0928 0.0527 0.1039 -0.0256 -0.0565 -0.0034 3  DG  A N3    
64  C C4    . DG  A 3  ? 0.0828 0.0634 0.0879 -0.0517 -0.0458 -0.0054 3  DG  A C4    
65  P P     . DG  A 4  ? 0.1420 0.1759 0.1361 -0.0609 -0.0412 0.0760  4  DG  A P     
66  O OP1   . DG  A 4  ? 0.1065 0.3263 0.1742 -0.0427 -0.0389 0.1372  4  DG  A OP1   
67  O OP2   . DG  A 4  ? 0.1198 0.2076 0.2354 -0.0357 -0.0358 0.1317  4  DG  A OP2   
68  O "O5'" . DG  A 4  ? 0.1102 0.1661 0.1414 -0.0593 -0.0409 0.0583  4  DG  A "O5'" 
69  C "C5'" . DG  A 4  ? 0.1600 0.1498 0.1355 -0.0828 -0.0504 0.0074  4  DG  A "C5'" 
70  C "C4'" . DG  A 4  ? 0.1062 0.1258 0.1232 -0.0554 -0.0348 -0.0074 4  DG  A "C4'" 
71  O "O4'" . DG  A 4  ? 0.1053 0.1148 0.1233 -0.0252 -0.0601 0.0061  4  DG  A "O4'" 
72  C "C3'" . DG  A 4  ? 0.1284 0.0789 0.1639 -0.0547 -0.0661 0.0378  4  DG  A "C3'" 
73  O "O3'" . DG  A 4  ? 0.0978 0.1226 0.1623 -0.0530 -0.0679 0.0361  4  DG  A "O3'" 
74  C "C2'" . DG  A 4  ? 0.1398 0.1155 0.0873 -0.0577 -0.0422 0.0295  4  DG  A "C2'" 
75  C "C1'" . DG  A 4  ? 0.0888 0.0702 0.1057 -0.0173 -0.0537 0.0101  4  DG  A "C1'" 
76  N N9    . DG  A 4  ? 0.0810 0.0532 0.1386 -0.0496 -0.0507 0.0250  4  DG  A N9    
77  C C8    . DG  A 4  ? 0.0836 0.0904 0.0957 -0.0480 -0.0388 0.0493  4  DG  A C8    
78  N N7    . DG  A 4  ? 0.0849 0.0552 0.1116 -0.0249 -0.0355 0.0080  4  DG  A N7    
79  C C5    . DG  A 4  ? 0.0894 0.0398 0.1048 -0.0370 -0.0595 0.0450  4  DG  A C5    
80  C C6    . DG  A 4  ? 0.0721 0.0608 0.1307 -0.0321 -0.0865 0.0087  4  DG  A C6    
81  O O6    . DG  A 4  ? 0.0787 0.0414 0.1521 -0.0365 -0.0078 0.0194  4  DG  A O6    
82  N N1    . DG  A 4  ? 0.0751 0.0634 0.1181 -0.0606 -0.0643 0.0278  4  DG  A N1    
83  C C2    . DG  A 4  ? 0.0643 0.0441 0.1534 -0.0511 -0.0237 0.0179  4  DG  A C2    
84  N N2    . DG  A 4  ? 0.0833 0.0540 0.1815 -0.0234 -0.0758 0.0010  4  DG  A N2    
85  N N3    . DG  A 4  ? 0.0832 0.0618 0.1310 -0.0295 -0.0239 0.0321  4  DG  A N3    
86  C C4    . DG  A 4  ? 0.0876 0.0325 0.1105 -0.0495 -0.0642 0.0452  4  DG  A C4    
87  P P     . DT  A 5  ? 0.1304 0.1330 0.1496 -0.0344 -0.0699 0.0596  5  DT  A P     
88  O OP1   . DT  A 5  ? 0.1627 0.1806 0.1694 0.0048  -0.0813 0.0453  5  DT  A OP1   
89  O OP2   . DT  A 5  ? 0.1806 0.1646 0.2010 -0.0271 -0.0786 0.0834  5  DT  A OP2   
90  O "O5'" . DT  A 5  ? 0.1179 0.1220 0.1722 -0.0071 -0.0758 0.0447  5  DT  A "O5'" 
91  C "C5'" . DT  A 5  ? 0.1381 0.1229 0.1846 -0.0628 -0.0976 0.0493  5  DT  A "C5'" 
92  C "C4'" . DT  A 5  ? 0.1417 0.0551 0.1775 -0.0438 -0.0614 0.0499  5  DT  A "C4'" 
93  O "O4'" . DT  A 5  ? 0.1150 0.1040 0.1894 -0.0434 -0.1003 0.0279  5  DT  A "O4'" 
94  C "C3'" . DT  A 5  ? 0.1087 0.1715 0.1609 -0.0350 -0.0793 -0.0242 5  DT  A "C3'" 
95  O "O3'" . DT  A 5  ? 0.1168 0.1724 0.2158 -0.0310 -0.0975 -0.0310 5  DT  A "O3'" 
96  C "C2'" . DT  A 5  ? 0.0786 0.1161 0.2002 -0.0175 -0.0678 0.0148  5  DT  A "C2'" 
97  C "C1'" . DT  A 5  ? 0.1012 0.1071 0.2245 -0.0462 -0.1244 0.0734  5  DT  A "C1'" 
98  N N1    . DT  A 5  ? 0.1308 0.1149 0.3384 -0.0926 -0.0963 0.0740  5  DT  A N1    
99  C C2    . DT  A 5  ? 0.1473 0.1128 0.2514 -0.0706 -0.0096 -0.0435 5  DT  A C2    
100 O O2    . DT  A 5  ? 0.1630 0.1399 0.2617 -0.0382 -0.1124 0.0397  5  DT  A O2    
101 N N3    . DT  A 5  ? 0.1111 0.2014 0.2692 -0.0508 -0.0963 0.0014  5  DT  A N3    
102 C C4    . DT  A 5  ? 0.1463 0.0495 0.2873 0.0075  -0.1013 -0.0217 5  DT  A C4    
103 O O4    . DT  A 5  ? 0.2188 0.1970 0.1817 -0.0829 -0.0900 0.0398  5  DT  A O4    
104 C C5    . DT  A 5  ? 0.1977 0.1153 0.2680 -0.0695 -0.0836 -0.0100 5  DT  A C5    
105 C C7    . DT  A 5  ? 0.1945 0.1630 0.2878 -0.0805 -0.0786 -0.0400 5  DT  A C7    
106 C C6    . DT  A 5  ? 0.0649 0.0832 0.3500 -0.0392 -0.0835 0.0432  5  DT  A C6    
107 P P     . DT  A 6  ? 0.0880 0.2171 0.1695 -0.0146 -0.0748 -0.0024 6  DT  A P     
108 O OP1   . DT  A 6  ? 0.2115 0.2113 0.2380 0.0208  -0.1823 -0.0561 6  DT  A OP1   
109 O OP2   . DT  A 6  ? 0.1352 0.1968 0.1709 -0.0405 -0.0937 0.0073  6  DT  A OP2   
110 O "O5'" . DT  A 6  ? 0.0990 0.1545 0.1395 -0.0263 -0.0654 0.0527  6  DT  A "O5'" 
111 C "C5'" . DT  A 6  ? 0.0674 0.1396 0.2187 -0.0227 -0.0643 0.0187  6  DT  A "C5'" 
112 C "C4'" . DT  A 6  ? 0.0782 0.1757 0.1758 -0.0665 -0.0876 0.0583  6  DT  A "C4'" 
113 O "O4'" . DT  A 6  ? 0.0820 0.0643 0.1871 -0.0334 -0.0674 0.0188  6  DT  A "O4'" 
114 C "C3'" . DT  A 6  ? 0.1051 0.1375 0.1342 -0.0166 -0.0167 -0.0183 6  DT  A "C3'" 
115 O "O3'" . DT  A 6  ? 0.1220 0.2152 0.1782 0.0128  -0.0309 -0.0086 6  DT  A "O3'" 
116 C "C2'" . DT  A 6  ? 0.0801 0.1150 0.1353 -0.0299 -0.0367 -0.0032 6  DT  A "C2'" 
117 C "C1'" . DT  A 6  ? 0.1403 0.0599 0.1066 -0.0492 -0.0612 0.0201  6  DT  A "C1'" 
118 N N1    . DT  A 6  ? 0.1147 0.0644 0.1072 -0.0116 -0.0790 0.0253  6  DT  A N1    
119 C C2    . DT  A 6  ? 0.1315 0.0504 0.0868 -0.0210 -0.0694 0.0306  6  DT  A C2    
120 O O2    . DT  A 6  ? 0.0889 0.0760 0.1622 -0.0314 -0.0704 0.0242  6  DT  A O2    
121 N N3    . DT  A 6  ? 0.1379 0.0366 0.1348 -0.0318 -0.0730 0.0264  6  DT  A N3    
122 C C4    . DT  A 6  ? 0.1351 0.0269 0.1723 -0.0481 0.0133  0.0253  6  DT  A C4    
123 O O4    . DT  A 6  ? 0.1652 0.0781 0.1359 -0.0567 -0.0583 0.0168  6  DT  A O4    
124 C C5    . DT  A 6  ? 0.1218 0.0300 0.1467 -0.0362 -0.0694 0.0272  6  DT  A C5    
125 C C7    . DT  A 6  ? 0.1957 0.0708 0.1756 -0.0428 -0.0851 0.0465  6  DT  A C7    
126 C C6    . DT  A 6  ? 0.0905 0.0409 0.1441 -0.0481 -0.0430 0.0139  6  DT  A C6    
127 P P     . DT  A 7  ? 0.1161 0.2474 0.2031 -0.0160 -0.0391 -0.0121 7  DT  A P     
128 O OP1   . DT  A 7  ? 0.1874 0.1899 0.3240 0.0090  -0.0152 -0.0206 7  DT  A OP1   
129 O OP2   . DT  A 7  ? 0.1286 0.2393 0.3053 0.0319  -0.0507 -0.1141 7  DT  A OP2   
130 O "O5'" . DT  A 7  ? 0.1093 0.1969 0.2350 -0.0215 -0.0115 -0.0295 7  DT  A "O5'" 
131 C "C5'" . DT  A 7  ? 0.1705 0.1796 0.2548 -0.0369 -0.0804 -0.0020 7  DT  A "C5'" 
132 C "C4'" . DT  A 7  ? 0.1189 0.1025 0.2581 -0.0234 -0.0037 -0.0065 7  DT  A "C4'" 
133 O "O4'" . DT  A 7  ? 0.1407 0.0606 0.2118 -0.0254 -0.0008 0.0120  7  DT  A "O4'" 
134 C "C3'" . DT  A 7  ? 0.1723 0.1199 0.1346 -0.0202 -0.0546 0.0145  7  DT  A "C3'" 
135 O "O3'" . DT  A 7  ? 0.1841 0.1755 0.1518 -0.0796 -0.0036 0.0354  7  DT  A "O3'" 
136 C "C2'" . DT  A 7  ? 0.2290 0.0746 0.1662 -0.0489 -0.0023 0.0324  7  DT  A "C2'" 
137 C "C1'" . DT  A 7  ? 0.1273 0.0731 0.1537 -0.0385 -0.0139 0.0292  7  DT  A "C1'" 
138 N N1    . DT  A 7  ? 0.1337 0.0631 0.1556 0.0007  -0.0523 0.0270  7  DT  A N1    
139 C C2    . DT  A 7  ? 0.1464 0.0877 0.1075 -0.0154 -0.0567 0.0470  7  DT  A C2    
140 O O2    . DT  A 7  ? 0.1435 0.0974 0.1784 -0.0097 -0.0571 0.0336  7  DT  A O2    
141 N N3    . DT  A 7  ? 0.1376 0.0533 0.1830 -0.0124 -0.0612 0.0107  7  DT  A N3    
142 C C4    . DT  A 7  ? 0.1435 0.0740 0.1282 -0.0507 -0.0522 0.0394  7  DT  A C4    
143 O O4    . DT  A 7  ? 0.1860 0.0351 0.1792 -0.0352 -0.0615 0.0263  7  DT  A O4    
144 C C5    . DT  A 7  ? 0.1610 0.0525 0.1400 -0.0169 -0.0443 -0.0117 7  DT  A C5    
145 C C7    . DT  A 7  ? 0.1852 0.0503 0.2355 -0.0249 -0.0517 -0.0102 7  DT  A C7    
146 C C6    . DT  A 7  ? 0.1302 0.0669 0.1792 -0.0552 -0.0424 0.0239  7  DT  A C6    
147 P P     . DT  A 8  ? 0.1884 0.2483 0.1958 -0.0441 -0.0216 0.0365  8  DT  A P     
148 O OP1   . DT  A 8  ? 0.1446 0.4836 0.1921 -0.0897 -0.0404 0.1116  8  DT  A OP1   
149 O OP2   . DT  A 8  ? 0.2934 0.4094 0.2044 -0.0283 -0.0076 -0.0039 8  DT  A OP2   
150 O "O5'" . DT  A 8  ? 0.2813 0.1587 0.1283 -0.0625 -0.0490 0.0156  8  DT  A "O5'" 
151 C "C5'" . DT  A 8  ? 0.2959 0.1401 0.2140 -0.0850 -0.0266 0.0115  8  DT  A "C5'" 
152 C "C4'" . DT  A 8  ? 0.1640 0.1544 0.1787 -0.0351 -0.0145 0.0487  8  DT  A "C4'" 
153 O "O4'" . DT  A 8  ? 0.2086 0.1057 0.1616 -0.0494 -0.0411 -0.0106 8  DT  A "O4'" 
154 C "C3'" . DT  A 8  ? 0.1515 0.1058 0.2091 -0.0395 -0.0497 -0.0051 8  DT  A "C3'" 
155 O "O3'" . DT  A 8  ? 0.1905 0.1347 0.1972 -0.0758 0.0067  -0.0280 8  DT  A "O3'" 
156 C "C2'" . DT  A 8  ? 0.1485 0.0739 0.2041 -0.0462 -0.0053 -0.0251 8  DT  A "C2'" 
157 C "C1'" . DT  A 8  ? 0.1562 0.0996 0.1634 -0.0466 -0.0359 0.0384  8  DT  A "C1'" 
158 N N1    . DT  A 8  ? 0.2035 0.1012 0.1175 0.0033  -0.0286 0.0143  8  DT  A N1    
159 C C2    . DT  A 8  ? 0.1206 0.1188 0.2083 -0.0106 -0.0512 -0.0114 8  DT  A C2    
160 O O2    . DT  A 8  ? 0.1633 0.1449 0.1665 -0.0344 -0.0368 0.0328  8  DT  A O2    
161 N N3    . DT  A 8  ? 0.1959 0.1306 0.1673 -0.0350 -0.0666 0.0179  8  DT  A N3    
162 C C4    . DT  A 8  ? 0.1207 0.1369 0.1761 -0.0569 0.0372  0.0085  8  DT  A C4    
163 O O4    . DT  A 8  ? 0.1971 0.1345 0.1542 -0.0259 -0.0200 0.0159  8  DT  A O4    
164 C C5    . DT  A 8  ? 0.1741 0.0986 0.1670 -0.0287 0.0121  0.0427  8  DT  A C5    
165 C C7    . DT  A 8  ? 0.2354 0.1552 0.1350 -0.0257 0.0104  0.0028  8  DT  A C7    
166 C C6    . DT  A 8  ? 0.2098 0.0696 0.1481 -0.0247 0.0154  -0.0029 8  DT  A C6    
167 P P     . DG  A 9  ? 0.1962 0.1145 0.2461 -0.0940 -0.0387 -0.0241 9  DG  A P     
168 O OP1   . DG  A 9  ? 0.2112 0.1561 0.2882 -0.0878 -0.0701 -0.0579 9  DG  A OP1   
169 O OP2   . DG  A 9  ? 0.2252 0.1419 0.2488 -0.0936 0.0217  0.0101  9  DG  A OP2   
170 O "O5'" . DG  A 9  ? 0.1593 0.1417 0.2014 -0.1100 -0.0451 -0.0078 9  DG  A "O5'" 
171 C "C5'" . DG  A 9  ? 0.1305 0.1434 0.1687 -0.0199 -0.0416 -0.0219 9  DG  A "C5'" 
172 C "C4'" . DG  A 9  ? 0.1389 0.1670 0.1429 -0.0788 -0.0155 0.0342  9  DG  A "C4'" 
173 O "O4'" . DG  A 9  ? 0.1428 0.0962 0.1411 -0.0708 -0.0326 -0.0013 9  DG  A "O4'" 
174 C "C3'" . DG  A 9  ? 0.1847 0.1501 0.1201 -0.0666 -0.0238 -0.0089 9  DG  A "C3'" 
175 O "O3'" . DG  A 9  ? 0.2004 0.2017 0.1108 -0.0730 -0.0317 -0.0033 9  DG  A "O3'" 
176 C "C2'" . DG  A 9  ? 0.1550 0.1665 0.1190 -0.0368 -0.0450 -0.0247 9  DG  A "C2'" 
177 C "C1'" . DG  A 9  ? 0.1399 0.0903 0.1614 -0.0270 -0.0562 0.0222  9  DG  A "C1'" 
178 N N9    . DG  A 9  ? 0.1203 0.0682 0.1115 -0.0497 -0.0341 0.0006  9  DG  A N9    
179 C C8    . DG  A 9  ? 0.1356 0.0539 0.1307 -0.0220 -0.0014 0.0037  9  DG  A C8    
180 N N7    . DG  A 9  ? 0.1124 0.0583 0.1263 -0.0294 -0.0057 0.0137  9  DG  A N7    
181 C C5    . DG  A 9  ? 0.0833 0.0480 0.1091 -0.0366 -0.0421 -0.0065 9  DG  A C5    
182 C C6    . DG  A 9  ? 0.0789 0.0511 0.1080 -0.0316 -0.0739 -0.0050 9  DG  A C6    
183 O O6    . DG  A 9  ? 0.0687 0.0643 0.1348 -0.0383 -0.0382 0.0184  9  DG  A O6    
184 N N1    . DG  A 9  ? 0.0827 0.0657 0.1377 -0.0548 -0.0491 -0.0096 9  DG  A N1    
185 C C2    . DG  A 9  ? 0.0661 0.0576 0.2229 -0.0589 -0.0268 0.0422  9  DG  A C2    
186 N N2    . DG  A 9  ? 0.1107 0.0702 0.1291 -0.0133 -0.0597 0.0064  9  DG  A N2    
187 N N3    . DG  A 9  ? 0.0997 0.0929 0.1480 -0.0400 -0.0365 0.0440  9  DG  A N3    
188 C C4    . DG  A 9  ? 0.1130 0.0585 0.1205 -0.0454 -0.0140 0.0097  9  DG  A C4    
189 P P     . DG  A 10 ? 0.1927 0.2165 0.1174 -0.0858 -0.0564 0.0250  10 DG  A P     
190 O OP1   . DG  A 10 ? 0.3642 0.1815 0.1835 -0.0840 -0.1350 0.0513  10 DG  A OP1   
191 O OP2   . DG  A 10 ? 0.2835 0.1993 0.1799 -0.1228 -0.1607 0.0917  10 DG  A OP2   
192 O "O5'" . DG  A 10 ? 0.2523 0.3140 0.1291 -0.1718 -0.0440 0.0248  10 DG  A "O5'" 
193 C "C5'" . DG  A 10 ? 0.4480 0.2336 0.1214 -0.1535 -0.0519 0.0233  10 DG  A "C5'" 
194 C "C4'" . DG  A 10 ? 0.2405 0.0884 0.1658 -0.0593 -0.0407 0.0085  10 DG  A "C4'" 
195 O "O4'" . DG  A 10 ? 0.1967 0.0798 0.1038 -0.0562 0.0052  0.0089  10 DG  A "O4'" 
196 C "C3'" . DG  A 10 ? 0.3090 0.1989 0.1248 -0.0666 0.0073  -0.0190 10 DG  A "C3'" 
197 O "O3'" . DG  A 10 ? 0.4180 0.2634 0.1898 -0.2483 0.0316  -0.0534 10 DG  A "O3'" 
198 C "C2'" . DG  A 10 ? 0.2177 0.1289 0.1392 -0.0300 -0.0035 0.0402  10 DG  A "C2'" 
199 C "C1'" . DG  A 10 ? 0.1421 0.1009 0.1370 -0.0755 -0.0072 0.0203  10 DG  A "C1'" 
200 N N9    . DG  A 10 ? 0.0922 0.0751 0.1078 -0.0441 -0.0124 0.0102  10 DG  A N9    
201 C C8    . DG  A 10 ? 0.1122 0.0617 0.1058 -0.0396 -0.0098 0.0020  10 DG  A C8    
202 N N7    . DG  A 10 ? 0.0726 0.0447 0.1411 -0.0213 -0.0323 -0.0054 10 DG  A N7    
203 C C5    . DG  A 10 ? 0.0697 0.0351 0.0969 -0.0155 -0.0424 0.0187  10 DG  A C5    
204 C C6    . DG  A 10 ? 0.0409 0.0515 0.1458 -0.0358 -0.0064 0.0543  10 DG  A C6    
205 O O6    . DG  A 10 ? 0.0834 0.0482 0.1263 -0.0331 -0.0739 0.0149  10 DG  A O6    
206 N N1    . DG  A 10 ? 0.0489 0.0635 0.1433 -0.0271 -0.0199 0.0254  10 DG  A N1    
207 C C2    . DG  A 10 ? 0.0483 0.0671 0.1472 -0.0544 -0.0299 0.0252  10 DG  A C2    
208 N N2    . DG  A 10 ? 0.0846 0.1045 0.1099 -0.0475 -0.0048 0.0092  10 DG  A N2    
209 N N3    . DG  A 10 ? 0.0994 0.0797 0.1038 -0.0418 -0.0333 0.0126  10 DG  A N3    
210 C C4    . DG  A 10 ? 0.1089 0.0669 0.0696 -0.0364 -0.0357 0.0203  10 DG  A C4    
211 P P     . DG  A 11 ? 0.6946 0.1872 0.1708 -0.2655 0.0464  -0.0098 11 DG  A P     
212 O OP1   . DG  A 11 ? 0.5604 0.1257 0.4118 -0.2522 0.2289  -0.0660 11 DG  A OP1   
213 O OP2   . DG  A 11 ? 0.5749 0.1186 0.5286 -0.1314 -0.4359 0.0531  11 DG  A OP2   
214 O "O5'" . DG  A 11 ? 0.1983 0.1894 0.2623 -0.0409 -0.0574 -0.0670 11 DG  A "O5'" 
215 C "C5'" . DG  A 11 ? 0.1329 0.1393 0.1159 -0.0404 0.0092  -0.0212 11 DG  A "C5'" 
216 C "C4'" . DG  A 11 ? 0.1268 0.1734 0.1757 -0.0761 -0.0176 0.0393  11 DG  A "C4'" 
217 O "O4'" . DG  A 11 ? 0.1442 0.1453 0.1428 -0.0587 -0.0109 0.0453  11 DG  A "O4'" 
218 C "C3'" . DG  A 11 ? 0.1804 0.1096 0.1715 -0.0532 -0.0298 0.0197  11 DG  A "C3'" 
219 O "O3'" . DG  A 11 ? 0.2073 0.1247 0.1942 -0.1441 0.0063  0.0281  11 DG  A "O3'" 
220 C "C2'" . DG  A 11 ? 0.1087 0.1201 0.1046 -0.0481 -0.0324 0.0642  11 DG  A "C2'" 
221 C "C1'" . DG  A 11 ? 0.1044 0.0835 0.1795 -0.0351 0.0133  -0.0035 11 DG  A "C1'" 
222 N N9    . DG  A 11 ? 0.0854 0.0873 0.1092 -0.0641 -0.0217 0.0370  11 DG  A N9    
223 C C8    . DG  A 11 ? 0.0916 0.0372 0.1796 -0.0385 -0.0779 0.0351  11 DG  A C8    
224 N N7    . DG  A 11 ? 0.0594 0.0731 0.1423 -0.0560 -0.0299 0.0621  11 DG  A N7    
225 C C5    . DG  A 11 ? 0.0553 0.0738 0.1030 -0.0522 -0.0063 0.0414  11 DG  A C5    
226 C C6    . DG  A 11 ? 0.0881 0.0886 0.0388 -0.0135 -0.0272 0.0399  11 DG  A C6    
227 O O6    . DG  A 11 ? 0.0594 0.0617 0.1369 -0.0327 -0.0504 -0.0007 11 DG  A O6    
228 N N1    . DG  A 11 ? 0.0783 0.0725 0.0939 -0.0210 -0.0557 0.0174  11 DG  A N1    
229 C C2    . DG  A 11 ? 0.0924 0.0572 0.0887 -0.0231 -0.0685 -0.0209 11 DG  A C2    
230 N N2    . DG  A 11 ? 0.1127 0.0866 0.1287 -0.0059 -0.0403 0.0223  11 DG  A N2    
231 N N3    . DG  A 11 ? 0.0926 0.0732 0.1346 -0.0546 -0.0264 0.0276  11 DG  A N3    
232 C C4    . DG  A 11 ? 0.0493 0.0665 0.1078 -0.0443 -0.0248 0.0329  11 DG  A C4    
233 P P     . DG  A 12 ? 0.2878 0.1831 0.1673 -0.1765 -0.0307 0.0489  12 DG  A P     
234 O OP1   . DG  A 12 ? 0.3482 0.2524 0.2086 -0.1842 -0.0680 0.0629  12 DG  A OP1   
235 O OP2   . DG  A 12 ? 0.3514 0.1976 0.1569 -0.1700 -0.1003 0.0490  12 DG  A OP2   
236 O "O5'" . DG  A 12 ? 0.1985 0.1430 0.2329 -0.1141 -0.0777 0.0696  12 DG  A "O5'" 
237 C "C5'" . DG  A 12 ? 0.1433 0.1199 0.2839 -0.1044 0.0163  0.0574  12 DG  A "C5'" 
238 C "C4'" . DG  A 12 ? 0.1510 0.0646 0.1831 -0.0608 -0.0478 0.0507  12 DG  A "C4'" 
239 O "O4'" . DG  A 12 ? 0.1126 0.1093 0.1679 -0.0809 -0.0501 0.0710  12 DG  A "O4'" 
240 C "C3'" . DG  A 12 ? 0.1677 0.1190 0.1952 -0.0996 -0.1099 0.0492  12 DG  A "C3'" 
242 C "C2'" . DG  A 12 ? 0.1776 0.1146 0.1462 -0.0645 -0.0441 0.0768  12 DG  A "C2'" 
243 C "C1'" . DG  A 12 ? 0.1754 0.1142 0.1444 -0.0834 -0.0709 0.0718  12 DG  A "C1'" 
244 N N9    . DG  A 12 ? 0.0883 0.0963 0.1504 -0.0680 -0.0523 0.0420  12 DG  A N9    
245 C C8    . DG  A 12 ? 0.0616 0.1003 0.2049 -0.0496 -0.0362 0.0352  12 DG  A C8    
246 N N7    . DG  A 12 ? 0.1324 0.0952 0.1423 -0.0377 -0.0632 -0.0053 12 DG  A N7    
247 C C5    . DG  A 12 ? 0.0889 0.0624 0.1678 -0.0289 -0.0255 0.0433  12 DG  A C5    
248 C C6    . DG  A 12 ? 0.0802 0.0503 0.1997 -0.0343 -0.1039 0.0011  12 DG  A C6    
249 O O6    . DG  A 12 ? 0.0804 0.0850 0.1216 -0.0276 -0.0452 0.0140  12 DG  A O6    
250 N N1    . DG  A 12 ? 0.0723 0.0428 0.1861 -0.0227 -0.0642 -0.0043 12 DG  A N1    
251 C C2    . DG  A 12 ? 0.1087 0.0562 0.1043 -0.0117 -0.0718 0.0061  12 DG  A C2    
252 N N2    . DG  A 12 ? 0.0853 0.0647 0.1993 -0.0404 -0.0770 0.0311  12 DG  A N2    
253 N N3    . DG  A 12 ? 0.0998 0.0594 0.1399 -0.0263 -0.0605 0.0403  12 DG  A N3    
254 C C4    . DG  A 12 ? 0.0823 0.0693 0.1303 -0.0302 -0.0604 0.0096  12 DG  A C4    
255 O "O5'" . DG  B 1  ? 0.4017 0.2491 0.1985 -0.2033 0.0523  -0.0398 1  DG  B "O5'" 
256 C "C5'" . DG  B 1  ? 0.1109 0.2741 0.2838 -0.1185 -0.0264 -0.0217 1  DG  B "C5'" 
257 C "C4'" . DG  B 1  ? 0.1327 0.1488 0.1815 -0.0985 -0.0147 -0.0114 1  DG  B "C4'" 
258 O "O4'" . DG  B 1  ? 0.0940 0.1119 0.1878 -0.0661 -0.0073 0.0058  1  DG  B "O4'" 
259 C "C3'" . DG  B 1  ? 0.0943 0.1193 0.2235 -0.0705 0.0079  0.0163  1  DG  B "C3'" 
260 O "O3'" . DG  B 1  ? 0.0803 0.1048 0.1764 -0.0662 -0.0004 -0.0009 1  DG  B "O3'" 
261 C "C2'" . DG  B 1  ? 0.0922 0.1140 0.1683 -0.0841 -0.0268 0.0102  1  DG  B "C2'" 
262 C "C1'" . DG  B 1  ? 0.0838 0.0937 0.1477 -0.0087 -0.0102 -0.0028 1  DG  B "C1'" 
263 N N9    . DG  B 1  ? 0.0569 0.0918 0.1299 -0.0701 -0.0176 0.0198  1  DG  B N9    
264 C C8    . DG  B 1  ? 0.0597 0.0980 0.1470 -0.0699 -0.0403 0.0239  1  DG  B C8    
265 N N7    . DG  B 1  ? 0.0651 0.0531 0.1506 -0.0324 -0.0231 -0.0005 1  DG  B N7    
266 C C5    . DG  B 1  ? 0.0361 0.1048 0.1607 -0.0512 -0.0158 -0.0125 1  DG  B C5    
267 C C6    . DG  B 1  ? 0.0747 0.0703 0.1309 -0.0155 0.0501  0.0218  1  DG  B C6    
268 O O6    . DG  B 1  ? 0.0803 0.0537 0.1073 -0.0271 -0.0478 0.0175  1  DG  B O6    
269 N N1    . DG  B 1  ? 0.1379 0.0612 0.1054 -0.0433 0.0084  0.0240  1  DG  B N1    
270 C C2    . DG  B 1  ? 0.1330 0.0780 0.0741 -0.0322 -0.0398 0.0004  1  DG  B C2    
271 N N2    . DG  B 1  ? 0.1003 0.1263 0.1959 -0.0514 -0.0064 0.0522  1  DG  B N2    
272 N N3    . DG  B 1  ? 0.0905 0.1006 0.1330 -0.0425 -0.0552 -0.0208 1  DG  B N3    
273 C C4    . DG  B 1  ? 0.0346 0.0678 0.1834 -0.0437 -0.0402 0.0234  1  DG  B C4    
274 P P     . DG  B 2  ? 0.0978 0.1340 0.1674 -0.0822 -0.0176 0.0253  2  DG  B P     
275 O OP1   . DG  B 2  ? 0.1050 0.1569 0.1831 -0.0806 -0.0062 -0.0183 2  DG  B OP1   
276 O OP2   . DG  B 2  ? 0.1116 0.1598 0.2088 -0.0848 0.0316  0.0015  2  DG  B OP2   
277 O "O5'" . DG  B 2  ? 0.0819 0.1132 0.1801 -0.0735 -0.0207 0.0347  2  DG  B "O5'" 
278 C "C5'" . DG  B 2  ? 0.0891 0.1002 0.1460 -0.0630 -0.0435 0.0198  2  DG  B "C5'" 
279 C "C4'" . DG  B 2  ? 0.0627 0.1045 0.1334 -0.0542 0.0122  -0.0145 2  DG  B "C4'" 
280 O "O4'" . DG  B 2  ? 0.0607 0.0976 0.1362 -0.0715 -0.0328 0.0091  2  DG  B "O4'" 
281 C "C3'" . DG  B 2  ? 0.0790 0.0531 0.1611 -0.0218 -0.0417 0.0251  2  DG  B "C3'" 
282 O "O3'" . DG  B 2  ? 0.0608 0.0513 0.1714 -0.0482 -0.0477 0.0104  2  DG  B "O3'" 
283 C "C2'" . DG  B 2  ? 0.0459 0.0649 0.1735 -0.0474 -0.0445 0.0104  2  DG  B "C2'" 
284 C "C1'" . DG  B 2  ? 0.0391 0.0778 0.1562 -0.0304 -0.0548 -0.0036 2  DG  B "C1'" 
285 N N9    . DG  B 2  ? 0.0538 0.0702 0.1491 -0.0325 -0.0486 -0.0253 2  DG  B N9    
286 C C8    . DG  B 2  ? 0.0801 0.0986 0.1201 -0.0506 -0.0489 -0.0016 2  DG  B C8    
287 N N7    . DG  B 2  ? 0.0568 0.0862 0.1297 -0.0441 -0.0485 -0.0225 2  DG  B N7    
288 C C5    . DG  B 2  ? 0.0449 0.0668 0.1063 -0.0311 -0.0404 -0.0079 2  DG  B C5    
289 C C6    . DG  B 2  ? 0.0792 0.0622 0.0860 -0.0296 -0.0743 0.0040  2  DG  B C6    
290 O O6    . DG  B 2  ? 0.0725 0.0424 0.1229 -0.0308 -0.0261 0.0482  2  DG  B O6    
291 N N1    . DG  B 2  ? 0.0619 0.0403 0.1209 -0.0412 -0.0683 0.0272  2  DG  B N1    
292 C C2    . DG  B 2  ? 0.0413 0.0588 0.0876 -0.0225 -0.0326 0.0163  2  DG  B C2    
293 N N2    . DG  B 2  ? 0.0793 0.0460 0.1326 -0.0267 -0.0685 0.0114  2  DG  B N2    
294 N N3    . DG  B 2  ? 0.0635 0.0700 0.1163 -0.0473 -0.0422 0.0119  2  DG  B N3    
295 C C4    . DG  B 2  ? 0.0288 0.0653 0.1242 -0.0334 -0.0374 0.0079  2  DG  B C4    
296 P P     . DG  B 3  ? 0.0657 0.0491 0.1439 -0.0420 -0.0665 0.0171  3  DG  B P     
297 O OP1   . DG  B 3  ? 0.0871 0.0549 0.1746 -0.0192 -0.0732 0.0113  3  DG  B OP1   
298 O OP2   . DG  B 3  ? 0.1069 0.0741 0.1880 -0.0530 -0.0500 -0.0061 3  DG  B OP2   
299 O "O5'" . DG  B 3  ? 0.0789 0.0715 0.1442 -0.0446 -0.0704 -0.0021 3  DG  B "O5'" 
300 C "C5'" . DG  B 3  ? 0.0646 0.0911 0.1518 -0.0600 -0.0515 -0.0088 3  DG  B "C5'" 
301 C "C4'" . DG  B 3  ? 0.0883 0.0789 0.1427 -0.0702 -0.0470 -0.0016 3  DG  B "C4'" 
302 O "O4'" . DG  B 3  ? 0.0768 0.0776 0.1227 -0.0502 -0.0631 0.0066  3  DG  B "O4'" 
303 C "C3'" . DG  B 3  ? 0.0896 0.0598 0.1022 -0.0164 -0.0629 -0.0134 3  DG  B "C3'" 
304 O "O3'" . DG  B 3  ? 0.0732 0.0840 0.1738 -0.0343 -0.0775 0.0090  3  DG  B "O3'" 
305 C "C2'" . DG  B 3  ? 0.0893 0.0778 0.1377 -0.0578 -0.0435 -0.0077 3  DG  B "C2'" 
306 C "C1'" . DG  B 3  ? 0.0634 0.1645 0.1278 -0.0677 -0.0686 0.0103  3  DG  B "C1'" 
307 N N9    . DG  B 3  ? 0.0607 0.1088 0.1295 -0.0611 -0.0514 -0.0060 3  DG  B N9    
308 C C8    . DG  B 3  ? 0.0841 0.1046 0.1200 -0.0297 -0.0560 0.0033  3  DG  B C8    
309 N N7    . DG  B 3  ? 0.0607 0.0760 0.1228 -0.0341 -0.0323 -0.0102 3  DG  B N7    
310 C C5    . DG  B 3  ? 0.0667 0.0739 0.1025 -0.0462 -0.0507 -0.0097 3  DG  B C5    
311 C C6    . DG  B 3  ? 0.0481 0.0541 0.2240 -0.0361 -0.0596 -0.0119 3  DG  B C6    
312 O O6    . DG  B 3  ? 0.0607 0.0748 0.0945 -0.0223 -0.0243 0.0150  3  DG  B O6    
313 N N1    . DG  B 3  ? 0.0531 0.0548 0.1512 -0.0486 -0.0489 0.0212  3  DG  B N1    
314 C C2    . DG  B 3  ? 0.0752 0.0494 0.1242 -0.0566 -0.0489 0.0267  3  DG  B C2    
315 N N2    . DG  B 3  ? 0.1027 0.0524 0.1282 -0.0449 -0.0596 0.0271  3  DG  B N2    
316 N N3    . DG  B 3  ? 0.0721 0.0680 0.1345 -0.0227 -0.0623 0.0122  3  DG  B N3    
317 C C4    . DG  B 3  ? 0.0607 0.0915 0.1357 -0.0348 -0.0566 0.0020  3  DG  B C4    
318 P P     . DG  B 4  ? 0.0864 0.0840 0.1465 -0.0454 -0.0672 -0.0074 4  DG  B P     
319 O OP1   . DG  B 4  ? 0.1015 0.1073 0.1918 -0.0459 -0.0512 -0.0376 4  DG  B OP1   
320 O OP2   . DG  B 4  ? 0.0937 0.0896 0.1526 -0.0418 -0.0493 -0.0082 4  DG  B OP2   
321 O "O5'" . DG  B 4  ? 0.0564 0.0782 0.1534 -0.0239 -0.0599 -0.0023 4  DG  B "O5'" 
322 C "C5'" . DG  B 4  ? 0.0946 0.1149 0.1278 -0.0377 -0.0481 -0.0034 4  DG  B "C5'" 
323 C "C4'" . DG  B 4  ? 0.0896 0.1222 0.1325 -0.0327 -0.0538 -0.0142 4  DG  B "C4'" 
324 O "O4'" . DG  B 4  ? 0.0994 0.1159 0.0942 -0.0245 -0.0511 0.0182  4  DG  B "O4'" 
325 C "C3'" . DG  B 4  ? 0.0853 0.1054 0.1664 -0.0147 -0.0369 -0.0291 4  DG  B "C3'" 
326 O "O3'" . DG  B 4  ? 0.0839 0.1792 0.1301 -0.0083 -0.0409 -0.0147 4  DG  B "O3'" 
327 C "C2'" . DG  B 4  ? 0.0967 0.0755 0.1279 -0.0161 -0.0373 0.0037  4  DG  B "C2'" 
328 C "C1'" . DG  B 4  ? 0.1351 0.0903 0.0763 -0.0352 -0.0442 -0.0184 4  DG  B "C1'" 
329 N N9    . DG  B 4  ? 0.0578 0.0745 0.1549 -0.0442 -0.0340 0.0071  4  DG  B N9    
330 C C8    . DG  B 4  ? 0.0734 0.0835 0.1509 -0.0258 -0.0567 -0.0128 4  DG  B C8    
331 N N7    . DG  B 4  ? 0.0596 0.0596 0.1691 -0.0474 -0.0637 0.0251  4  DG  B N7    
332 C C5    . DG  B 4  ? 0.0827 0.0714 0.1032 -0.0243 -0.0747 -0.0218 4  DG  B C5    
333 C C6    . DG  B 4  ? 0.0856 0.1164 0.0744 -0.0053 -0.0073 0.0650  4  DG  B C6    
334 O O6    . DG  B 4  ? 0.0585 0.0558 0.2106 -0.0387 -0.0757 0.0315  4  DG  B O6    
335 N N1    . DG  B 4  ? 0.0874 0.0988 0.1472 -0.0149 -0.0233 0.0282  4  DG  B N1    
336 C C2    . DG  B 4  ? 0.0373 0.0839 0.1936 -0.0391 0.0110  0.0611  4  DG  B C2    
337 N N2    . DG  B 4  ? 0.1200 0.0967 0.1516 -0.0054 -0.0340 0.0040  4  DG  B N2    
338 N N3    . DG  B 4  ? 0.0839 0.0782 0.1326 -0.0388 -0.0873 -0.0050 4  DG  B N3    
339 C C4    . DG  B 4  ? 0.0837 0.0657 0.1271 -0.0547 -0.0405 -0.0119 4  DG  B C4    
340 P P     . DT  B 5  ? 0.1096 0.2102 0.1494 -0.0097 -0.0480 -0.0278 5  DT  B P     
341 O OP1   . DT  B 5  ? 0.1332 0.3518 0.1734 0.0739  -0.0707 -0.0362 5  DT  B OP1   
342 O OP2   . DT  B 5  ? 0.1881 0.2204 0.2516 0.0743  -0.1248 -0.0799 5  DT  B OP2   
343 O "O5'" . DT  B 5  ? 0.0983 0.1717 0.1641 -0.0301 -0.0473 -0.0281 5  DT  B "O5'" 
344 C "C5'" . DT  B 5  ? 0.1113 0.1447 0.0910 -0.0378 -0.0093 0.0123  5  DT  B "C5'" 
345 C "C4'" . DT  B 5  ? 0.0795 0.1118 0.1212 -0.0376 -0.0445 0.0106  5  DT  B "C4'" 
346 O "O4'" . DT  B 5  ? 0.0865 0.1023 0.1111 -0.0281 -0.0491 0.0175  5  DT  B "O4'" 
347 C "C3'" . DT  B 5  ? 0.1084 0.0950 0.1119 -0.0021 -0.0267 0.0141  5  DT  B "C3'" 
348 O "O3'" . DT  B 5  ? 0.0991 0.0998 0.1366 -0.0170 -0.0259 0.0307  5  DT  B "O3'" 
349 C "C2'" . DT  B 5  ? 0.0993 0.1348 0.1156 -0.0013 -0.0165 0.0245  5  DT  B "C2'" 
350 C "C1'" . DT  B 5  ? 0.0880 0.1486 0.1258 -0.0440 -0.0713 0.0400  5  DT  B "C1'" 
351 N N1    . DT  B 5  ? 0.0929 0.0925 0.0942 -0.0553 -0.0620 0.0143  5  DT  B N1    
352 C C2    . DT  B 5  ? 0.0781 0.0752 0.2141 -0.0641 -0.0899 0.0313  5  DT  B C2    
353 O O2    . DT  B 5  ? 0.0769 0.0756 0.1320 -0.0019 -0.0149 0.0204  5  DT  B O2    
354 N N3    . DT  B 5  ? 0.0574 0.0883 0.1399 -0.0540 -0.0455 0.0181  5  DT  B N3    
355 C C4    . DT  B 5  ? 0.0585 0.0901 0.1566 -0.0364 -0.0032 0.0362  5  DT  B C4    
356 O O4    . DT  B 5  ? 0.0948 0.0918 0.1618 -0.0586 -0.0474 0.0183  5  DT  B O4    
357 C C5    . DT  B 5  ? 0.1089 0.0719 0.1455 -0.0371 -0.0406 0.0133  5  DT  B C5    
358 C C7    . DT  B 5  ? 0.1646 0.0977 0.1592 -0.0673 -0.0960 0.0201  5  DT  B C7    
359 C C6    . DT  B 5  ? 0.0955 0.0625 0.1818 -0.0356 -0.0622 -0.0013 5  DT  B C6    
360 P P     . DT  B 6  ? 0.0907 0.0933 0.1281 -0.0259 -0.0236 0.0158  6  DT  B P     
361 O OP1   . DT  B 6  ? 0.1256 0.1257 0.1401 -0.0167 -0.0102 0.0091  6  DT  B OP1   
362 O OP2   . DT  B 6  ? 0.1511 0.1039 0.1196 -0.0190 -0.0280 0.0145  6  DT  B OP2   
363 O "O5'" . DT  B 6  ? 0.0855 0.0644 0.1294 -0.0291 -0.0287 0.0190  6  DT  B "O5'" 
364 C "C5'" . DT  B 6  ? 0.0789 0.0903 0.1727 -0.0383 -0.0143 0.0556  6  DT  B "C5'" 
365 C "C4'" . DT  B 6  ? 0.1132 0.0973 0.0969 -0.0407 -0.0359 0.0285  6  DT  B "C4'" 
366 O "O4'" . DT  B 6  ? 0.0713 0.0918 0.1392 -0.0417 -0.0334 0.0147  6  DT  B "O4'" 
367 C "C3'" . DT  B 6  ? 0.0816 0.1381 0.1243 -0.0172 -0.0436 0.0095  6  DT  B "C3'" 
368 O "O3'" . DT  B 6  ? 0.0901 0.1809 0.1369 -0.0754 -0.0602 0.0339  6  DT  B "O3'" 
369 C "C2'" . DT  B 6  ? 0.0707 0.1126 0.1775 -0.0342 -0.0047 0.0230  6  DT  B "C2'" 
370 C "C1'" . DT  B 6  ? 0.0832 0.1114 0.1149 -0.0820 -0.0367 0.0274  6  DT  B "C1'" 
371 N N1    . DT  B 6  ? 0.1122 0.0818 0.1106 -0.0235 -0.0399 -0.0102 6  DT  B N1    
372 C C2    . DT  B 6  ? 0.1196 0.1481 0.1110 -0.0521 -0.0533 -0.0113 6  DT  B C2    
373 O O2    . DT  B 6  ? 0.0891 0.2200 0.1374 -0.0123 -0.0309 -0.0071 6  DT  B O2    
374 N N3    . DT  B 6  ? 0.0942 0.2056 0.1217 -0.0778 -0.0635 0.0259  6  DT  B N3    
375 C C4    . DT  B 6  ? 0.0769 0.1739 0.1351 -0.0968 -0.0510 0.0784  6  DT  B C4    
376 O O4    . DT  B 6  ? 0.1562 0.2333 0.2371 -0.1301 -0.1093 0.1309  6  DT  B O4    
377 C C5    . DT  B 6  ? 0.0738 0.0872 0.1766 -0.0428 -0.0882 0.0380  6  DT  B C5    
378 C C7    . DT  B 6  ? 0.1539 0.1114 0.2620 -0.0009 -0.1270 -0.0206 6  DT  B C7    
379 C C6    . DT  B 6  ? 0.1143 0.0688 0.1294 -0.0128 -0.0671 0.0075  6  DT  B C6    
380 P P     . DT  B 7  ? 0.1031 0.2786 0.1530 -0.1100 -0.0797 0.0389  7  DT  B P     
381 O OP1   . DT  B 7  ? 0.2017 0.3315 0.2028 -0.1986 -0.0581 0.0029  7  DT  B OP1   
382 O OP2   . DT  B 7  ? 0.1738 0.1912 0.1763 -0.0673 -0.0317 -0.0295 7  DT  B OP2   
383 O "O5'" . DT  B 7  ? 0.1633 0.2119 0.3051 -0.1431 -0.1593 0.1060  7  DT  B "O5'" 
384 C "C5'" . DT  B 7  ? 0.1279 0.2110 0.2424 -0.1050 -0.1187 0.1360  7  DT  B "C5'" 
385 C "C4'" . DT  B 7  ? 0.0860 0.2126 0.3202 -0.0543 -0.1533 0.0885  7  DT  B "C4'" 
386 O "O4'" . DT  B 7  ? 0.0963 0.1322 0.3287 -0.0981 -0.1477 0.1032  7  DT  B "O4'" 
387 C "C3'" . DT  B 7  ? 0.0704 0.1923 0.2692 -0.0755 -0.0880 0.1294  7  DT  B "C3'" 
388 O "O3'" . DT  B 7  ? 0.1513 0.0907 0.2789 -0.0333 -0.1179 0.0570  7  DT  B "O3'" 
389 C "C2'" . DT  B 7  ? 0.0703 0.0903 0.2905 -0.0671 -0.0981 0.1006  7  DT  B "C2'" 
390 C "C1'" . DT  B 7  ? 0.1424 0.0838 0.2533 -0.0694 -0.1576 0.0596  7  DT  B "C1'" 
391 N N1    . DT  B 7  ? 0.0507 0.0939 0.2844 -0.0411 -0.0722 0.0516  7  DT  B N1    
392 C C2    . DT  B 7  ? 0.1645 0.0834 0.1492 -0.0228 -0.0834 0.0908  7  DT  B C2    
393 O O2    . DT  B 7  ? 0.1087 0.0486 0.1744 -0.0238 -0.0742 0.0177  7  DT  B O2    
394 N N3    . DT  B 7  ? 0.0641 0.0492 0.2086 -0.0201 -0.0099 0.0487  7  DT  B N3    
395 C C4    . DT  B 7  ? 0.1319 0.0733 0.1639 -0.0242 -0.0663 0.0220  7  DT  B C4    
396 O O4    . DT  B 7  ? 0.0913 0.0630 0.2137 -0.0230 -0.0056 0.0128  7  DT  B O4    
397 C C5    . DT  B 7  ? 0.0284 0.0886 0.3195 -0.0194 -0.0051 0.0746  7  DT  B C5    
398 C C7    . DT  B 7  ? 0.0711 0.0860 0.3308 0.0092  -0.0244 -0.0012 7  DT  B C7    
399 C C6    . DT  B 7  ? 0.0547 0.1058 0.2438 -0.0359 -0.0822 0.0331  7  DT  B C6    
400 P P     . DT  B 8  ? 0.1381 0.0613 0.2843 -0.0148 -0.1457 -0.0178 8  DT  B P     
401 O OP1   . DT  B 8  ? 0.3003 0.1086 0.4039 0.0330  -0.2727 -0.0620 8  DT  B OP1   
402 O OP2   . DT  B 8  ? 0.1246 0.1005 0.2116 -0.0196 -0.0909 -0.0232 8  DT  B OP2   
403 O "O5'" . DT  B 8  ? 0.1734 0.0681 0.1811 -0.0036 -0.0752 0.0014  8  DT  B "O5'" 
404 C "C5'" . DT  B 8  ? 0.1231 0.0976 0.1843 0.0049  -0.0750 0.0123  8  DT  B "C5'" 
405 C "C4'" . DT  B 8  ? 0.1040 0.0952 0.2059 -0.0125 -0.0542 -0.0236 8  DT  B "C4'" 
406 O "O4'" . DT  B 8  ? 0.1363 0.0870 0.1968 0.0172  -0.0899 -0.0520 8  DT  B "O4'" 
407 C "C3'" . DT  B 8  ? 0.1153 0.0778 0.1703 -0.0292 -0.0649 -0.0099 8  DT  B "C3'" 
408 O "O3'" . DT  B 8  ? 0.1325 0.0784 0.1867 -0.0246 -0.0673 0.0169  8  DT  B "O3'" 
409 C "C2'" . DT  B 8  ? 0.1629 0.0677 0.1512 -0.0311 -0.0973 0.0062  8  DT  B "C2'" 
410 C "C1'" . DT  B 8  ? 0.1448 0.0375 0.2530 0.0250  -0.0803 -0.0306 8  DT  B "C1'" 
411 N N1    . DT  B 8  ? 0.1065 0.0846 0.2611 -0.0056 -0.1351 -0.0554 8  DT  B N1    
412 C C2    . DT  B 8  ? 0.0486 0.2493 0.3415 0.0178  -0.1240 -0.0942 8  DT  B C2    
413 O O2    . DT  B 8  ? 0.1399 0.1428 0.3578 0.0316  -0.1222 -0.1187 8  DT  B O2    
414 N N3    . DT  B 8  ? 0.0769 0.0845 0.2397 -0.0052 -0.0804 0.0077  8  DT  B N3    
415 C C4    . DT  B 8  ? 0.1602 0.0576 0.1726 0.0101  -0.0971 -0.0481 8  DT  B C4    
416 O O4    . DT  B 8  ? 0.1706 0.0835 0.1786 -0.0526 -0.0644 0.0003  8  DT  B O4    
417 C C5    . DT  B 8  ? 0.1527 0.0817 0.1827 -0.0213 -0.0942 -0.0183 8  DT  B C5    
418 C C7    . DT  B 8  ? 0.1653 0.0818 0.1653 -0.0422 -0.0581 0.0109  8  DT  B C7    
419 C C6    . DT  B 8  ? 0.1321 0.0531 0.2029 -0.0239 -0.1144 -0.0229 8  DT  B C6    
420 P P     . DG  B 9  ? 0.1315 0.0873 0.2693 -0.0542 -0.0574 0.0621  9  DG  B P     
421 O OP1   . DG  B 9  ? 0.1726 0.1236 0.3086 -0.0594 -0.0374 0.0909  9  DG  B OP1   
422 O OP2   . DG  B 9  ? 0.2246 0.0869 0.2418 -0.0419 -0.0696 0.0626  9  DG  B OP2   
423 O "O5'" . DG  B 9  ? 0.1692 0.1035 0.1653 -0.0702 -0.0122 0.0414  9  DG  B "O5'" 
424 C "C5'" . DG  B 9  ? 0.3282 0.0552 0.1490 -0.0907 -0.0794 0.0373  9  DG  B "C5'" 
425 C "C4'" . DG  B 9  ? 0.2499 0.0715 0.1829 -0.0241 -0.0960 0.0280  9  DG  B "C4'" 
426 O "O4'" . DG  B 9  ? 0.1842 0.1252 0.1235 -0.0657 -0.0496 0.0343  9  DG  B "O4'" 
427 C "C3'" . DG  B 9  ? 0.2803 0.1104 0.1340 -0.0554 -0.0466 0.0247  9  DG  B "C3'" 
428 O "O3'" . DG  B 9  ? 0.4236 0.1599 0.1053 -0.1316 -0.0891 0.0191  9  DG  B "O3'" 
429 C "C2'" . DG  B 9  ? 0.3526 0.0965 0.1185 -0.0992 -0.0939 0.0202  9  DG  B "C2'" 
430 C "C1'" . DG  B 9  ? 0.1752 0.1198 0.1215 -0.0336 -0.0290 0.0185  9  DG  B "C1'" 
431 N N9    . DG  B 9  ? 0.1592 0.0613 0.1376 -0.0372 -0.0577 0.0188  9  DG  B N9    
432 C C8    . DG  B 9  ? 0.1480 0.0403 0.1585 -0.0500 -0.0555 0.0060  9  DG  B C8    
433 N N7    . DG  B 9  ? 0.1171 0.0580 0.1484 -0.0500 -0.0446 -0.0130 9  DG  B N7    
434 C C5    . DG  B 9  ? 0.1195 0.0610 0.0901 -0.0251 -0.0678 0.0163  9  DG  B C5    
435 C C6    . DG  B 9  ? 0.1266 0.1038 0.0491 0.0134  -0.0035 0.0131  9  DG  B C6    
436 O O6    . DG  B 9  ? 0.0656 0.0637 0.1937 -0.0168 -0.0688 -0.0035 9  DG  B O6    
437 N N1    . DG  B 9  ? 0.0953 0.0727 0.1296 -0.0244 -0.0229 0.0037  9  DG  B N1    
438 C C2    . DG  B 9  ? 0.0555 0.0655 0.2077 -0.0174 0.0034  0.0027  9  DG  B C2    
439 N N2    . DG  B 9  ? 0.1235 0.0798 0.1191 -0.0060 -0.0581 0.0280  9  DG  B N2    
440 N N3    . DG  B 9  ? 0.1113 0.0695 0.1803 -0.0582 -0.0982 0.0063  9  DG  B N3    
441 C C4    . DG  B 9  ? 0.1073 0.0452 0.1104 -0.0264 -0.0878 -0.0090 9  DG  B C4    
442 P P     . DG  B 10 ? 0.5876 0.1273 0.1237 -0.1423 -0.0283 -0.0034 10 DG  B P     
443 O OP1   . DG  B 10 ? 0.7403 0.1345 0.1493 -0.1479 -0.1010 0.0347  10 DG  B OP1   
444 O OP2   . DG  B 10 ? 0.5418 0.1688 0.2142 -0.1232 0.0493  -0.0302 10 DG  B OP2   
445 O "O5'" . DG  B 10 ? 0.4203 0.1345 0.1215 -0.1698 -0.0483 0.0382  10 DG  B "O5'" 
446 C "C5'" . DG  B 10 ? 0.3148 0.1289 0.1032 -0.1367 -0.0868 0.0076  10 DG  B "C5'" 
447 C "C4'" . DG  B 10 ? 0.2211 0.1617 0.1254 -0.0828 -0.0665 0.0050  10 DG  B "C4'" 
448 O "O4'" . DG  B 10 ? 0.1338 0.1116 0.1406 -0.0718 -0.0857 0.0032  10 DG  B "O4'" 
449 C "C3'" . DG  B 10 ? 0.2009 0.0781 0.1274 -0.0471 -0.0597 0.0107  10 DG  B "C3'" 
450 O "O3'" . DG  B 10 ? 0.1450 0.1101 0.1478 -0.0712 -0.0778 0.0184  10 DG  B "O3'" 
451 C "C2'" . DG  B 10 ? 0.1889 0.0954 0.0935 -0.0813 -0.0777 -0.0030 10 DG  B "C2'" 
452 C "C1'" . DG  B 10 ? 0.1393 0.0716 0.0964 -0.0342 -0.0567 0.0225  10 DG  B "C1'" 
453 N N9    . DG  B 10 ? 0.1213 0.0636 0.1071 -0.0606 -0.0925 0.0159  10 DG  B N9    
454 C C8    . DG  B 10 ? 0.1200 0.0573 0.1452 -0.0654 -0.0857 0.0083  10 DG  B C8    
455 N N7    . DG  B 10 ? 0.1197 0.0367 0.1080 -0.0326 -0.0579 0.0253  10 DG  B N7    
456 C C5    . DG  B 10 ? 0.0940 0.0614 0.0890 -0.0308 -0.0727 -0.0112 10 DG  B C5    
457 C C6    . DG  B 10 ? 0.0653 0.0523 0.2045 -0.0324 -0.0950 0.0040  10 DG  B C6    
458 O O6    . DG  B 10 ? 0.1080 0.0462 0.1207 -0.0011 -0.0236 0.0182  10 DG  B O6    
459 N N1    . DG  B 10 ? 0.0567 0.0845 0.1316 -0.0484 -0.0352 0.0043  10 DG  B N1    
460 C C2    . DG  B 10 ? 0.0805 0.0683 0.0974 -0.0431 -0.0383 -0.0112 10 DG  B C2    
461 N N2    . DG  B 10 ? 0.0632 0.0598 0.2003 -0.0361 -0.0552 0.0206  10 DG  B N2    
462 N N3    . DG  B 10 ? 0.0937 0.0643 0.1529 -0.0685 -0.0281 0.0238  10 DG  B N3    
463 C C4    . DG  B 10 ? 0.1135 0.0444 0.1221 -0.0389 -0.1082 0.0170  10 DG  B C4    
464 P P     . DG  B 11 ? 0.1507 0.1107 0.1539 -0.0878 -0.0634 0.0113  11 DG  B P     
465 O OP1   . DG  B 11 ? 0.1766 0.1145 0.1992 -0.0855 -0.0760 -0.0046 11 DG  B OP1   
466 O OP2   . DG  B 11 ? 0.1708 0.1270 0.2329 -0.0042 -0.0388 -0.0105 11 DG  B OP2   
467 O "O5'" . DG  B 11 ? 0.1228 0.1185 0.1515 -0.0531 -0.0410 0.0214  11 DG  B "O5'" 
468 C "C5'" . DG  B 11 ? 0.1417 0.1093 0.1312 -0.0655 -0.0418 -0.0102 11 DG  B "C5'" 
469 C "C4'" . DG  B 11 ? 0.1230 0.0999 0.1649 -0.0730 -0.0713 0.0532  11 DG  B "C4'" 
470 O "O4'" . DG  B 11 ? 0.1236 0.1048 0.1346 -0.0816 -0.0779 0.0428  11 DG  B "O4'" 
471 C "C3'" . DG  B 11 ? 0.1014 0.1255 0.2085 -0.0958 -0.0888 0.0362  11 DG  B "C3'" 
472 O "O3'" . DG  B 11 ? 0.1123 0.0824 0.1636 -0.0915 -0.0666 0.0322  11 DG  B "O3'" 
473 C "C2'" . DG  B 11 ? 0.0922 0.1222 0.1499 -0.0745 -0.0817 0.0017  11 DG  B "C2'" 
474 C "C1'" . DG  B 11 ? 0.0842 0.1168 0.1155 -0.0467 -0.0660 0.0057  11 DG  B "C1'" 
475 N N9    . DG  B 11 ? 0.0761 0.0711 0.1391 -0.0598 -0.0529 -0.0028 11 DG  B N9    
476 C C8    . DG  B 11 ? 0.0797 0.0832 0.2109 -0.0425 -0.0889 0.0419  11 DG  B C8    
477 N N7    . DG  B 11 ? 0.0751 0.0683 0.1331 -0.0581 -0.0632 0.0155  11 DG  B N7    
478 C C5    . DG  B 11 ? 0.0556 0.0637 0.1476 -0.0516 -0.0514 0.0158  11 DG  B C5    
479 C C6    . DG  B 11 ? 0.0820 0.0587 0.1255 -0.0170 -0.0886 -0.0177 11 DG  B C6    
480 O O6    . DG  B 11 ? 0.0645 0.0566 0.1065 -0.0312 -0.0264 0.0231  11 DG  B O6    
481 N N1    . DG  B 11 ? 0.0893 0.0636 0.0797 -0.0352 -0.0396 0.0012  11 DG  B N1    
482 C C2    . DG  B 11 ? 0.0765 0.0727 0.0861 -0.0078 -0.0311 -0.0067 11 DG  B C2    
483 N N2    . DG  B 11 ? 0.0929 0.0645 0.1209 -0.0207 -0.0467 -0.0039 11 DG  B N2    
484 N N3    . DG  B 11 ? 0.0783 0.0905 0.1221 -0.0614 -0.0311 0.0103  11 DG  B N3    
485 C C4    . DG  B 11 ? 0.0474 0.0432 0.1764 -0.0364 -0.0560 0.0093  11 DG  B C4    
486 P P     . DG  B 12 ? 0.0855 0.1174 0.1725 -0.0828 -0.0800 0.0237  12 DG  B P     
487 O OP1   . DG  B 12 ? 0.1011 0.1079 0.2189 -0.0363 -0.0957 0.0322  12 DG  B OP1   
488 O OP2   . DG  B 12 ? 0.1585 0.1409 0.1546 -0.1195 -0.0735 0.0048  12 DG  B OP2   
489 O "O5'" . DG  B 12 ? 0.0811 0.1233 0.1615 -0.0611 -0.0580 0.0313  12 DG  B "O5'" 
490 C "C5'" . DG  B 12 ? 0.0545 0.1425 0.1576 -0.0776 -0.0707 0.0651  12 DG  B "C5'" 
491 C "C4'" . DG  B 12 ? 0.0723 0.0993 0.2103 -0.0801 -0.0631 0.0423  12 DG  B "C4'" 
492 O "O4'" . DG  B 12 ? 0.0773 0.0917 0.1646 -0.0538 -0.0616 0.0273  12 DG  B "O4'" 
493 C "C3'" . DG  B 12 ? 0.1288 0.0662 0.1179 -0.0626 -0.0296 0.0462  12 DG  B "C3'" 
495 C "C2'" . DG  B 12 ? 0.0567 0.0912 0.1995 -0.0594 -0.0578 0.0252  12 DG  B "C2'" 
496 C "C1'" . DG  B 12 ? 0.0569 0.0593 0.1760 -0.0521 -0.0488 0.0145  12 DG  B "C1'" 
497 N N9    . DG  B 12 ? 0.0720 0.0690 0.1254 -0.0538 -0.0489 0.0304  12 DG  B N9    
498 C C8    . DG  B 12 ? 0.0820 0.0687 0.1643 -0.0357 -0.0656 0.0379  12 DG  B C8    
499 N N7    . DG  B 12 ? 0.0642 0.0699 0.1597 -0.0296 -0.0548 0.0097  12 DG  B N7    
500 C C5    . DG  B 12 ? 0.0519 0.0452 0.1610 -0.0408 -0.0415 -0.0008 12 DG  B C5    
501 C C6    . DG  B 12 ? 0.0539 0.0689 0.1339 -0.0116 0.0347  0.0394  12 DG  B C6    
502 O O6    . DG  B 12 ? 0.1003 0.0876 0.1157 -0.0093 -0.0543 -0.0187 12 DG  B O6    
503 N N1    . DG  B 12 ? 0.1174 0.0613 0.1092 -0.0452 -0.0107 0.0241  12 DG  B N1    
504 C C2    . DG  B 12 ? 0.1292 0.0546 0.0918 -0.0235 -0.0335 0.0072  12 DG  B C2    
505 N N2    . DG  B 12 ? 0.0783 0.0773 0.1652 -0.0412 -0.0098 0.0002  12 DG  B N2    
506 N N3    . DG  B 12 ? 0.0658 0.0783 0.1449 -0.0532 -0.0563 -0.0074 12 DG  B N3    
507 C C4    . DG  B 12 ? 0.0658 0.0545 0.1512 -0.0515 -0.0480 0.0039  12 DG  B C4    
508 K K     . K   C .  ? 0.0712 0.0453 0.1256 -0.0306 -0.0538 0.0125  14 K   A K     
509 K K     . K   D .  ? 0.0605 0.0363 0.1130 -0.0416 -0.0452 0.0136  15 K   A K     
510 K K     . K   E .  ? 0.0664 0.0470 0.1070 -0.0430 -0.0388 0.0079  16 K   A K     
511 N N1    . RNR F .  ? 0.1102 0.0565 0.1390 -0.0095 -0.0145 0.0056  17 RNR A N1    
512 C C2    . RNR F .  ? 0.1437 0.0629 0.1451 -0.0137 -0.0504 0.0248  17 RNR A C2    
513 C C3    . RNR F .  ? 0.1565 0.1039 0.1093 -0.0235 -0.0008 0.0304  17 RNR A C3    
514 C C4    . RNR F .  ? 0.1305 0.1632 0.1506 0.0018  -0.0311 -0.0439 17 RNR A C4    
515 C C5    . RNR F .  ? 0.1760 0.0991 0.1543 0.0175  -0.0434 -0.0121 17 RNR A C5    
516 C C6    . RNR F .  ? 0.2312 0.0782 0.1313 0.0185  -0.0858 -0.0001 17 RNR A C6    
517 C C7    . RNR F .  ? 0.2170 0.0737 0.0997 0.0099  -0.0462 0.0304  17 RNR A C7    
518 C C8    . RNR F .  ? 0.2057 0.1081 0.1548 -0.0110 -0.0926 0.0019  17 RNR A C8    
519 C C9    . RNR F .  ? 0.1661 0.0514 0.1905 -0.0093 -0.0797 -0.0024 17 RNR A C9    
520 C C10   . RNR F .  ? 0.1737 0.1168 0.0990 -0.0118 -0.0611 -0.0075 17 RNR A C10   
521 C C11   . RNR F .  ? 0.1509 0.1283 0.1039 -0.0060 -0.0919 -0.0199 17 RNR A C11   
522 C C12   . RNR F .  ? 0.1235 0.0732 0.1596 -0.0121 -0.0392 -0.0024 17 RNR A C12   
523 C C13   . RNR F .  ? 0.0649 0.0258 0.2328 -0.0170 -0.0470 -0.0142 17 RNR A C13   
524 C C14   . RNR F .  ? 0.1100 0.0462 0.1797 -0.0370 -0.0506 0.0057  17 RNR A C14   
525 N N15   . RNR F .  ? 0.0980 0.0565 0.2049 -0.0356 -0.0933 0.0121  17 RNR A N15   
526 C C16   . RNR F .  ? 0.1015 0.0479 0.1715 -0.0553 -0.0659 0.0004  17 RNR A C16   
527 O O17   . RNR F .  ? 0.0789 0.0684 0.1737 -0.0459 -0.0476 0.0020  17 RNR A O17   
528 C C18   . RNR F .  ? 0.1338 0.1266 0.2273 -0.0808 -0.0449 -0.0531 17 RNR A C18   
529 C C19   . RNR F .  ? 0.1600 0.0806 0.1522 -0.0607 -0.0176 -0.0091 17 RNR A C19   
530 N N20   . RNR F .  ? 0.3052 0.1563 0.2050 -0.1339 0.0059  -0.0253 17 RNR A N20   
531 C C21   . RNR F .  ? 0.4161 0.1960 0.2418 -0.2585 0.0641  -0.0034 17 RNR A C21   
532 C C22   . RNR F .  ? 0.4208 0.1485 0.2939 -0.0665 0.0087  -0.0749 17 RNR A C22   
533 F F23   . RNR F .  ? 0.3003 0.1406 0.4542 0.0099  -0.1222 -0.0375 17 RNR A F23   
534 C C24   . RNR F .  ? 0.4906 0.1867 0.1748 -0.0603 0.0095  -0.0426 17 RNR A C24   
535 C C25   . RNR F .  ? 0.4465 0.1774 0.1263 -0.1054 -0.0195 -0.0012 17 RNR A C25   
536 N N26   . RNR F .  ? 0.2043 0.1631 0.2125 -0.0180 -0.0150 0.0531  17 RNR A N26   
537 C C27   . RNR F .  ? 0.1413 0.1466 0.2090 -0.0507 0.0142  0.0477  17 RNR A C27   
538 O O28   . RNR F .  ? 0.1166 0.0974 0.2041 -0.0369 -0.0253 0.0441  17 RNR A O28   
539 C C29   . RNR F .  ? 0.1961 0.2821 0.2856 -0.0371 0.0205  0.0282  17 RNR A C29   
540 C C30   . RNR F .  ? 0.1801 0.1426 0.3155 -0.0407 0.0034  0.0311  17 RNR A C30   
541 N N31   . RNR F .  ? 0.1214 0.3232 0.5345 0.0168  -0.0234 -0.0923 17 RNR A N31   
542 C C32   . RNR F .  ? 0.0721 0.4329 0.5755 -0.0208 -0.0368 -0.1743 17 RNR A C32   
543 C C33   . RNR F .  ? 0.3620 0.5650 0.7051 -0.0641 -0.1394 -0.1581 17 RNR A C33   
544 F F34   . RNR F .  ? 0.6275 0.6572 0.8463 -0.1554 -0.1465 -0.0892 17 RNR A F34   
545 C C35   . RNR F .  ? 0.3156 0.6075 0.6745 -0.0817 -0.1093 -0.0885 17 RNR A C35   
546 C C36   . RNR F .  ? 0.1076 0.5351 0.6136 -0.0253 -0.0407 -0.0782 17 RNR A C36   
547 K K     . K   G .  ? 0.0770 0.0738 0.1474 -0.0251 -0.0499 0.0012  13 K   B K     
# 
loop_
_pdbx_poly_seq_scheme.asym_id 
_pdbx_poly_seq_scheme.entity_id 
_pdbx_poly_seq_scheme.seq_id 
_pdbx_poly_seq_scheme.mon_id 
_pdbx_poly_seq_scheme.ndb_seq_num 
_pdbx_poly_seq_scheme.pdb_seq_num 
_pdbx_poly_seq_scheme.auth_seq_num 
_pdbx_poly_seq_scheme.pdb_mon_id 
_pdbx_poly_seq_scheme.auth_mon_id 
_pdbx_poly_seq_scheme.pdb_strand_id 
_pdbx_poly_seq_scheme.pdb_ins_code 
_pdbx_poly_seq_scheme.hetero 
A 1 1  DG 1  1  1  DG G A . n 
A 1 2  DG 2  2  2  DG G A . n 
A 1 3  DG 3  3  3  DG G A . n 
A 1 4  DG 4  4  4  DG G A . n 
A 1 5  DT 5  5  5  DT T A . n 
A 1 6  DT 6  6  6  DT T A . n 
A 1 7  DT 7  7  7  DT T A . n 
A 1 8  DT 8  8  8  DT T A . n 
A 1 9  DG 9  9  9  DG G A . n 
A 1 10 DG 10 10 10 DG G A . n 
A 1 11 DG 11 11 11 DG G A . n 
A 1 12 DG 12 12 12 DG G A . n 
B 1 1  DG 1  1  1  DG G B . n 
B 1 2  DG 2  2  2  DG G B . n 
B 1 3  DG 3  3  3  DG G B . n 
B 1 4  DG 4  4  4  DG G B . n 
B 1 5  DT 5  5  5  DT T B . n 
B 1 6  DT 6  6  6  DT T B . n 
B 1 7  DT 7  7  7  DT T B . n 
B 1 8  DT 8  8  8  DT T B . n 
B 1 9  DG 9  9  9  DG G B . n 
B 1 10 DG 10 10 10 DG G B . n 
B 1 11 DG 11 11 11 DG G B . n 
B 1 12 DG 12 12 12 DG G B . n 
# 
loop_
_pdbx_nonpoly_scheme.asym_id 
_pdbx_nonpoly_scheme.entity_id 
_pdbx_nonpoly_scheme.mon_id 
_pdbx_nonpoly_scheme.ndb_seq_num 
_pdbx_nonpoly_scheme.pdb_seq_num 
_pdbx_nonpoly_scheme.auth_seq_num 
_pdbx_nonpoly_scheme.pdb_mon_id 
_pdbx_nonpoly_scheme.auth_mon_id 
_pdbx_nonpoly_scheme.pdb_strand_id 
_pdbx_nonpoly_scheme.pdb_ins_code 
C 2 K   1  14  14  K   K   A . 
D 2 K   1  15  15  K   K   A . 
E 2 K   1  16  16  K   K   A . 
F 3 RNR 1  17  17  RNR RNR A . 
G 2 K   1  13  13  K   K   B . 
H 4 HOH 1  13  2   HOH HOH A . 
H 4 HOH 2  18  18  HOH HOH A . 
H 4 HOH 3  19  19  HOH HOH A . 
H 4 HOH 4  20  20  HOH HOH A . 
H 4 HOH 5  22  14  HOH HOH A . 
H 4 HOH 6  23  15  HOH HOH A . 
H 4 HOH 7  24  24  HOH HOH A . 
H 4 HOH 8  26  26  HOH HOH A . 
H 4 HOH 9  29  29  HOH HOH A . 
H 4 HOH 10 30  30  HOH HOH A . 
H 4 HOH 11 32  32  HOH HOH A . 
H 4 HOH 12 36  36  HOH HOH A . 
H 4 HOH 13 37  37  HOH HOH A . 
H 4 HOH 14 38  38  HOH HOH A . 
H 4 HOH 15 40  40  HOH HOH A . 
H 4 HOH 16 41  41  HOH HOH A . 
H 4 HOH 17 42  42  HOH HOH A . 
H 4 HOH 18 47  47  HOH HOH A . 
H 4 HOH 19 48  48  HOH HOH A . 
H 4 HOH 20 50  50  HOH HOH A . 
H 4 HOH 21 51  51  HOH HOH A . 
H 4 HOH 22 52  52  HOH HOH A . 
H 4 HOH 23 54  54  HOH HOH A . 
H 4 HOH 24 55  55  HOH HOH A . 
H 4 HOH 25 56  56  HOH HOH A . 
H 4 HOH 26 57  57  HOH HOH A . 
H 4 HOH 27 62  62  HOH HOH A . 
H 4 HOH 28 63  63  HOH HOH A . 
H 4 HOH 29 64  64  HOH HOH A . 
H 4 HOH 30 66  66  HOH HOH A . 
H 4 HOH 31 68  68  HOH HOH A . 
H 4 HOH 32 70  70  HOH HOH A . 
H 4 HOH 33 72  72  HOH HOH A . 
H 4 HOH 34 73  73  HOH HOH A . 
H 4 HOH 35 75  75  HOH HOH A . 
H 4 HOH 36 79  79  HOH HOH A . 
H 4 HOH 37 80  80  HOH HOH A . 
H 4 HOH 38 81  81  HOH HOH A . 
H 4 HOH 39 82  82  HOH HOH A . 
H 4 HOH 40 84  84  HOH HOH A . 
H 4 HOH 41 85  85  HOH HOH A . 
H 4 HOH 42 86  86  HOH HOH A . 
H 4 HOH 43 89  89  HOH HOH A . 
H 4 HOH 44 91  91  HOH HOH A . 
H 4 HOH 45 92  92  HOH HOH A . 
H 4 HOH 46 93  93  HOH HOH A . 
H 4 HOH 47 94  94  HOH HOH A . 
H 4 HOH 48 95  95  HOH HOH A . 
H 4 HOH 49 97  97  HOH HOH A . 
H 4 HOH 50 100 100 HOH HOH A . 
H 4 HOH 51 102 102 HOH HOH A . 
H 4 HOH 52 103 103 HOH HOH A . 
H 4 HOH 53 105 105 HOH HOH A . 
H 4 HOH 54 108 108 HOH HOH A . 
H 4 HOH 55 110 110 HOH HOH A . 
H 4 HOH 56 113 113 HOH HOH A . 
H 4 HOH 57 114 114 HOH HOH A . 
H 4 HOH 58 115 115 HOH HOH A . 
H 4 HOH 59 117 117 HOH HOH A . 
H 4 HOH 60 119 119 HOH HOH A . 
H 4 HOH 61 121 121 HOH HOH A . 
H 4 HOH 62 122 122 HOH HOH A . 
H 4 HOH 63 123 123 HOH HOH A . 
H 4 HOH 64 125 125 HOH HOH A . 
H 4 HOH 65 127 127 HOH HOH A . 
H 4 HOH 66 128 128 HOH HOH A . 
H 4 HOH 67 131 131 HOH HOH A . 
H 4 HOH 68 138 138 HOH HOH A . 
H 4 HOH 69 139 139 HOH HOH A . 
H 4 HOH 70 140 140 HOH HOH A . 
H 4 HOH 71 142 142 HOH HOH A . 
H 4 HOH 72 144 144 HOH HOH A . 
H 4 HOH 73 146 146 HOH HOH A . 
H 4 HOH 74 147 147 HOH HOH A . 
H 4 HOH 75 148 148 HOH HOH A . 
H 4 HOH 76 151 151 HOH HOH A . 
H 4 HOH 77 156 156 HOH HOH A . 
H 4 HOH 78 157 157 HOH HOH A . 
H 4 HOH 79 158 158 HOH HOH A . 
H 4 HOH 80 162 162 HOH HOH A . 
H 4 HOH 81 166 166 HOH HOH A . 
H 4 HOH 82 167 167 HOH HOH A . 
H 4 HOH 83 168 168 HOH HOH A . 
H 4 HOH 84 170 170 HOH HOH A . 
H 4 HOH 85 171 171 HOH HOH A . 
H 4 HOH 86 173 173 HOH HOH A . 
I 4 HOH 1  14  1   HOH HOH B . 
I 4 HOH 2  15  3   HOH HOH B . 
I 4 HOH 3  16  16  HOH HOH B . 
I 4 HOH 4  17  17  HOH HOH B . 
I 4 HOH 5  18  4   HOH HOH B . 
I 4 HOH 6  19  5   HOH HOH B . 
I 4 HOH 7  20  6   HOH HOH B . 
I 4 HOH 8  21  9   HOH HOH B . 
I 4 HOH 9  22  22  HOH HOH B . 
I 4 HOH 10 23  23  HOH HOH B . 
I 4 HOH 11 24  7   HOH HOH B . 
I 4 HOH 12 25  25  HOH HOH B . 
I 4 HOH 13 26  8   HOH HOH B . 
I 4 HOH 14 27  27  HOH HOH B . 
I 4 HOH 15 28  28  HOH HOH B . 
I 4 HOH 16 29  10  HOH HOH B . 
I 4 HOH 17 30  11  HOH HOH B . 
I 4 HOH 18 31  31  HOH HOH B . 
I 4 HOH 19 32  12  HOH HOH B . 
I 4 HOH 20 33  33  HOH HOH B . 
I 4 HOH 21 34  34  HOH HOH B . 
I 4 HOH 22 35  35  HOH HOH B . 
I 4 HOH 23 36  13  HOH HOH B . 
I 4 HOH 24 37  21  HOH HOH B . 
I 4 HOH 25 39  39  HOH HOH B . 
I 4 HOH 26 43  43  HOH HOH B . 
I 4 HOH 27 44  44  HOH HOH B . 
I 4 HOH 28 45  45  HOH HOH B . 
I 4 HOH 29 46  46  HOH HOH B . 
I 4 HOH 30 49  49  HOH HOH B . 
I 4 HOH 31 53  53  HOH HOH B . 
I 4 HOH 32 58  58  HOH HOH B . 
I 4 HOH 33 59  59  HOH HOH B . 
I 4 HOH 34 60  60  HOH HOH B . 
I 4 HOH 35 61  61  HOH HOH B . 
I 4 HOH 36 65  65  HOH HOH B . 
I 4 HOH 37 67  67  HOH HOH B . 
I 4 HOH 38 69  69  HOH HOH B . 
I 4 HOH 39 71  71  HOH HOH B . 
I 4 HOH 40 74  74  HOH HOH B . 
I 4 HOH 41 76  76  HOH HOH B . 
I 4 HOH 42 77  77  HOH HOH B . 
I 4 HOH 43 78  78  HOH HOH B . 
I 4 HOH 44 83  83  HOH HOH B . 
I 4 HOH 45 87  87  HOH HOH B . 
I 4 HOH 46 88  88  HOH HOH B . 
I 4 HOH 47 90  90  HOH HOH B . 
I 4 HOH 48 96  96  HOH HOH B . 
I 4 HOH 49 98  98  HOH HOH B . 
I 4 HOH 50 99  99  HOH HOH B . 
I 4 HOH 51 101 101 HOH HOH B . 
I 4 HOH 52 104 104 HOH HOH B . 
I 4 HOH 53 106 106 HOH HOH B . 
I 4 HOH 54 107 107 HOH HOH B . 
I 4 HOH 55 109 109 HOH HOH B . 
I 4 HOH 56 111 111 HOH HOH B . 
I 4 HOH 57 112 112 HOH HOH B . 
I 4 HOH 58 116 116 HOH HOH B . 
I 4 HOH 59 118 118 HOH HOH B . 
I 4 HOH 60 120 120 HOH HOH B . 
I 4 HOH 61 124 124 HOH HOH B . 
I 4 HOH 62 126 126 HOH HOH B . 
I 4 HOH 63 129 129 HOH HOH B . 
I 4 HOH 64 130 130 HOH HOH B . 
I 4 HOH 65 132 132 HOH HOH B . 
I 4 HOH 66 133 133 HOH HOH B . 
I 4 HOH 67 134 134 HOH HOH B . 
I 4 HOH 68 135 135 HOH HOH B . 
I 4 HOH 69 136 136 HOH HOH B . 
I 4 HOH 70 137 137 HOH HOH B . 
I 4 HOH 71 141 141 HOH HOH B . 
I 4 HOH 72 143 143 HOH HOH B . 
I 4 HOH 73 145 145 HOH HOH B . 
I 4 HOH 74 149 149 HOH HOH B . 
I 4 HOH 75 150 150 HOH HOH B . 
I 4 HOH 76 152 152 HOH HOH B . 
I 4 HOH 77 153 153 HOH HOH B . 
I 4 HOH 78 154 154 HOH HOH B . 
I 4 HOH 79 155 155 HOH HOH B . 
I 4 HOH 80 159 159 HOH HOH B . 
I 4 HOH 81 160 160 HOH HOH B . 
I 4 HOH 82 161 161 HOH HOH B . 
I 4 HOH 83 163 163 HOH HOH B . 
I 4 HOH 84 164 164 HOH HOH B . 
I 4 HOH 85 165 165 HOH HOH B . 
I 4 HOH 86 169 169 HOH HOH B . 
I 4 HOH 87 172 172 HOH HOH B . 
I 4 HOH 88 174 174 HOH HOH B . 
I 4 HOH 89 175 175 HOH HOH B . 
I 4 HOH 90 176 176 HOH HOH B . 
I 4 HOH 91 177 177 HOH HOH B . 
# 
_pdbx_struct_assembly.id                   1 
_pdbx_struct_assembly.details              author_and_software_defined_assembly 
_pdbx_struct_assembly.method_details       PISA 
_pdbx_struct_assembly.oligomeric_details   dimeric 
_pdbx_struct_assembly.oligomeric_count     2 
# 
_pdbx_struct_assembly_gen.assembly_id       1 
_pdbx_struct_assembly_gen.oper_expression   1 
_pdbx_struct_assembly_gen.asym_id_list      A,B,C,D,E,F,G,H,I 
# 
loop_
_pdbx_struct_assembly_prop.biol_id 
_pdbx_struct_assembly_prop.type 
_pdbx_struct_assembly_prop.value 
_pdbx_struct_assembly_prop.details 
1 'ABSA (A^2)' 2960 ? 
1 MORE         -15  ? 
1 'SSA (A^2)'  3990 ? 
# 
_pdbx_struct_oper_list.id                   1 
_pdbx_struct_oper_list.type                 'identity operation' 
_pdbx_struct_oper_list.name                 1_555 
_pdbx_struct_oper_list.symmetry_operation   x,y,z 
_pdbx_struct_oper_list.matrix[1][1]         1.0000000000 
_pdbx_struct_oper_list.matrix[1][2]         0.0000000000 
_pdbx_struct_oper_list.matrix[1][3]         0.0000000000 
_pdbx_struct_oper_list.vector[1]            0.0000000000 
_pdbx_struct_oper_list.matrix[2][1]         0.0000000000 
_pdbx_struct_oper_list.matrix[2][2]         1.0000000000 
_pdbx_struct_oper_list.matrix[2][3]         0.0000000000 
_pdbx_struct_oper_list.vector[2]            0.0000000000 
_pdbx_struct_oper_list.matrix[3][1]         0.0000000000 
_pdbx_struct_oper_list.matrix[3][2]         0.0000000000 
_pdbx_struct_oper_list.matrix[3][3]         1.0000000000 
_pdbx_struct_oper_list.vector[3]            0.0000000000 
# 
_pdbx_struct_special_symmetry.id              1 
_pdbx_struct_special_symmetry.PDB_model_num   1 
_pdbx_struct_special_symmetry.auth_asym_id    A 
_pdbx_struct_special_symmetry.auth_comp_id    HOH 
_pdbx_struct_special_symmetry.auth_seq_id     147 
_pdbx_struct_special_symmetry.PDB_ins_code    ? 
_pdbx_struct_special_symmetry.label_asym_id   H 
_pdbx_struct_special_symmetry.label_comp_id   HOH 
_pdbx_struct_special_symmetry.label_seq_id    . 
# 
loop_
_pdbx_struct_conn_angle.id 
_pdbx_struct_conn_angle.ptnr1_label_atom_id 
_pdbx_struct_conn_angle.ptnr1_label_alt_id 
_pdbx_struct_conn_angle.ptnr1_label_asym_id 
_pdbx_struct_conn_angle.ptnr1_label_comp_id 
_pdbx_struct_conn_angle.ptnr1_label_seq_id 
_pdbx_struct_conn_angle.ptnr1_auth_atom_id 
_pdbx_struct_conn_angle.ptnr1_auth_asym_id 
_pdbx_struct_conn_angle.ptnr1_auth_comp_id 
_pdbx_struct_conn_angle.ptnr1_auth_seq_id 
_pdbx_struct_conn_angle.ptnr1_PDB_ins_code 
_pdbx_struct_conn_angle.ptnr1_symmetry 
_pdbx_struct_conn_angle.ptnr2_label_atom_id 
_pdbx_struct_conn_angle.ptnr2_label_alt_id 
_pdbx_struct_conn_angle.ptnr2_label_asym_id 
_pdbx_struct_conn_angle.ptnr2_label_comp_id 
_pdbx_struct_conn_angle.ptnr2_label_seq_id 
_pdbx_struct_conn_angle.ptnr2_auth_atom_id 
_pdbx_struct_conn_angle.ptnr2_auth_asym_id 
_pdbx_struct_conn_angle.ptnr2_auth_comp_id 
_pdbx_struct_conn_angle.ptnr2_auth_seq_id 
_pdbx_struct_conn_angle.ptnr2_PDB_ins_code 
_pdbx_struct_conn_angle.ptnr2_symmetry 
_pdbx_struct_conn_angle.ptnr3_label_atom_id 
_pdbx_struct_conn_angle.ptnr3_label_alt_id 
_pdbx_struct_conn_angle.ptnr3_label_asym_id 
_pdbx_struct_conn_angle.ptnr3_label_comp_id 
_pdbx_struct_conn_angle.ptnr3_label_seq_id 
_pdbx_struct_conn_angle.ptnr3_auth_atom_id 
_pdbx_struct_conn_angle.ptnr3_auth_asym_id 
_pdbx_struct_conn_angle.ptnr3_auth_comp_id 
_pdbx_struct_conn_angle.ptnr3_auth_seq_id 
_pdbx_struct_conn_angle.ptnr3_PDB_ins_code 
_pdbx_struct_conn_angle.ptnr3_symmetry 
_pdbx_struct_conn_angle.value 
_pdbx_struct_conn_angle.value_esd 
1   O6 ? A DG  1  ? A DG  1  ? 1_555 K ? C K . ? A K 14 ? 1_555 O6 ? A DG  2  ? A DG  2  ? 1_555 66.9  ? 
2   O6 ? A DG  1  ? A DG  1  ? 1_555 K ? C K . ? A K 14 ? 1_555 O6 ? A DG  11 ? A DG  11 ? 1_555 172.6 ? 
3   O6 ? A DG  2  ? A DG  2  ? 1_555 K ? C K . ? A K 14 ? 1_555 O6 ? A DG  11 ? A DG  11 ? 1_555 110.0 ? 
4   O6 ? A DG  1  ? A DG  1  ? 1_555 K ? C K . ? A K 14 ? 1_555 O6 ? A DG  12 ? A DG  12 ? 1_555 110.9 ? 
5   O6 ? A DG  2  ? A DG  2  ? 1_555 K ? C K . ? A K 14 ? 1_555 O6 ? A DG  12 ? A DG  12 ? 1_555 174.1 ? 
6   O6 ? A DG  11 ? A DG  11 ? 1_555 K ? C K . ? A K 14 ? 1_555 O6 ? A DG  12 ? A DG  12 ? 1_555 72.9  ? 
7   O6 ? A DG  1  ? A DG  1  ? 1_555 K ? C K . ? A K 14 ? 1_555 O6 ? B DG  3  ? B DG  3  ? 1_555 101.5 ? 
8   O6 ? A DG  2  ? A DG  2  ? 1_555 K ? C K . ? A K 14 ? 1_555 O6 ? B DG  3  ? B DG  3  ? 1_555 69.5  ? 
9   O6 ? A DG  11 ? A DG  11 ? 1_555 K ? C K . ? A K 14 ? 1_555 O6 ? B DG  3  ? B DG  3  ? 1_555 71.1  ? 
10  O6 ? A DG  12 ? A DG  12 ? 1_555 K ? C K . ? A K 14 ? 1_555 O6 ? B DG  3  ? B DG  3  ? 1_555 116.4 ? 
11  O6 ? A DG  1  ? A DG  1  ? 1_555 K ? C K . ? A K 14 ? 1_555 O6 ? B DG  4  ? B DG  4  ? 1_555 70.8  ? 
12  O6 ? A DG  2  ? A DG  2  ? 1_555 K ? C K . ? A K 14 ? 1_555 O6 ? B DG  4  ? B DG  4  ? 1_555 112.0 ? 
13  O6 ? A DG  11 ? A DG  11 ? 1_555 K ? C K . ? A K 14 ? 1_555 O6 ? B DG  4  ? B DG  4  ? 1_555 105.3 ? 
14  O6 ? A DG  12 ? A DG  12 ? 1_555 K ? C K . ? A K 14 ? 1_555 O6 ? B DG  4  ? B DG  4  ? 1_555 71.5  ? 
15  O6 ? B DG  3  ? B DG  3  ? 1_555 K ? C K . ? A K 14 ? 1_555 O6 ? B DG  4  ? B DG  4  ? 1_555 69.9  ? 
16  O6 ? A DG  1  ? A DG  1  ? 1_555 K ? C K . ? A K 14 ? 1_555 O6 ? B DG  9  ? B DG  9  ? 1_555 71.9  ? 
17  O6 ? A DG  2  ? A DG  2  ? 1_555 K ? C K . ? A K 14 ? 1_555 O6 ? B DG  9  ? B DG  9  ? 1_555 104.4 ? 
18  O6 ? A DG  11 ? A DG  11 ? 1_555 K ? C K . ? A K 14 ? 1_555 O6 ? B DG  9  ? B DG  9  ? 1_555 115.5 ? 
19  O6 ? A DG  12 ? A DG  12 ? 1_555 K ? C K . ? A K 14 ? 1_555 O6 ? B DG  9  ? B DG  9  ? 1_555 69.7  ? 
20  O6 ? B DG  3  ? B DG  3  ? 1_555 K ? C K . ? A K 14 ? 1_555 O6 ? B DG  9  ? B DG  9  ? 1_555 172.7 ? 
21  O6 ? B DG  4  ? B DG  4  ? 1_555 K ? C K . ? A K 14 ? 1_555 O6 ? B DG  9  ? B DG  9  ? 1_555 109.9 ? 
22  O6 ? A DG  1  ? A DG  1  ? 1_555 K ? C K . ? A K 14 ? 1_555 O6 ? B DG  10 ? B DG  10 ? 1_555 112.6 ? 
23  O6 ? A DG  2  ? A DG  2  ? 1_555 K ? C K . ? A K 14 ? 1_555 O6 ? B DG  10 ? B DG  10 ? 1_555 70.9  ? 
24  O6 ? A DG  11 ? A DG  11 ? 1_555 K ? C K . ? A K 14 ? 1_555 O6 ? B DG  10 ? B DG  10 ? 1_555 71.5  ? 
25  O6 ? A DG  12 ? A DG  12 ? 1_555 K ? C K . ? A K 14 ? 1_555 O6 ? B DG  10 ? B DG  10 ? 1_555 105.8 ? 
26  O6 ? B DG  3  ? B DG  3  ? 1_555 K ? C K . ? A K 14 ? 1_555 O6 ? B DG  10 ? B DG  10 ? 1_555 109.9 ? 
27  O6 ? B DG  4  ? B DG  4  ? 1_555 K ? C K . ? A K 14 ? 1_555 O6 ? B DG  10 ? B DG  10 ? 1_555 176.4 ? 
28  O6 ? B DG  9  ? B DG  9  ? 1_555 K ? C K . ? A K 14 ? 1_555 O6 ? B DG  10 ? B DG  10 ? 1_555 70.7  ? 
29  O6 ? A DG  1  ? A DG  1  ? 1_555 K ? G K . ? B K 13 ? 1_555 O6 ? A DG  12 ? A DG  12 ? 1_555 103.2 ? 
30  O6 ? A DG  1  ? A DG  1  ? 1_555 K ? G K . ? B K 13 ? 1_555 O6 ? B DG  4  ? B DG  4  ? 1_555 66.4  ? 
31  O6 ? A DG  12 ? A DG  12 ? 1_555 K ? G K . ? B K 13 ? 1_555 O6 ? B DG  4  ? B DG  4  ? 1_555 70.6  ? 
32  O6 ? A DG  1  ? A DG  1  ? 1_555 K ? G K . ? B K 13 ? 1_555 O2 ? B DT  5  ? B DT  5  ? 1_555 94.8  ? 
33  O6 ? A DG  12 ? A DG  12 ? 1_555 K ? G K . ? B K 13 ? 1_555 O2 ? B DT  5  ? B DT  5  ? 1_555 124.5 ? 
34  O6 ? B DG  4  ? B DG  4  ? 1_555 K ? G K . ? B K 13 ? 1_555 O2 ? B DT  5  ? B DT  5  ? 1_555 69.9  ? 
35  O6 ? A DG  1  ? A DG  1  ? 1_555 K ? G K . ? B K 13 ? 1_555 O2 ? B DT  7  ? B DT  7  ? 1_555 74.3  ? 
36  O6 ? A DG  12 ? A DG  12 ? 1_555 K ? G K . ? B K 13 ? 1_555 O2 ? B DT  7  ? B DT  7  ? 1_555 155.6 ? 
37  O6 ? B DG  4  ? B DG  4  ? 1_555 K ? G K . ? B K 13 ? 1_555 O2 ? B DT  7  ? B DT  7  ? 1_555 126.9 ? 
38  O2 ? B DT  5  ? B DT  5  ? 1_555 K ? G K . ? B K 13 ? 1_555 O2 ? B DT  7  ? B DT  7  ? 1_555 79.7  ? 
39  O6 ? A DG  1  ? A DG  1  ? 1_555 K ? G K . ? B K 13 ? 1_555 O6 ? B DG  9  ? B DG  9  ? 1_555 67.5  ? 
40  O6 ? A DG  12 ? A DG  12 ? 1_555 K ? G K . ? B K 13 ? 1_555 O6 ? B DG  9  ? B DG  9  ? 1_555 68.9  ? 
41  O6 ? B DG  4  ? B DG  4  ? 1_555 K ? G K . ? B K 13 ? 1_555 O6 ? B DG  9  ? B DG  9  ? 1_555 107.0 ? 
42  O2 ? B DT  5  ? B DT  5  ? 1_555 K ? G K . ? B K 13 ? 1_555 O6 ? B DG  9  ? B DG  9  ? 1_555 160.9 ? 
43  O2 ? B DT  7  ? B DT  7  ? 1_555 K ? G K . ? B K 13 ? 1_555 O6 ? B DG  9  ? B DG  9  ? 1_555 88.2  ? 
44  O6 ? A DG  1  ? A DG  1  ? 1_555 K ? G K . ? B K 13 ? 1_555 O  ? I HOH .  ? B HOH 14 ? 1_555 141.4 ? 
45  O6 ? A DG  12 ? A DG  12 ? 1_555 K ? G K . ? B K 13 ? 1_555 O  ? I HOH .  ? B HOH 14 ? 1_555 96.1  ? 
46  O6 ? B DG  4  ? B DG  4  ? 1_555 K ? G K . ? B K 13 ? 1_555 O  ? I HOH .  ? B HOH 14 ? 1_555 152.2 ? 
47  O2 ? B DT  5  ? B DT  5  ? 1_555 K ? G K . ? B K 13 ? 1_555 O  ? I HOH .  ? B HOH 14 ? 1_555 101.2 ? 
48  O2 ? B DT  7  ? B DT  7  ? 1_555 K ? G K . ? B K 13 ? 1_555 O  ? I HOH .  ? B HOH 14 ? 1_555 74.4  ? 
49  O6 ? B DG  9  ? B DG  9  ? 1_555 K ? G K . ? B K 13 ? 1_555 O  ? I HOH .  ? B HOH 14 ? 1_555 89.6  ? 
50  O6 ? A DG  1  ? A DG  1  ? 1_555 K ? G K . ? B K 13 ? 1_555 O  ? I HOH .  ? B HOH 24 ? 1_555 162.6 ? 
51  O6 ? A DG  12 ? A DG  12 ? 1_555 K ? G K . ? B K 13 ? 1_555 O  ? I HOH .  ? B HOH 24 ? 1_555 70.5  ? 
52  O6 ? B DG  4  ? B DG  4  ? 1_555 K ? G K . ? B K 13 ? 1_555 O  ? I HOH .  ? B HOH 24 ? 1_555 96.3  ? 
53  O2 ? B DT  5  ? B DT  5  ? 1_555 K ? G K . ? B K 13 ? 1_555 O  ? I HOH .  ? B HOH 24 ? 1_555 76.9  ? 
54  O2 ? B DT  7  ? B DT  7  ? 1_555 K ? G K . ? B K 13 ? 1_555 O  ? I HOH .  ? B HOH 24 ? 1_555 118.3 ? 
55  O6 ? B DG  9  ? B DG  9  ? 1_555 K ? G K . ? B K 13 ? 1_555 O  ? I HOH .  ? B HOH 24 ? 1_555 122.1 ? 
56  O  ? I HOH .  ? B HOH 14 ? 1_555 K ? G K . ? B K 13 ? 1_555 O  ? I HOH .  ? B HOH 24 ? 1_555 55.9  ? 
57  O6 ? A DG  2  ? A DG  2  ? 1_555 K ? D K . ? A K 15 ? 1_555 O6 ? A DG  3  ? A DG  3  ? 1_555 89.8  ? 
58  O6 ? A DG  2  ? A DG  2  ? 1_555 K ? D K . ? A K 15 ? 1_555 O6 ? A DG  10 ? A DG  10 ? 1_555 131.0 ? 
59  O6 ? A DG  3  ? A DG  3  ? 1_555 K ? D K . ? A K 15 ? 1_555 O6 ? A DG  10 ? A DG  10 ? 1_555 112.9 ? 
60  O6 ? A DG  2  ? A DG  2  ? 1_555 K ? D K . ? A K 15 ? 1_555 O6 ? A DG  11 ? A DG  11 ? 1_555 108.3 ? 
61  O6 ? A DG  3  ? A DG  3  ? 1_555 K ? D K . ? A K 15 ? 1_555 O6 ? A DG  11 ? A DG  11 ? 1_555 132.3 ? 
62  O6 ? A DG  10 ? A DG  10 ? 1_555 K ? D K . ? A K 15 ? 1_555 O6 ? A DG  11 ? A DG  11 ? 1_555 88.2  ? 
63  O6 ? A DG  2  ? A DG  2  ? 1_555 K ? D K . ? A K 15 ? 1_555 O6 ? B DG  2  ? B DG  2  ? 1_555 157.1 ? 
64  O6 ? A DG  3  ? A DG  3  ? 1_555 K ? D K . ? A K 15 ? 1_555 O6 ? B DG  2  ? B DG  2  ? 1_555 73.2  ? 
65  O6 ? A DG  10 ? A DG  10 ? 1_555 K ? D K . ? A K 15 ? 1_555 O6 ? B DG  2  ? B DG  2  ? 1_555 71.1  ? 
66  O6 ? A DG  11 ? A DG  11 ? 1_555 K ? D K . ? A K 15 ? 1_555 O6 ? B DG  2  ? B DG  2  ? 1_555 74.6  ? 
67  O6 ? A DG  2  ? A DG  2  ? 1_555 K ? D K . ? A K 15 ? 1_555 O6 ? B DG  3  ? B DG  3  ? 1_555 70.8  ? 
68  O6 ? A DG  3  ? A DG  3  ? 1_555 K ? D K . ? A K 15 ? 1_555 O6 ? B DG  3  ? B DG  3  ? 1_555 76.2  ? 
69  O6 ? A DG  10 ? A DG  10 ? 1_555 K ? D K . ? A K 15 ? 1_555 O6 ? B DG  3  ? B DG  3  ? 1_555 154.2 ? 
70  O6 ? A DG  11 ? A DG  11 ? 1_555 K ? D K . ? A K 15 ? 1_555 O6 ? B DG  3  ? B DG  3  ? 1_555 69.6  ? 
71  O6 ? B DG  2  ? B DG  2  ? 1_555 K ? D K . ? A K 15 ? 1_555 O6 ? B DG  3  ? B DG  3  ? 1_555 89.9  ? 
72  O6 ? A DG  2  ? A DG  2  ? 1_555 K ? D K . ? A K 15 ? 1_555 O6 ? B DG  10 ? B DG  10 ? 1_555 71.1  ? 
73  O6 ? A DG  3  ? A DG  3  ? 1_555 K ? D K . ? A K 15 ? 1_555 O6 ? B DG  10 ? B DG  10 ? 1_555 156.3 ? 
74  O6 ? A DG  10 ? A DG  10 ? 1_555 K ? D K . ? A K 15 ? 1_555 O6 ? B DG  10 ? B DG  10 ? 1_555 72.9  ? 
75  O6 ? A DG  11 ? A DG  11 ? 1_555 K ? D K . ? A K 15 ? 1_555 O6 ? B DG  10 ? B DG  10 ? 1_555 69.1  ? 
76  O6 ? B DG  2  ? B DG  2  ? 1_555 K ? D K . ? A K 15 ? 1_555 O6 ? B DG  10 ? B DG  10 ? 1_555 128.8 ? 
77  O6 ? B DG  3  ? B DG  3  ? 1_555 K ? D K . ? A K 15 ? 1_555 O6 ? B DG  10 ? B DG  10 ? 1_555 109.0 ? 
78  O6 ? A DG  2  ? A DG  2  ? 1_555 K ? D K . ? A K 15 ? 1_555 O6 ? B DG  11 ? B DG  11 ? 1_555 76.4  ? 
79  O6 ? A DG  3  ? A DG  3  ? 1_555 K ? D K . ? A K 15 ? 1_555 O6 ? B DG  11 ? B DG  11 ? 1_555 70.4  ? 
80  O6 ? A DG  10 ? A DG  10 ? 1_555 K ? D K . ? A K 15 ? 1_555 O6 ? B DG  11 ? B DG  11 ? 1_555 72.1  ? 
81  O6 ? A DG  11 ? A DG  11 ? 1_555 K ? D K . ? A K 15 ? 1_555 O6 ? B DG  11 ? B DG  11 ? 1_555 155.6 ? 
82  O6 ? B DG  2  ? B DG  2  ? 1_555 K ? D K . ? A K 15 ? 1_555 O6 ? B DG  11 ? B DG  11 ? 1_555 110.7 ? 
83  O6 ? B DG  3  ? B DG  3  ? 1_555 K ? D K . ? A K 15 ? 1_555 O6 ? B DG  11 ? B DG  11 ? 1_555 132.6 ? 
84  O6 ? B DG  10 ? B DG  10 ? 1_555 K ? D K . ? A K 15 ? 1_555 O6 ? B DG  11 ? B DG  11 ? 1_555 91.0  ? 
85  O6 ? A DG  3  ? A DG  3  ? 1_555 K ? E K . ? A K 16 ? 1_555 O6 ? A DG  4  ? A DG  4  ? 1_555 69.8  ? 
86  O6 ? A DG  3  ? A DG  3  ? 1_555 K ? E K . ? A K 16 ? 1_555 O6 ? A DG  9  ? A DG  9  ? 1_555 167.0 ? 
87  O6 ? A DG  4  ? A DG  4  ? 1_555 K ? E K . ? A K 16 ? 1_555 O6 ? A DG  9  ? A DG  9  ? 1_555 122.3 ? 
88  O6 ? A DG  3  ? A DG  3  ? 1_555 K ? E K . ? A K 16 ? 1_555 O6 ? A DG  10 ? A DG  10 ? 1_555 101.8 ? 
89  O6 ? A DG  4  ? A DG  4  ? 1_555 K ? E K . ? A K 16 ? 1_555 O6 ? A DG  10 ? A DG  10 ? 1_555 171.0 ? 
90  O6 ? A DG  9  ? A DG  9  ? 1_555 K ? E K . ? A K 16 ? 1_555 O6 ? A DG  10 ? A DG  10 ? 1_555 66.4  ? 
91  O6 ? A DG  3  ? A DG  3  ? 1_555 K ? E K . ? A K 16 ? 1_555 O6 ? B DG  1  ? B DG  1  ? 1_555 104.4 ? 
92  O6 ? A DG  4  ? A DG  4  ? 1_555 K ? E K . ? A K 16 ? 1_555 O6 ? B DG  1  ? B DG  1  ? 1_555 75.0  ? 
93  O6 ? A DG  9  ? A DG  9  ? 1_555 K ? E K . ? A K 16 ? 1_555 O6 ? B DG  1  ? B DG  1  ? 1_555 76.3  ? 
94  O6 ? A DG  10 ? A DG  10 ? 1_555 K ? E K . ? A K 16 ? 1_555 O6 ? B DG  1  ? B DG  1  ? 1_555 111.1 ? 
95  O6 ? A DG  3  ? A DG  3  ? 1_555 K ? E K . ? A K 16 ? 1_555 O6 ? B DG  2  ? B DG  2  ? 1_555 68.4  ? 
96  O6 ? A DG  4  ? A DG  4  ? 1_555 K ? E K . ? A K 16 ? 1_555 O6 ? B DG  2  ? B DG  2  ? 1_555 112.6 ? 
97  O6 ? A DG  9  ? A DG  9  ? 1_555 K ? E K . ? A K 16 ? 1_555 O6 ? B DG  2  ? B DG  2  ? 1_555 100.6 ? 
98  O6 ? A DG  10 ? A DG  10 ? 1_555 K ? E K . ? A K 16 ? 1_555 O6 ? B DG  2  ? B DG  2  ? 1_555 65.5  ? 
99  O6 ? B DG  1  ? B DG  1  ? 1_555 K ? E K . ? A K 16 ? 1_555 O6 ? B DG  2  ? B DG  2  ? 1_555 67.6  ? 
100 O6 ? A DG  3  ? A DG  3  ? 1_555 K ? E K . ? A K 16 ? 1_555 O6 ? B DG  11 ? B DG  11 ? 1_555 65.3  ? 
101 O6 ? A DG  4  ? A DG  4  ? 1_555 K ? E K . ? A K 16 ? 1_555 O6 ? B DG  11 ? B DG  11 ? 1_555 106.6 ? 
102 O6 ? A DG  9  ? A DG  9  ? 1_555 K ? E K . ? A K 16 ? 1_555 O6 ? B DG  11 ? B DG  11 ? 1_555 111.8 ? 
103 O6 ? A DG  10 ? A DG  10 ? 1_555 K ? E K . ? A K 16 ? 1_555 O6 ? B DG  11 ? B DG  11 ? 1_555 66.0  ? 
104 O6 ? B DG  1  ? B DG  1  ? 1_555 K ? E K . ? A K 16 ? 1_555 O6 ? B DG  11 ? B DG  11 ? 1_555 167.3 ? 
105 O6 ? B DG  2  ? B DG  2  ? 1_555 K ? E K . ? A K 16 ? 1_555 O6 ? B DG  11 ? B DG  11 ? 1_555 100.8 ? 
106 O6 ? A DG  3  ? A DG  3  ? 1_555 K ? E K . ? A K 16 ? 1_555 O6 ? B DG  12 ? B DG  12 ? 1_555 113.6 ? 
107 O6 ? A DG  4  ? A DG  4  ? 1_555 K ? E K . ? A K 16 ? 1_555 O6 ? B DG  12 ? B DG  12 ? 1_555 78.6  ? 
108 O6 ? A DG  9  ? A DG  9  ? 1_555 K ? E K . ? A K 16 ? 1_555 O6 ? B DG  12 ? B DG  12 ? 1_555 75.6  ? 
109 O6 ? A DG  10 ? A DG  10 ? 1_555 K ? E K . ? A K 16 ? 1_555 O6 ? B DG  12 ? B DG  12 ? 1_555 102.7 ? 
110 O6 ? B DG  1  ? B DG  1  ? 1_555 K ? E K . ? A K 16 ? 1_555 O6 ? B DG  12 ? B DG  12 ? 1_555 121.7 ? 
111 O6 ? B DG  2  ? B DG  2  ? 1_555 K ? E K . ? A K 16 ? 1_555 O6 ? B DG  12 ? B DG  12 ? 1_555 167.8 ? 
112 O6 ? B DG  11 ? B DG  11 ? 1_555 K ? E K . ? A K 16 ? 1_555 O6 ? B DG  12 ? B DG  12 ? 1_555 70.6  ? 
# 
loop_
_pdbx_audit_revision_history.ordinal 
_pdbx_audit_revision_history.data_content_type 
_pdbx_audit_revision_history.major_revision 
_pdbx_audit_revision_history.minor_revision 
_pdbx_audit_revision_history.revision_date 
1 'Structure model' 1 0 2010-08-25 
2 'Structure model' 1 1 2011-07-13 
3 'Structure model' 1 2 2011-11-16 
4 'Structure model' 1 3 2023-09-06 
# 
_pdbx_audit_revision_details.ordinal             1 
_pdbx_audit_revision_details.revision_ordinal    1 
_pdbx_audit_revision_details.data_content_type   'Structure model' 
_pdbx_audit_revision_details.provider            repository 
_pdbx_audit_revision_details.type                'Initial release' 
_pdbx_audit_revision_details.description         ? 
_pdbx_audit_revision_details.details             ? 
# 
loop_
_pdbx_audit_revision_group.ordinal 
_pdbx_audit_revision_group.revision_ordinal 
_pdbx_audit_revision_group.data_content_type 
_pdbx_audit_revision_group.group 
1 2 'Structure model' 'Version format compliance' 
2 3 'Structure model' 'Atomic model'              
3 4 'Structure model' 'Data collection'           
4 4 'Structure model' 'Database references'       
5 4 'Structure model' 'Derived calculations'      
6 4 'Structure model' 'Refinement description'    
# 
loop_
_pdbx_audit_revision_category.ordinal 
_pdbx_audit_revision_category.revision_ordinal 
_pdbx_audit_revision_category.data_content_type 
_pdbx_audit_revision_category.category 
1 4 'Structure model' chem_comp_atom                
2 4 'Structure model' chem_comp_bond                
3 4 'Structure model' database_2                    
4 4 'Structure model' pdbx_initial_refinement_model 
5 4 'Structure model' pdbx_struct_conn_angle        
6 4 'Structure model' struct_conn                   
7 4 'Structure model' struct_site                   
# 
loop_
_pdbx_audit_revision_item.ordinal 
_pdbx_audit_revision_item.revision_ordinal 
_pdbx_audit_revision_item.data_content_type 
_pdbx_audit_revision_item.item 
1  4 'Structure model' '_database_2.pdbx_DOI'                        
2  4 'Structure model' '_database_2.pdbx_database_accession'         
3  4 'Structure model' '_pdbx_struct_conn_angle.ptnr1_auth_asym_id'  
4  4 'Structure model' '_pdbx_struct_conn_angle.ptnr1_auth_comp_id'  
5  4 'Structure model' '_pdbx_struct_conn_angle.ptnr1_auth_seq_id'   
6  4 'Structure model' '_pdbx_struct_conn_angle.ptnr1_label_asym_id' 
7  4 'Structure model' '_pdbx_struct_conn_angle.ptnr1_label_atom_id' 
8  4 'Structure model' '_pdbx_struct_conn_angle.ptnr1_label_comp_id' 
9  4 'Structure model' '_pdbx_struct_conn_angle.ptnr1_label_seq_id'  
10 4 'Structure model' '_pdbx_struct_conn_angle.ptnr2_auth_asym_id'  
11 4 'Structure model' '_pdbx_struct_conn_angle.ptnr2_auth_seq_id'   
12 4 'Structure model' '_pdbx_struct_conn_angle.ptnr2_label_asym_id' 
13 4 'Structure model' '_pdbx_struct_conn_angle.ptnr3_auth_asym_id'  
14 4 'Structure model' '_pdbx_struct_conn_angle.ptnr3_auth_comp_id'  
15 4 'Structure model' '_pdbx_struct_conn_angle.ptnr3_auth_seq_id'   
16 4 'Structure model' '_pdbx_struct_conn_angle.ptnr3_label_asym_id' 
17 4 'Structure model' '_pdbx_struct_conn_angle.ptnr3_label_atom_id' 
18 4 'Structure model' '_pdbx_struct_conn_angle.ptnr3_label_comp_id' 
19 4 'Structure model' '_pdbx_struct_conn_angle.ptnr3_label_seq_id'  
20 4 'Structure model' '_pdbx_struct_conn_angle.value'               
21 4 'Structure model' '_struct_conn.pdbx_dist_value'                
22 4 'Structure model' '_struct_conn.ptnr1_auth_asym_id'             
23 4 'Structure model' '_struct_conn.ptnr1_auth_comp_id'             
24 4 'Structure model' '_struct_conn.ptnr1_auth_seq_id'              
25 4 'Structure model' '_struct_conn.ptnr1_label_asym_id'            
26 4 'Structure model' '_struct_conn.ptnr1_label_atom_id'            
27 4 'Structure model' '_struct_conn.ptnr1_label_comp_id'            
28 4 'Structure model' '_struct_conn.ptnr1_label_seq_id'             
29 4 'Structure model' '_struct_conn.ptnr2_auth_asym_id'             
30 4 'Structure model' '_struct_conn.ptnr2_auth_comp_id'             
31 4 'Structure model' '_struct_conn.ptnr2_auth_seq_id'              
32 4 'Structure model' '_struct_conn.ptnr2_label_asym_id'            
33 4 'Structure model' '_struct_conn.ptnr2_label_atom_id'            
34 4 'Structure model' '_struct_conn.ptnr2_label_comp_id'            
35 4 'Structure model' '_struct_conn.ptnr2_label_seq_id'             
36 4 'Structure model' '_struct_site.pdbx_auth_asym_id'              
37 4 'Structure model' '_struct_site.pdbx_auth_comp_id'              
38 4 'Structure model' '_struct_site.pdbx_auth_seq_id'               
# 
loop_
_software.pdbx_ordinal 
_software.name 
_software.version 
_software.date 
_software.type 
_software.contact_author 
_software.contact_author_email 
_software.classification 
_software.location 
_software.language 
_software.citation_id 
1 MOSFLM      .         ?               package 'Andrew G.W. Leslie' andrew@mrc-lmb.cam.ac.uk 'data reduction'  
http://www.mrc-lmb.cam.ac.uk/harry/mosflm/ ?          ? 
2 SCALA       3.3.16    2010/01/06      other   'Phil R. Evans'      pre@mrc-lmb.cam.ac.uk    'data scaling'    
http://www.ccp4.ac.uk/dist/html/scala.html Fortran_77 ? 
3 PHENIX      1.6.1_357 ?               package 'Paul D. Adams'      PDAdams@lbl.gov          refinement        
http://www.phenix-online.org/              C++        ? 
4 PDB_EXTRACT 3.10      'June 10, 2010' package PDB                  deposit@deposit.rcsb.org 'data extraction' 
http://sw-tools.pdb.org/apps/PDB_EXTRACT/  C++        ? 
5 PHASER      .         ?               ?       ?                    ?                        phasing           ? ?          ? 
# 
loop_
_pdbx_validate_close_contact.id 
_pdbx_validate_close_contact.PDB_model_num 
_pdbx_validate_close_contact.auth_atom_id_1 
_pdbx_validate_close_contact.auth_asym_id_1 
_pdbx_validate_close_contact.auth_comp_id_1 
_pdbx_validate_close_contact.auth_seq_id_1 
_pdbx_validate_close_contact.PDB_ins_code_1 
_pdbx_validate_close_contact.label_alt_id_1 
_pdbx_validate_close_contact.auth_atom_id_2 
_pdbx_validate_close_contact.auth_asym_id_2 
_pdbx_validate_close_contact.auth_comp_id_2 
_pdbx_validate_close_contact.auth_seq_id_2 
_pdbx_validate_close_contact.PDB_ins_code_2 
_pdbx_validate_close_contact.label_alt_id_2 
_pdbx_validate_close_contact.dist 
1 1 O B HOH 152 ? ? O B HOH 174 ? ? 2.13 
2 1 O A HOH 62  ? ? O A HOH 100 ? ? 2.17 
# 
loop_
_pdbx_validate_symm_contact.id 
_pdbx_validate_symm_contact.PDB_model_num 
_pdbx_validate_symm_contact.auth_atom_id_1 
_pdbx_validate_symm_contact.auth_asym_id_1 
_pdbx_validate_symm_contact.auth_comp_id_1 
_pdbx_validate_symm_contact.auth_seq_id_1 
_pdbx_validate_symm_contact.PDB_ins_code_1 
_pdbx_validate_symm_contact.label_alt_id_1 
_pdbx_validate_symm_contact.site_symmetry_1 
_pdbx_validate_symm_contact.auth_atom_id_2 
_pdbx_validate_symm_contact.auth_asym_id_2 
_pdbx_validate_symm_contact.auth_comp_id_2 
_pdbx_validate_symm_contact.auth_seq_id_2 
_pdbx_validate_symm_contact.PDB_ins_code_2 
_pdbx_validate_symm_contact.label_alt_id_2 
_pdbx_validate_symm_contact.site_symmetry_2 
_pdbx_validate_symm_contact.dist 
1 1 O B HOH 164 ? ? 1_555 O B HOH 164 ? ? 2_655 1.99 
2 1 O B HOH 154 ? ? 1_555 O B HOH 161 ? ? 4_456 2.05 
3 1 O B HOH 163 ? ? 1_555 O B HOH 164 ? ? 2_655 2.18 
4 1 O B HOH 35  ? ? 1_555 O B HOH 35  ? ? 2_655 2.18 
# 
loop_
_pdbx_validate_rmsd_angle.id 
_pdbx_validate_rmsd_angle.PDB_model_num 
_pdbx_validate_rmsd_angle.auth_atom_id_1 
_pdbx_validate_rmsd_angle.auth_asym_id_1 
_pdbx_validate_rmsd_angle.auth_comp_id_1 
_pdbx_validate_rmsd_angle.auth_seq_id_1 
_pdbx_validate_rmsd_angle.PDB_ins_code_1 
_pdbx_validate_rmsd_angle.label_alt_id_1 
_pdbx_validate_rmsd_angle.auth_atom_id_2 
_pdbx_validate_rmsd_angle.auth_asym_id_2 
_pdbx_validate_rmsd_angle.auth_comp_id_2 
_pdbx_validate_rmsd_angle.auth_seq_id_2 
_pdbx_validate_rmsd_angle.PDB_ins_code_2 
_pdbx_validate_rmsd_angle.label_alt_id_2 
_pdbx_validate_rmsd_angle.auth_atom_id_3 
_pdbx_validate_rmsd_angle.auth_asym_id_3 
_pdbx_validate_rmsd_angle.auth_comp_id_3 
_pdbx_validate_rmsd_angle.auth_seq_id_3 
_pdbx_validate_rmsd_angle.PDB_ins_code_3 
_pdbx_validate_rmsd_angle.label_alt_id_3 
_pdbx_validate_rmsd_angle.angle_value 
_pdbx_validate_rmsd_angle.angle_target_value 
_pdbx_validate_rmsd_angle.angle_deviation 
_pdbx_validate_rmsd_angle.angle_standard_deviation 
_pdbx_validate_rmsd_angle.linker_flag 
1  1 "O4'" A DG 1  ? ? "C1'" A DG 1  ? ? N9    A DG 1  ? ? 111.33 108.30 3.03  0.30 N 
2  1 "O4'" A DG 2  ? ? "C1'" A DG 2  ? ? N9    A DG 2  ? ? 112.26 108.30 3.96  0.30 N 
3  1 C2    A DG 2  ? ? N3    A DG 2  ? ? C4    A DG 2  ? ? 115.78 111.90 3.88  0.50 N 
4  1 C5    A DG 2  ? ? C6    A DG 2  ? ? N1    A DG 2  ? ? 115.28 111.50 3.78  0.50 N 
5  1 "O4'" A DG 3  ? ? "C1'" A DG 3  ? ? N9    A DG 3  ? ? 110.51 108.30 2.21  0.30 N 
6  1 C2    A DG 3  ? ? N3    A DG 3  ? ? C4    A DG 3  ? ? 115.30 111.90 3.40  0.50 N 
7  1 C5    A DG 3  ? ? C6    A DG 3  ? ? N1    A DG 3  ? ? 115.34 111.50 3.84  0.50 N 
8  1 C2    A DG 4  ? ? N3    A DG 4  ? ? C4    A DG 4  ? ? 115.31 111.90 3.41  0.50 N 
9  1 C5    A DG 4  ? ? C6    A DG 4  ? ? N1    A DG 4  ? ? 114.64 111.50 3.14  0.50 N 
10 1 "O4'" A DT 7  ? ? "C1'" A DT 7  ? ? N1    A DT 7  ? ? 112.94 108.30 4.64  0.30 N 
11 1 "O4'" A DG 9  ? ? "C1'" A DG 9  ? ? N9    A DG 9  ? ? 111.83 108.30 3.53  0.30 N 
12 1 "C5'" A DG 10 ? ? "C4'" A DG 10 ? ? "C3'" A DG 10 ? ? 124.61 115.70 8.91  1.20 N 
13 1 "O4'" A DG 10 ? ? "C1'" A DG 10 ? ? N9    A DG 10 ? ? 112.58 108.30 4.28  0.30 N 
14 1 C5    A DG 11 ? ? C6    A DG 11 ? ? N1    A DG 11 ? ? 115.30 111.50 3.80  0.50 N 
15 1 "O4'" B DG 1  ? ? "C1'" B DG 1  ? ? N9    B DG 1  ? ? 115.32 108.30 7.02  0.30 N 
16 1 "O4'" B DG 2  ? ? "C1'" B DG 2  ? ? N9    B DG 2  ? ? 111.72 108.30 3.42  0.30 N 
17 1 C8    B DG 3  ? ? N9    B DG 3  ? ? C4    B DG 3  ? ? 103.47 106.40 -2.93 0.40 N 
18 1 "O4'" B DG 4  ? ? "C1'" B DG 4  ? ? N9    B DG 4  ? ? 113.47 108.30 5.17  0.30 N 
19 1 C5    B DG 4  ? ? C6    B DG 4  ? ? N1    B DG 4  ? ? 114.63 111.50 3.13  0.50 N 
20 1 "O4'" B DT 5  ? ? "C1'" B DT 5  ? ? N1    B DT 5  ? ? 113.28 108.30 4.98  0.30 N 
21 1 "O4'" B DG 9  ? ? "C1'" B DG 9  ? ? N9    B DG 9  ? ? 114.47 108.30 6.17  0.30 N 
22 1 C5    B DG 9  ? ? C6    B DG 9  ? ? N1    B DG 9  ? ? 114.99 111.50 3.49  0.50 N 
23 1 "O4'" B DG 10 ? ? "C1'" B DG 10 ? ? N9    B DG 10 ? ? 112.13 108.30 3.83  0.30 N 
24 1 "O4'" B DG 11 ? ? "C1'" B DG 11 ? ? N9    B DG 11 ? ? 113.89 108.30 5.59  0.30 N 
25 1 "O4'" B DG 12 ? ? "C1'" B DG 12 ? ? N9    B DG 12 ? ? 111.03 108.30 2.73  0.30 N 
# 
loop_
_chem_comp_atom.comp_id 
_chem_comp_atom.atom_id 
_chem_comp_atom.type_symbol 
_chem_comp_atom.pdbx_aromatic_flag 
_chem_comp_atom.pdbx_stereo_config 
_chem_comp_atom.pdbx_ordinal 
DG  OP3    O N N 1   
DG  P      P N N 2   
DG  OP1    O N N 3   
DG  OP2    O N N 4   
DG  "O5'"  O N N 5   
DG  "C5'"  C N N 6   
DG  "C4'"  C N R 7   
DG  "O4'"  O N N 8   
DG  "C3'"  C N S 9   
DG  "O3'"  O N N 10  
DG  "C2'"  C N N 11  
DG  "C1'"  C N R 12  
DG  N9     N Y N 13  
DG  C8     C Y N 14  
DG  N7     N Y N 15  
DG  C5     C Y N 16  
DG  C6     C N N 17  
DG  O6     O N N 18  
DG  N1     N N N 19  
DG  C2     C N N 20  
DG  N2     N N N 21  
DG  N3     N N N 22  
DG  C4     C Y N 23  
DG  HOP3   H N N 24  
DG  HOP2   H N N 25  
DG  "H5'"  H N N 26  
DG  "H5''" H N N 27  
DG  "H4'"  H N N 28  
DG  "H3'"  H N N 29  
DG  "HO3'" H N N 30  
DG  "H2'"  H N N 31  
DG  "H2''" H N N 32  
DG  "H1'"  H N N 33  
DG  H8     H N N 34  
DG  H1     H N N 35  
DG  H21    H N N 36  
DG  H22    H N N 37  
DT  OP3    O N N 38  
DT  P      P N N 39  
DT  OP1    O N N 40  
DT  OP2    O N N 41  
DT  "O5'"  O N N 42  
DT  "C5'"  C N N 43  
DT  "C4'"  C N R 44  
DT  "O4'"  O N N 45  
DT  "C3'"  C N S 46  
DT  "O3'"  O N N 47  
DT  "C2'"  C N N 48  
DT  "C1'"  C N R 49  
DT  N1     N N N 50  
DT  C2     C N N 51  
DT  O2     O N N 52  
DT  N3     N N N 53  
DT  C4     C N N 54  
DT  O4     O N N 55  
DT  C5     C N N 56  
DT  C7     C N N 57  
DT  C6     C N N 58  
DT  HOP3   H N N 59  
DT  HOP2   H N N 60  
DT  "H5'"  H N N 61  
DT  "H5''" H N N 62  
DT  "H4'"  H N N 63  
DT  "H3'"  H N N 64  
DT  "HO3'" H N N 65  
DT  "H2'"  H N N 66  
DT  "H2''" H N N 67  
DT  "H1'"  H N N 68  
DT  H3     H N N 69  
DT  H71    H N N 70  
DT  H72    H N N 71  
DT  H73    H N N 72  
DT  H6     H N N 73  
HOH O      O N N 74  
HOH H1     H N N 75  
HOH H2     H N N 76  
K   K      K N N 77  
RNR N1     N Y N 78  
RNR C2     C Y N 79  
RNR C3     C Y N 80  
RNR C4     C Y N 81  
RNR C5     C Y N 82  
RNR C6     C Y N 83  
RNR C7     C Y N 84  
RNR C8     C Y N 85  
RNR C9     C Y N 86  
RNR C10    C Y N 87  
RNR C11    C Y N 88  
RNR C12    C Y N 89  
RNR C13    C Y N 90  
RNR C14    C Y N 91  
RNR N15    N N N 92  
RNR C16    C N N 93  
RNR O17    O N N 94  
RNR C18    C N N 95  
RNR C19    C N N 96  
RNR N20    N N N 97  
RNR C21    C N N 98  
RNR C22    C N R 99  
RNR F23    F N N 100 
RNR C24    C N N 101 
RNR C25    C N N 102 
RNR N26    N N N 103 
RNR C27    C N N 104 
RNR O28    O N N 105 
RNR C29    C N N 106 
RNR C30    C N N 107 
RNR N31    N N N 108 
RNR C32    C N N 109 
RNR C33    C N R 110 
RNR F34    F N N 111 
RNR C35    C N N 112 
RNR C36    C N N 113 
RNR H3     H N N 114 
RNR H5     H N N 115 
RNR H6     H N N 116 
RNR H8     H N N 117 
RNR H10    H N N 118 
RNR H11    H N N 119 
RNR H13    H N N 120 
RNR HN15   H N N 121 
RNR H18    H N N 122 
RNR H18A   H N N 123 
RNR H19    H N N 124 
RNR H19A   H N N 125 
RNR H21    H N N 126 
RNR H21A   H N N 127 
RNR H22    H N N 128 
RNR H24    H N N 129 
RNR H24A   H N N 130 
RNR H25    H N N 131 
RNR H25A   H N N 132 
RNR HN26   H N N 133 
RNR H29    H N N 134 
RNR H29A   H N N 135 
RNR H30    H N N 136 
RNR H30A   H N N 137 
RNR H32    H N N 138 
RNR H32A   H N N 139 
RNR H33    H N N 140 
RNR H35    H N N 141 
RNR H35A   H N N 142 
RNR H36    H N N 143 
RNR H36A   H N N 144 
# 
loop_
_chem_comp_bond.comp_id 
_chem_comp_bond.atom_id_1 
_chem_comp_bond.atom_id_2 
_chem_comp_bond.value_order 
_chem_comp_bond.pdbx_aromatic_flag 
_chem_comp_bond.pdbx_stereo_config 
_chem_comp_bond.pdbx_ordinal 
DG  OP3   P      sing N N 1   
DG  OP3   HOP3   sing N N 2   
DG  P     OP1    doub N N 3   
DG  P     OP2    sing N N 4   
DG  P     "O5'"  sing N N 5   
DG  OP2   HOP2   sing N N 6   
DG  "O5'" "C5'"  sing N N 7   
DG  "C5'" "C4'"  sing N N 8   
DG  "C5'" "H5'"  sing N N 9   
DG  "C5'" "H5''" sing N N 10  
DG  "C4'" "O4'"  sing N N 11  
DG  "C4'" "C3'"  sing N N 12  
DG  "C4'" "H4'"  sing N N 13  
DG  "O4'" "C1'"  sing N N 14  
DG  "C3'" "O3'"  sing N N 15  
DG  "C3'" "C2'"  sing N N 16  
DG  "C3'" "H3'"  sing N N 17  
DG  "O3'" "HO3'" sing N N 18  
DG  "C2'" "C1'"  sing N N 19  
DG  "C2'" "H2'"  sing N N 20  
DG  "C2'" "H2''" sing N N 21  
DG  "C1'" N9     sing N N 22  
DG  "C1'" "H1'"  sing N N 23  
DG  N9    C8     sing Y N 24  
DG  N9    C4     sing Y N 25  
DG  C8    N7     doub Y N 26  
DG  C8    H8     sing N N 27  
DG  N7    C5     sing Y N 28  
DG  C5    C6     sing N N 29  
DG  C5    C4     doub Y N 30  
DG  C6    O6     doub N N 31  
DG  C6    N1     sing N N 32  
DG  N1    C2     sing N N 33  
DG  N1    H1     sing N N 34  
DG  C2    N2     sing N N 35  
DG  C2    N3     doub N N 36  
DG  N2    H21    sing N N 37  
DG  N2    H22    sing N N 38  
DG  N3    C4     sing N N 39  
DT  OP3   P      sing N N 40  
DT  OP3   HOP3   sing N N 41  
DT  P     OP1    doub N N 42  
DT  P     OP2    sing N N 43  
DT  P     "O5'"  sing N N 44  
DT  OP2   HOP2   sing N N 45  
DT  "O5'" "C5'"  sing N N 46  
DT  "C5'" "C4'"  sing N N 47  
DT  "C5'" "H5'"  sing N N 48  
DT  "C5'" "H5''" sing N N 49  
DT  "C4'" "O4'"  sing N N 50  
DT  "C4'" "C3'"  sing N N 51  
DT  "C4'" "H4'"  sing N N 52  
DT  "O4'" "C1'"  sing N N 53  
DT  "C3'" "O3'"  sing N N 54  
DT  "C3'" "C2'"  sing N N 55  
DT  "C3'" "H3'"  sing N N 56  
DT  "O3'" "HO3'" sing N N 57  
DT  "C2'" "C1'"  sing N N 58  
DT  "C2'" "H2'"  sing N N 59  
DT  "C2'" "H2''" sing N N 60  
DT  "C1'" N1     sing N N 61  
DT  "C1'" "H1'"  sing N N 62  
DT  N1    C2     sing N N 63  
DT  N1    C6     sing N N 64  
DT  C2    O2     doub N N 65  
DT  C2    N3     sing N N 66  
DT  N3    C4     sing N N 67  
DT  N3    H3     sing N N 68  
DT  C4    O4     doub N N 69  
DT  C4    C5     sing N N 70  
DT  C5    C7     sing N N 71  
DT  C5    C6     doub N N 72  
DT  C7    H71    sing N N 73  
DT  C7    H72    sing N N 74  
DT  C7    H73    sing N N 75  
DT  C6    H6     sing N N 76  
HOH O     H1     sing N N 77  
HOH O     H2     sing N N 78  
RNR N1    C2     doub Y N 79  
RNR N1    C14    sing Y N 80  
RNR C2    C3     sing Y N 81  
RNR C2    C7     sing Y N 82  
RNR C3    C4     doub Y N 83  
RNR C4    C5     sing Y N 84  
RNR C4    N26    sing N N 85  
RNR C5    C6     doub Y N 86  
RNR C6    C7     sing Y N 87  
RNR C7    C8     doub Y N 88  
RNR C8    C9     sing Y N 89  
RNR C9    C10    sing Y N 90  
RNR C9    C14    doub Y N 91  
RNR C10   C11    doub Y N 92  
RNR C11   C12    sing Y N 93  
RNR C12   C13    doub Y N 94  
RNR C12   N15    sing N N 95  
RNR C13   C14    sing Y N 96  
RNR N15   C16    sing N N 97  
RNR C16   O17    doub N N 98  
RNR C16   C18    sing N N 99  
RNR C18   C19    sing N N 100 
RNR C19   N20    sing N N 101 
RNR N20   C21    sing N N 102 
RNR N20   C25    sing N N 103 
RNR C21   C22    sing N N 104 
RNR C22   F23    sing N N 105 
RNR C22   C24    sing N N 106 
RNR C24   C25    sing N N 107 
RNR N26   C27    sing N N 108 
RNR C27   O28    doub N N 109 
RNR C27   C29    sing N N 110 
RNR C29   C30    sing N N 111 
RNR C30   N31    sing N N 112 
RNR N31   C32    sing N N 113 
RNR N31   C36    sing N N 114 
RNR C32   C33    sing N N 115 
RNR C33   F34    sing N N 116 
RNR C33   C35    sing N N 117 
RNR C35   C36    sing N N 118 
RNR C3    H3     sing N N 119 
RNR C5    H5     sing N N 120 
RNR C6    H6     sing N N 121 
RNR C8    H8     sing N N 122 
RNR C10   H10    sing N N 123 
RNR C11   H11    sing N N 124 
RNR C13   H13    sing N N 125 
RNR N15   HN15   sing N N 126 
RNR C18   H18    sing N N 127 
RNR C18   H18A   sing N N 128 
RNR C19   H19    sing N N 129 
RNR C19   H19A   sing N N 130 
RNR C21   H21    sing N N 131 
RNR C21   H21A   sing N N 132 
RNR C22   H22    sing N N 133 
RNR C24   H24    sing N N 134 
RNR C24   H24A   sing N N 135 
RNR C25   H25    sing N N 136 
RNR C25   H25A   sing N N 137 
RNR N26   HN26   sing N N 138 
RNR C29   H29    sing N N 139 
RNR C29   H29A   sing N N 140 
RNR C30   H30    sing N N 141 
RNR C30   H30A   sing N N 142 
RNR C32   H32    sing N N 143 
RNR C32   H32A   sing N N 144 
RNR C33   H33    sing N N 145 
RNR C35   H35    sing N N 146 
RNR C35   H35A   sing N N 147 
RNR C36   H36    sing N N 148 
RNR C36   H36A   sing N N 149 
# 
_ndb_struct_conf_na.entry_id   3NYP 
_ndb_struct_conf_na.feature    'quadruple helix' 
# 
loop_
_pdbx_entity_nonpoly.entity_id 
_pdbx_entity_nonpoly.name 
_pdbx_entity_nonpoly.comp_id 
2 'POTASSIUM ION'                                              K   
3 "3,6-bis(3-(3'-(R)-fluoropyrrolindino)propionamido)acridine" RNR 
4 water                                                        HOH 
# 
_pdbx_initial_refinement_model.id               1 
_pdbx_initial_refinement_model.entity_id_list   ? 
_pdbx_initial_refinement_model.type             'experimental model' 
_pdbx_initial_refinement_model.source_name      PDB 
_pdbx_initial_refinement_model.accession_code   1L1H 
_pdbx_initial_refinement_model.details          'PDB entry 1L1H' 
# 
